data_7SMT
#
_entry.id   7SMT
#
_cell.length_a   1.00
_cell.length_b   1.00
_cell.length_c   1.00
_cell.angle_alpha   90.00
_cell.angle_beta   90.00
_cell.angle_gamma   90.00
#
_symmetry.space_group_name_H-M   'P 1'
#
loop_
_entity.id
_entity.type
_entity.pdbx_description
1 polymer 'Acetylcholine receptor subunit alpha'
2 polymer 'Acetylcholine receptor subunit delta'
3 polymer 'Acetylcholine receptor subunit beta'
4 polymer 'Acetylcholine receptor subunit gamma'
5 branched alpha-D-mannopyranose-(1-6)-alpha-D-mannopyranose-(1-6)-beta-D-mannopyranose-(1-4)-2-acetamido-2-deoxy-beta-D-glucopyranose-(1-4)-2-acetamido-2-deoxy-beta-D-glucopyranose
6 branched 2-acetamido-2-deoxy-beta-D-glucopyranose-(1-4)-2-acetamido-2-deoxy-beta-D-glucopyranose
7 branched beta-D-mannopyranose-(1-4)-2-acetamido-2-deoxy-beta-D-glucopyranose-(1-4)-2-acetamido-2-deoxy-beta-D-glucopyranose
8 non-polymer 2-[(AMINOCARBONYL)OXY]-N,N,N-TRIMETHYLETHANAMINIUM
9 non-polymer CHOLESTEROL
10 non-polymer '(2S)-3-(hexadecanoyloxy)-2-[(9Z)-octadec-9-enoyloxy]propyl 2-(trimethylammonio)ethyl phosphate'
11 non-polymer 2-acetamido-2-deoxy-beta-D-glucopyranose
12 non-polymer nonane
13 non-polymer D-TUBOCURARINE
#
loop_
_entity_poly.entity_id
_entity_poly.type
_entity_poly.pdbx_seq_one_letter_code
_entity_poly.pdbx_strand_id
1 'polypeptide(L)'
;SEHETRLVANLLENYNKVIRPVEHHTHFVDITVGLQLIQLISVDEVNQIVETNVRLRQQWIDVRLRWNPADYGGIKKIRL
PSDDVWLPDLVLYNNADGDFAIVHMTKLLLDYTGKIMWTPPAIFKSYCEIIVTHFPFDQQNCTMKLGIWTYDGTKVSISP
ESDRPDLSTFMESGEWVMKDYRGWKHWVYYTCCPDTPYLDITYHFIMQRIPLYFVVNVIIPCLLFSFLTGLVFYLPTDSG
EKMTLSISVLLSLTVFLLVIVELIPSTSSAVPLIGKYMLFTMIFVISSIIITVVVINTHHRSPSTHTMPQWVRKIFIDTI
PNVMFFSTMKRASKEKQENKIFADDIDISDISGKQVTGEVIFQTPLIKNPDVKSAIEGVKYIAEHMKSDEESSNAAEEWK
YVAMVIDHILLCVFMLICIIGTVSVFAGRLIELSQEG
;
A,D
2 'polypeptide(L)'
;VNEEERLINDLLIVNKYNKHVRPVKHNNEVVNIALSLTLSNLISLKETDETLTSNVWMDHAWYDHRLTWNASEYSDISIL
RLPPELVWIPDIVLQNNNDGQYHVAYFCNVLVRPNGYVTWLPPAIFRSSCPINVLYFPFDWQNCSLKFTALNYDANEITM
DLMTDTIDGKDYPIEWIIIDPEAFTENGEWEIIHKPAKKNIYPDKFPNGTNYQDVTFYLIIRRKPLFYVINFITPCVLIS
FLASLAFYLPAESGEKMSTAISVLLAQAVFLLLTSQRLPETALAVPLIGKYLMFIMSLVTGVIVNCGIVLNFHFRTPSTH
VLSTRVKQIFLEKLPRILHMSRADESEQPDWQNDLKLRRSSSVGYISKAQEYFNIKSRSELMFEKQSERHGLVPRVTPRI
GFGNNNENIAASDQLHDEIKSGIDSTNYIVKQIKEKNAYDEEVGNWNLVGQTIDRLSMFIITPVMVLGTIFIFVMGNFNH
PPAKPFEGDPFDYSSDHPRCA
;
B
3 'polypeptide(L)'
;SVMEDTLLSVLFETYNPKVRPAQTVGDKVTVRVGLTLTNLLILNEKIEEMTTNVFLNLAWTDYRLQWDPAAYEGIKDLRI
PSSDVWQPDIVLMNNNDGSFEITLHVNVLVQHTGAVSWQPSAIYRSSCTIKVMYFPFDWQNCTMVFKSYTYDTSEVTLQH
ALDAKGEREVKEIVINKDAFTENGQWSIEHKPSRKNWRSDDPSYEDVTFYLIIQRKPLFYIVYTIIPCILISILAILVFY
LPPDAGEKMSLSISALLAVTVFLLLLADKVPETSLSVPIIIRYLMFIMILVAFSVILSVVVLNLHHRSPNTHTMPNWIRQ
IFIETLPPFLWIQRPVTTPSPDSKPTIISRANDEYFIRKPAGDFVCPVDNARVAVQPERLFSEMKWHLNGLTQPVTLPQD
LKEAVEAIKYIAEQLESASEFDDLKKDWQYVAMVADRLFLYVFFVICSIGTFSIFLDASHNVPPDNPFA
;
C
4 'polypeptide(L)'
;ENEEGRLIEKLLGDYDKRIIPAKTLDHIIDVTLKLTLTNLISLNEKEEALTTNVWIEIQWNDYRLSWNTSEYEGIDLVRI
PSELLWLPDVVLENNVDGQFEVAYYANVLVYNDGSMYWLPPAIYRSTCPIAVTYFPFDWQNCSLVFRSQTYNAHEVNLQL
SAEEGEAVEWIHIDPEDFTENGEWTIRHRPAKKNYNWQLTKDDTDFQEIIFFLIIQRKPLFYIINIIAPCVLISSLVVLV
YFLPAQAGGQKCTLSISVLLAQTIFLFLIAQKVPETSLNVPLIGKYLIFVMFVSMLIVMNCVIVLNVSLRTPNTHSLSEK
IKHLFLGFLPKYLGMQLEPSEETPEKPQPRRRSSFGIMIKAEEYILKKPRSELMFEEQKDRHGLKRVNKMTSDIDIGTTV
DLYKDLANFAPEIKSCVEACNFIAKSTKEQNDSGSENENWVLIGKVIDKACFWIALLLFSIGTLAIFLTGHFNQVPEFPF
PGDPRKYVP
;
E
#
loop_
_chem_comp.id
_chem_comp.type
_chem_comp.name
_chem_comp.formula
BMA D-saccharide, beta linking beta-D-mannopyranose 'C6 H12 O6'
CCE non-polymer 2-[(AMINOCARBONYL)OXY]-N,N,N-TRIMETHYLETHANAMINIUM 'C6 H15 N2 O2 1'
CLR non-polymer CHOLESTEROL 'C27 H46 O'
DD9 non-polymer nonane 'C9 H20'
MAN D-saccharide, alpha linking alpha-D-mannopyranose 'C6 H12 O6'
NAG D-saccharide, beta linking 2-acetamido-2-deoxy-beta-D-glucopyranose 'C8 H15 N O6'
POV non-polymer '(2S)-3-(hexadecanoyloxy)-2-[(9Z)-octadec-9-enoyloxy]propyl 2-(trimethylammonio)ethyl phosphate' 'C42 H82 N O8 P'
TC9 non-polymer D-TUBOCURARINE 'C37 H42 N2 O6 2'
#
# COMPACT_ATOMS: atom_id res chain seq x y z
N SER A 1 -12.68 3.12 54.02
CA SER A 1 -13.52 2.68 55.13
C SER A 1 -12.79 1.61 55.94
N GLU A 2 -12.81 1.75 57.27
CA GLU A 2 -12.21 0.74 58.12
C GLU A 2 -12.97 -0.58 58.05
N HIS A 3 -14.30 -0.50 58.00
CA HIS A 3 -15.11 -1.71 57.93
C HIS A 3 -14.79 -2.49 56.66
N GLU A 4 -14.72 -1.80 55.52
CA GLU A 4 -14.43 -2.48 54.27
C GLU A 4 -13.00 -2.99 54.24
N THR A 5 -12.07 -2.26 54.83
CA THR A 5 -10.68 -2.73 54.90
C THR A 5 -10.60 -4.03 55.67
N ARG A 6 -11.23 -4.07 56.85
CA ARG A 6 -11.24 -5.30 57.64
C ARG A 6 -11.95 -6.43 56.92
N LEU A 7 -13.05 -6.12 56.23
CA LEU A 7 -13.79 -7.14 55.49
C LEU A 7 -12.93 -7.75 54.39
N VAL A 8 -12.23 -6.91 53.63
CA VAL A 8 -11.40 -7.41 52.55
C VAL A 8 -10.22 -8.20 53.10
N ALA A 9 -9.65 -7.75 54.22
CA ALA A 9 -8.58 -8.52 54.85
C ALA A 9 -9.08 -9.88 55.32
N ASN A 10 -10.31 -9.95 55.80
CA ASN A 10 -10.83 -11.21 56.32
C ASN A 10 -11.22 -12.16 55.20
N LEU A 11 -11.75 -11.63 54.10
CA LEU A 11 -12.23 -12.49 53.03
C LEU A 11 -11.08 -13.21 52.34
N LEU A 12 -10.00 -12.49 52.04
CA LEU A 12 -8.86 -13.05 51.33
C LEU A 12 -7.77 -13.55 52.26
N GLU A 13 -8.11 -13.87 53.51
CA GLU A 13 -7.09 -14.32 54.45
C GLU A 13 -6.64 -15.74 54.14
N ASN A 14 -7.57 -16.69 54.17
CA ASN A 14 -7.26 -18.09 53.86
C ASN A 14 -7.75 -18.49 52.48
N TYR A 15 -8.12 -17.52 51.65
CA TYR A 15 -8.66 -17.79 50.32
C TYR A 15 -7.56 -18.28 49.40
N ASN A 16 -7.84 -19.35 48.67
CA ASN A 16 -6.92 -19.91 47.67
C ASN A 16 -7.61 -19.81 46.32
N LYS A 17 -7.14 -18.88 45.48
CA LYS A 17 -7.78 -18.61 44.20
C LYS A 17 -7.44 -19.65 43.14
N VAL A 18 -6.73 -20.71 43.50
CA VAL A 18 -6.49 -21.81 42.58
C VAL A 18 -7.68 -22.78 42.57
N ILE A 19 -8.35 -22.92 43.70
CA ILE A 19 -9.43 -23.90 43.85
C ILE A 19 -10.70 -23.35 43.24
N ARG A 20 -11.53 -24.26 42.73
CA ARG A 20 -12.85 -23.89 42.25
C ARG A 20 -13.75 -23.48 43.40
N PRO A 21 -14.71 -22.59 43.16
CA PRO A 21 -15.66 -22.19 44.21
C PRO A 21 -16.82 -23.16 44.36
N VAL A 22 -16.51 -24.36 44.86
CA VAL A 22 -17.53 -25.38 45.12
C VAL A 22 -17.34 -25.88 46.54
N GLU A 23 -18.47 -26.16 47.21
CA GLU A 23 -18.39 -26.72 48.56
C GLU A 23 -17.87 -28.15 48.54
N HIS A 24 -18.26 -28.94 47.55
CA HIS A 24 -17.77 -30.29 47.37
C HIS A 24 -17.19 -30.41 45.98
N HIS A 25 -16.10 -31.16 45.85
CA HIS A 25 -15.39 -31.24 44.58
C HIS A 25 -16.23 -31.90 43.48
N THR A 26 -17.29 -32.62 43.83
CA THR A 26 -18.16 -33.23 42.83
C THR A 26 -19.18 -32.27 42.25
N HIS A 27 -19.41 -31.13 42.88
CA HIS A 27 -20.31 -30.13 42.34
C HIS A 27 -19.63 -29.36 41.21
N PHE A 28 -20.41 -28.55 40.50
CA PHE A 28 -19.88 -27.74 39.42
C PHE A 28 -20.26 -26.28 39.63
N VAL A 29 -19.41 -25.39 39.13
CA VAL A 29 -19.69 -23.96 39.18
C VAL A 29 -20.58 -23.61 38.00
N ASP A 30 -21.69 -22.93 38.26
CA ASP A 30 -22.58 -22.48 37.21
C ASP A 30 -22.30 -21.01 36.93
N ILE A 31 -21.90 -20.71 35.69
CA ILE A 31 -21.50 -19.37 35.30
C ILE A 31 -22.46 -18.87 34.23
N THR A 32 -23.12 -17.75 34.51
CA THR A 32 -23.99 -17.10 33.56
C THR A 32 -23.16 -16.17 32.69
N VAL A 33 -23.09 -16.47 31.40
CA VAL A 33 -22.23 -15.75 30.47
C VAL A 33 -23.11 -14.90 29.56
N GLY A 34 -22.81 -13.62 29.49
CA GLY A 34 -23.50 -12.73 28.56
C GLY A 34 -22.50 -11.92 27.78
N LEU A 35 -22.79 -11.75 26.50
CA LEU A 35 -21.96 -10.95 25.60
C LEU A 35 -22.67 -9.64 25.30
N GLN A 36 -21.89 -8.56 25.30
CA GLN A 36 -22.42 -7.23 25.01
C GLN A 36 -21.54 -6.60 23.94
N LEU A 37 -22.13 -6.33 22.78
CA LEU A 37 -21.39 -5.80 21.64
C LEU A 37 -21.39 -4.27 21.73
N ILE A 38 -20.20 -3.69 21.83
CA ILE A 38 -20.10 -2.24 21.95
C ILE A 38 -19.92 -1.60 20.59
N GLN A 39 -19.11 -2.20 19.73
CA GLN A 39 -18.83 -1.62 18.43
C GLN A 39 -18.25 -2.69 17.51
N LEU A 40 -18.69 -2.71 16.26
CA LEU A 40 -18.07 -3.52 15.23
C LEU A 40 -16.94 -2.71 14.63
N ILE A 41 -15.72 -2.95 15.09
CA ILE A 41 -14.59 -2.10 14.70
C ILE A 41 -14.32 -2.21 13.20
N SER A 42 -14.21 -3.43 12.70
CA SER A 42 -13.87 -3.61 11.29
C SER A 42 -14.24 -5.02 10.85
N VAL A 43 -14.39 -5.18 9.55
CA VAL A 43 -14.57 -6.50 8.94
C VAL A 43 -13.58 -6.61 7.79
N ASP A 44 -12.48 -7.35 8.00
CA ASP A 44 -11.44 -7.50 6.99
C ASP A 44 -11.84 -8.63 6.06
N GLU A 45 -12.31 -8.28 4.87
CA GLU A 45 -12.80 -9.29 3.94
C GLU A 45 -11.66 -10.07 3.31
N VAL A 46 -10.57 -9.39 2.96
CA VAL A 46 -9.45 -10.08 2.31
C VAL A 46 -8.81 -11.08 3.27
N ASN A 47 -8.61 -10.68 4.52
CA ASN A 47 -7.98 -11.54 5.50
C ASN A 47 -8.97 -12.37 6.29
N GLN A 48 -10.27 -12.11 6.15
CA GLN A 48 -11.33 -12.92 6.76
C GLN A 48 -11.29 -12.83 8.28
N ILE A 49 -11.12 -11.61 8.79
CA ILE A 49 -11.01 -11.35 10.22
C ILE A 49 -11.99 -10.25 10.60
N VAL A 50 -12.79 -10.49 11.63
CA VAL A 50 -13.74 -9.52 12.15
C VAL A 50 -13.25 -9.06 13.52
N GLU A 51 -13.08 -7.77 13.69
CA GLU A 51 -12.60 -7.18 14.93
C GLU A 51 -13.73 -6.42 15.60
N THR A 52 -14.07 -6.79 16.83
CA THR A 52 -15.16 -6.18 17.56
C THR A 52 -14.71 -5.75 18.94
N ASN A 53 -15.42 -4.76 19.47
CA ASN A 53 -15.24 -4.30 20.85
C ASN A 53 -16.42 -4.80 21.66
N VAL A 54 -16.15 -5.68 22.63
CA VAL A 54 -17.21 -6.35 23.37
C VAL A 54 -16.94 -6.21 24.86
N ARG A 55 -17.96 -6.54 25.65
CA ARG A 55 -17.83 -6.67 27.08
C ARG A 55 -18.43 -8.02 27.48
N LEU A 56 -17.64 -8.82 28.18
CA LEU A 56 -17.98 -10.23 28.45
C LEU A 56 -18.47 -10.34 29.90
N ARG A 57 -19.78 -10.31 30.07
CA ARG A 57 -20.37 -10.34 31.41
C ARG A 57 -20.44 -11.76 31.94
N GLN A 58 -19.91 -11.98 33.13
CA GLN A 58 -19.83 -13.30 33.75
C GLN A 58 -20.31 -13.23 35.18
N GLN A 59 -21.11 -14.21 35.59
CA GLN A 59 -21.70 -14.24 36.92
C GLN A 59 -21.59 -15.64 37.49
N TRP A 60 -21.22 -15.74 38.76
CA TRP A 60 -21.20 -17.02 39.45
C TRP A 60 -21.26 -16.77 40.95
N ILE A 61 -21.29 -17.83 41.73
CA ILE A 61 -21.36 -17.75 43.18
C ILE A 61 -20.09 -18.34 43.76
N ASP A 62 -19.42 -17.57 44.62
CA ASP A 62 -18.26 -18.03 45.35
C ASP A 62 -18.64 -18.06 46.82
N VAL A 63 -18.91 -19.26 47.36
CA VAL A 63 -19.39 -19.38 48.72
C VAL A 63 -18.32 -19.03 49.74
N ARG A 64 -17.06 -18.95 49.32
CA ARG A 64 -15.99 -18.57 50.23
C ARG A 64 -15.92 -17.08 50.49
N LEU A 65 -16.67 -16.27 49.74
CA LEU A 65 -16.65 -14.82 49.88
C LEU A 65 -17.98 -14.30 50.42
N ARG A 66 -18.57 -15.01 51.37
CA ARG A 66 -19.77 -14.56 52.05
C ARG A 66 -19.38 -13.78 53.30
N TRP A 67 -20.24 -12.84 53.67
CA TRP A 67 -20.05 -12.12 54.92
C TRP A 67 -21.40 -11.64 55.43
N ASN A 68 -21.44 -11.36 56.73
CA ASN A 68 -22.64 -10.84 57.36
C ASN A 68 -22.57 -9.32 57.35
N PRO A 69 -23.49 -8.62 56.69
CA PRO A 69 -23.41 -7.16 56.67
C PRO A 69 -23.47 -6.52 58.04
N ALA A 70 -24.18 -7.14 58.99
CA ALA A 70 -24.27 -6.58 60.33
C ALA A 70 -22.91 -6.51 61.03
N ASP A 71 -21.99 -7.40 60.67
CA ASP A 71 -20.67 -7.41 61.30
C ASP A 71 -19.70 -6.42 60.68
N TYR A 72 -20.06 -5.81 59.56
CA TYR A 72 -19.16 -4.90 58.85
C TYR A 72 -19.86 -3.61 58.49
N GLY A 73 -20.65 -3.06 59.42
CA GLY A 73 -21.26 -1.77 59.23
C GLY A 73 -22.32 -1.71 58.16
N GLY A 74 -22.96 -2.83 57.84
CA GLY A 74 -24.00 -2.84 56.82
C GLY A 74 -23.50 -2.86 55.40
N ILE A 75 -22.23 -3.21 55.18
CA ILE A 75 -21.69 -3.26 53.82
C ILE A 75 -22.28 -4.47 53.10
N LYS A 76 -22.82 -4.25 51.91
CA LYS A 76 -23.46 -5.29 51.14
C LYS A 76 -22.79 -5.60 49.81
N LYS A 77 -22.05 -4.65 49.26
CA LYS A 77 -21.30 -4.86 48.02
C LYS A 77 -19.94 -4.21 48.14
N ILE A 78 -18.93 -4.85 47.55
CA ILE A 78 -17.58 -4.31 47.46
C ILE A 78 -17.07 -4.55 46.05
N ARG A 79 -15.97 -3.88 45.73
CA ARG A 79 -15.28 -4.07 44.46
C ARG A 79 -13.91 -4.66 44.75
N LEU A 80 -13.57 -5.75 44.06
CA LEU A 80 -12.32 -6.45 44.27
C LEU A 80 -11.58 -6.58 42.96
N PRO A 81 -10.25 -6.55 42.99
CA PRO A 81 -9.48 -6.84 41.77
C PRO A 81 -9.72 -8.28 41.32
N SER A 82 -9.82 -8.46 40.00
CA SER A 82 -10.08 -9.79 39.46
C SER A 82 -8.97 -10.77 39.82
N ASP A 83 -7.74 -10.28 39.95
CA ASP A 83 -6.61 -11.16 40.22
C ASP A 83 -6.64 -11.78 41.62
N ASP A 84 -7.49 -11.29 42.51
CA ASP A 84 -7.52 -11.79 43.88
C ASP A 84 -8.40 -13.01 44.06
N VAL A 85 -9.28 -13.32 43.11
CA VAL A 85 -10.24 -14.40 43.28
C VAL A 85 -10.16 -15.34 42.08
N TRP A 86 -10.75 -16.52 42.25
CA TRP A 86 -10.85 -17.49 41.17
C TRP A 86 -11.70 -16.93 40.04
N LEU A 87 -11.24 -17.13 38.81
CA LEU A 87 -11.98 -16.67 37.65
C LEU A 87 -12.16 -17.80 36.65
N PRO A 88 -13.28 -17.83 35.93
CA PRO A 88 -13.40 -18.79 34.82
C PRO A 88 -12.45 -18.47 33.69
N ASP A 89 -11.97 -19.51 33.02
CA ASP A 89 -11.05 -19.36 31.90
C ASP A 89 -11.82 -19.46 30.60
N LEU A 90 -12.54 -18.38 30.27
CA LEU A 90 -13.26 -18.31 29.00
C LEU A 90 -12.29 -18.04 27.86
N VAL A 91 -12.42 -18.79 26.78
CA VAL A 91 -11.51 -18.69 25.65
C VAL A 91 -12.32 -18.53 24.37
N LEU A 92 -11.93 -17.58 23.54
CA LEU A 92 -12.49 -17.44 22.21
C LEU A 92 -11.85 -18.48 21.29
N TYR A 93 -12.61 -19.53 20.95
CA TYR A 93 -12.03 -20.66 20.24
C TYR A 93 -11.50 -20.25 18.87
N ASN A 94 -12.24 -19.40 18.16
CA ASN A 94 -11.87 -18.99 16.81
C ASN A 94 -11.09 -17.69 16.77
N ASN A 95 -10.24 -17.45 17.76
CA ASN A 95 -9.34 -16.31 17.72
C ASN A 95 -8.45 -16.39 16.48
N ALA A 96 -8.22 -15.24 15.87
CA ALA A 96 -7.39 -15.25 14.66
C ALA A 96 -6.16 -14.36 14.76
N ASP A 97 -6.29 -13.16 15.29
CA ASP A 97 -5.16 -12.24 15.30
C ASP A 97 -5.14 -11.46 16.62
N GLY A 98 -5.51 -12.11 17.72
CA GLY A 98 -5.66 -11.43 19.00
C GLY A 98 -5.37 -12.33 20.17
N ASP A 99 -6.12 -12.13 21.25
CA ASP A 99 -5.92 -12.86 22.49
C ASP A 99 -7.00 -13.93 22.63
N PHE A 100 -6.60 -15.08 23.16
CA PHE A 100 -7.58 -16.15 23.36
C PHE A 100 -8.47 -15.85 24.57
N ALA A 101 -7.90 -15.33 25.64
CA ALA A 101 -8.62 -15.09 26.88
C ALA A 101 -8.75 -13.60 27.13
N ILE A 102 -9.37 -13.27 28.25
CA ILE A 102 -9.51 -11.88 28.70
C ILE A 102 -8.18 -11.42 29.27
N VAL A 103 -7.71 -10.26 28.82
CA VAL A 103 -6.46 -9.71 29.30
C VAL A 103 -6.66 -8.47 30.15
N HIS A 104 -7.80 -7.80 30.05
CA HIS A 104 -8.07 -6.58 30.81
C HIS A 104 -8.65 -7.00 32.16
N MET A 105 -7.81 -7.02 33.19
CA MET A 105 -8.21 -7.50 34.51
C MET A 105 -8.81 -6.35 35.31
N THR A 106 -10.07 -6.06 35.04
CA THR A 106 -10.79 -5.01 35.74
C THR A 106 -11.37 -5.54 37.04
N LYS A 107 -11.81 -4.61 37.89
CA LYS A 107 -12.38 -4.99 39.17
C LYS A 107 -13.76 -5.60 38.99
N LEU A 108 -14.11 -6.51 39.90
CA LEU A 108 -15.38 -7.21 39.86
C LEU A 108 -16.21 -6.87 41.09
N LEU A 109 -17.52 -6.90 40.92
CA LEU A 109 -18.46 -6.59 41.99
C LEU A 109 -18.79 -7.87 42.76
N LEU A 110 -18.57 -7.83 44.07
CA LEU A 110 -18.83 -8.99 44.93
C LEU A 110 -19.96 -8.66 45.90
N ASP A 111 -20.97 -9.50 45.91
CA ASP A 111 -22.12 -9.36 46.80
C ASP A 111 -21.84 -10.02 48.13
N TYR A 112 -22.66 -9.68 49.13
CA TYR A 112 -22.49 -10.28 50.45
C TYR A 112 -22.94 -11.72 50.51
N THR A 113 -23.76 -12.17 49.56
CA THR A 113 -24.14 -13.57 49.47
C THR A 113 -23.12 -14.42 48.74
N GLY A 114 -22.08 -13.81 48.21
CA GLY A 114 -21.08 -14.51 47.42
C GLY A 114 -21.22 -14.36 45.93
N LYS A 115 -22.30 -13.73 45.46
CA LYS A 115 -22.51 -13.59 44.02
C LYS A 115 -21.50 -12.60 43.44
N ILE A 116 -20.98 -12.92 42.26
CA ILE A 116 -19.90 -12.16 41.63
C ILE A 116 -20.36 -11.70 40.26
N MET A 117 -20.09 -10.45 39.94
CA MET A 117 -20.39 -9.86 38.65
C MET A 117 -19.09 -9.31 38.06
N TRP A 118 -18.73 -9.74 36.87
CA TRP A 118 -17.47 -9.34 36.26
C TRP A 118 -17.69 -9.11 34.77
N THR A 119 -17.43 -7.88 34.32
CA THR A 119 -17.67 -7.49 32.93
C THR A 119 -16.42 -6.85 32.36
N PRO A 120 -15.38 -7.63 32.08
CA PRO A 120 -14.17 -7.06 31.49
C PRO A 120 -14.37 -6.75 30.02
N PRO A 121 -13.70 -5.73 29.50
CA PRO A 121 -13.73 -5.47 28.06
C PRO A 121 -12.73 -6.34 27.32
N ALA A 122 -12.95 -6.43 26.01
CA ALA A 122 -12.03 -7.18 25.16
C ALA A 122 -12.17 -6.70 23.73
N ILE A 123 -11.13 -6.94 22.94
CA ILE A 123 -11.15 -6.76 21.50
C ILE A 123 -11.01 -8.14 20.89
N PHE A 124 -12.11 -8.69 20.40
CA PHE A 124 -12.11 -10.01 19.79
C PHE A 124 -11.80 -9.87 18.31
N LYS A 125 -10.71 -10.48 17.87
CA LYS A 125 -10.37 -10.57 16.45
C LYS A 125 -10.59 -12.01 16.04
N SER A 126 -11.83 -12.33 15.72
CA SER A 126 -12.23 -13.70 15.42
C SER A 126 -12.14 -13.97 13.93
N TYR A 127 -12.14 -15.25 13.59
CA TYR A 127 -12.08 -15.67 12.19
C TYR A 127 -13.48 -15.66 11.60
N CYS A 128 -13.60 -15.16 10.37
CA CYS A 128 -14.89 -14.95 9.72
C CYS A 128 -14.83 -15.53 8.32
N GLU A 129 -15.74 -16.44 8.01
CA GLU A 129 -15.83 -16.99 6.67
C GLU A 129 -16.62 -16.04 5.79
N ILE A 130 -15.93 -15.33 4.89
CA ILE A 130 -16.55 -14.32 4.06
C ILE A 130 -17.13 -15.00 2.83
N ILE A 131 -18.43 -14.81 2.60
CA ILE A 131 -19.11 -15.31 1.42
C ILE A 131 -19.22 -14.16 0.43
N VAL A 132 -18.46 -14.25 -0.67
CA VAL A 132 -18.35 -13.14 -1.61
C VAL A 132 -19.30 -13.29 -2.79
N THR A 133 -20.28 -14.20 -2.69
CA THR A 133 -21.14 -14.50 -3.84
C THR A 133 -21.91 -13.26 -4.28
N HIS A 134 -22.46 -12.50 -3.34
CA HIS A 134 -23.31 -11.37 -3.67
C HIS A 134 -22.66 -10.03 -3.34
N PHE A 135 -21.34 -9.98 -3.27
CA PHE A 135 -20.65 -8.72 -3.03
C PHE A 135 -20.96 -7.75 -4.17
N PRO A 136 -21.20 -6.46 -3.87
CA PRO A 136 -21.18 -5.79 -2.57
C PRO A 136 -22.53 -5.72 -1.86
N PHE A 137 -23.47 -6.56 -2.26
CA PHE A 137 -24.77 -6.64 -1.59
C PHE A 137 -24.86 -7.85 -0.68
N ASP A 138 -23.73 -8.28 -0.13
CA ASP A 138 -23.64 -9.50 0.65
C ASP A 138 -24.00 -9.25 2.11
N GLN A 139 -24.53 -10.29 2.75
CA GLN A 139 -24.66 -10.35 4.19
C GLN A 139 -23.72 -11.41 4.72
N GLN A 140 -23.09 -11.11 5.85
CA GLN A 140 -22.11 -12.01 6.43
C GLN A 140 -22.64 -12.61 7.72
N ASN A 141 -22.31 -13.87 7.94
CA ASN A 141 -22.66 -14.59 9.17
C ASN A 141 -21.39 -15.19 9.74
N CYS A 142 -20.78 -14.53 10.71
CA CYS A 142 -19.65 -15.12 11.40
C CYS A 142 -19.75 -14.83 12.88
N THR A 143 -19.17 -15.74 13.66
CA THR A 143 -19.61 -16.04 15.00
C THR A 143 -18.49 -15.79 16.01
N MET A 144 -18.82 -16.05 17.27
CA MET A 144 -17.88 -15.97 18.38
C MET A 144 -18.09 -17.21 19.24
N LYS A 145 -17.12 -18.11 19.22
CA LYS A 145 -17.23 -19.37 19.97
C LYS A 145 -16.48 -19.20 21.28
N LEU A 146 -17.22 -19.13 22.38
CA LEU A 146 -16.65 -18.97 23.72
C LEU A 146 -16.96 -20.19 24.56
N GLY A 147 -15.94 -20.71 25.23
CA GLY A 147 -16.13 -21.84 26.12
C GLY A 147 -15.05 -21.91 27.15
N ILE A 148 -15.31 -22.67 28.21
CA ILE A 148 -14.30 -22.92 29.23
C ILE A 148 -13.24 -23.85 28.66
N TRP A 149 -11.97 -23.46 28.83
CA TRP A 149 -10.89 -24.20 28.18
C TRP A 149 -10.55 -25.49 28.91
N THR A 150 -10.16 -25.41 30.18
CA THR A 150 -9.57 -26.54 30.87
C THR A 150 -10.55 -27.34 31.71
N TYR A 151 -11.76 -26.85 31.94
CA TYR A 151 -12.74 -27.52 32.77
C TYR A 151 -13.85 -28.07 31.90
N ASP A 152 -14.20 -29.33 32.12
CA ASP A 152 -15.30 -29.92 31.38
C ASP A 152 -16.63 -29.54 32.02
N GLY A 153 -17.72 -30.08 31.48
CA GLY A 153 -19.05 -29.67 31.90
C GLY A 153 -19.44 -30.13 33.29
N THR A 154 -18.77 -31.13 33.83
CA THR A 154 -19.06 -31.62 35.17
C THR A 154 -18.37 -30.81 36.25
N LYS A 155 -17.41 -29.96 35.89
CA LYS A 155 -16.70 -29.12 36.85
C LYS A 155 -17.06 -27.66 36.76
N VAL A 156 -17.17 -27.11 35.56
CA VAL A 156 -17.56 -25.72 35.35
C VAL A 156 -18.58 -25.68 34.23
N SER A 157 -19.76 -25.14 34.52
CA SER A 157 -20.86 -25.08 33.56
C SER A 157 -21.15 -23.63 33.23
N ILE A 158 -21.40 -23.37 31.94
CA ILE A 158 -21.73 -22.03 31.47
C ILE A 158 -23.12 -22.06 30.86
N SER A 159 -23.89 -21.00 31.11
CA SER A 159 -25.21 -20.83 30.56
C SER A 159 -25.34 -19.45 29.95
N PRO A 160 -25.98 -19.30 28.80
CA PRO A 160 -26.18 -17.98 28.23
C PRO A 160 -27.08 -17.14 29.13
N GLU A 161 -26.75 -15.85 29.22
CA GLU A 161 -27.54 -14.95 30.04
C GLU A 161 -28.86 -14.60 29.36
N SER A 162 -28.84 -14.46 28.04
CA SER A 162 -30.04 -14.23 27.26
C SER A 162 -29.94 -15.03 25.97
N ASP A 163 -31.06 -15.12 25.25
CA ASP A 163 -31.06 -15.80 23.96
C ASP A 163 -30.23 -15.04 22.94
N ARG A 164 -30.04 -13.74 23.11
CA ARG A 164 -29.33 -12.92 22.14
C ARG A 164 -28.24 -12.11 22.82
N PRO A 165 -27.22 -11.72 22.08
CA PRO A 165 -26.24 -10.78 22.62
C PRO A 165 -26.88 -9.43 22.93
N ASP A 166 -26.26 -8.70 23.85
CA ASP A 166 -26.76 -7.39 24.24
C ASP A 166 -26.17 -6.35 23.30
N LEU A 167 -27.02 -5.73 22.48
CA LEU A 167 -26.62 -4.65 21.59
C LEU A 167 -27.29 -3.34 21.99
N SER A 168 -27.60 -3.18 23.27
CA SER A 168 -28.28 -1.98 23.73
C SER A 168 -27.39 -0.75 23.58
N THR A 169 -26.09 -0.90 23.82
CA THR A 169 -25.14 0.19 23.67
C THR A 169 -24.27 0.04 22.43
N PHE A 170 -24.83 -0.48 21.35
CA PHE A 170 -24.07 -0.72 20.14
C PHE A 170 -23.90 0.56 19.34
N MET A 171 -22.66 0.86 18.94
CA MET A 171 -22.39 2.00 18.08
C MET A 171 -22.66 1.62 16.64
N GLU A 172 -23.42 2.49 15.94
CA GLU A 172 -23.73 2.22 14.55
C GLU A 172 -22.47 2.18 13.70
N SER A 173 -22.43 1.24 12.77
CA SER A 173 -21.19 0.96 12.04
C SER A 173 -20.97 1.97 10.91
N GLY A 174 -21.99 2.21 10.09
CA GLY A 174 -21.84 2.99 8.89
C GLY A 174 -21.43 2.17 7.68
N GLU A 175 -21.06 0.92 7.88
CA GLU A 175 -20.80 -0.02 6.79
C GLU A 175 -21.64 -1.27 6.86
N TRP A 176 -22.10 -1.66 8.04
CA TRP A 176 -22.84 -2.89 8.23
C TRP A 176 -24.09 -2.63 9.06
N VAL A 177 -25.10 -3.46 8.85
CA VAL A 177 -26.37 -3.36 9.58
C VAL A 177 -26.64 -4.70 10.24
N MET A 178 -26.81 -4.70 11.55
CA MET A 178 -27.10 -5.91 12.31
C MET A 178 -28.52 -6.36 11.99
N LYS A 179 -28.66 -7.43 11.22
CA LYS A 179 -29.99 -7.95 10.93
C LYS A 179 -30.50 -8.83 12.06
N ASP A 180 -29.69 -9.79 12.51
CA ASP A 180 -30.10 -10.71 13.56
C ASP A 180 -28.88 -11.13 14.35
N TYR A 181 -29.12 -11.52 15.59
CA TYR A 181 -28.05 -11.97 16.46
C TYR A 181 -28.64 -12.89 17.53
N ARG A 182 -27.96 -14.01 17.78
CA ARG A 182 -28.46 -14.98 18.73
C ARG A 182 -27.30 -15.77 19.29
N GLY A 183 -27.51 -16.35 20.47
CA GLY A 183 -26.48 -17.15 21.11
C GLY A 183 -26.96 -18.55 21.43
N TRP A 184 -26.19 -19.50 21.01
CA TRP A 184 -26.55 -20.90 21.17
C TRP A 184 -25.52 -21.61 22.04
N LYS A 185 -26.01 -22.48 22.92
CA LYS A 185 -25.16 -23.30 23.76
C LYS A 185 -25.04 -24.70 23.17
N HIS A 186 -23.83 -25.25 23.20
CA HIS A 186 -23.55 -26.54 22.59
C HIS A 186 -22.80 -27.44 23.56
N TRP A 187 -23.01 -28.74 23.42
CA TRP A 187 -22.24 -29.78 24.09
C TRP A 187 -21.37 -30.46 23.05
N VAL A 188 -20.05 -30.37 23.22
CA VAL A 188 -19.09 -30.82 22.22
C VAL A 188 -18.14 -31.84 22.86
N TYR A 189 -17.82 -32.87 22.11
CA TYR A 189 -16.79 -33.84 22.47
C TYR A 189 -15.62 -33.70 21.50
N TYR A 190 -14.43 -33.54 22.04
CA TYR A 190 -13.22 -33.38 21.24
C TYR A 190 -12.38 -34.64 21.31
N THR A 191 -11.51 -34.80 20.31
CA THR A 191 -10.61 -35.95 20.30
C THR A 191 -9.60 -35.88 21.44
N CYS A 192 -9.19 -34.67 21.84
CA CYS A 192 -8.31 -34.52 22.99
C CYS A 192 -8.88 -35.24 24.19
N CYS A 193 -10.18 -35.09 24.42
CA CYS A 193 -10.79 -35.30 25.73
C CYS A 193 -12.13 -35.98 25.53
N PRO A 194 -12.13 -37.24 25.10
CA PRO A 194 -13.37 -37.87 24.63
C PRO A 194 -14.30 -38.35 25.74
N ASP A 195 -13.84 -38.37 26.99
CA ASP A 195 -14.67 -38.92 28.06
C ASP A 195 -15.80 -37.98 28.46
N THR A 196 -15.56 -36.67 28.47
CA THR A 196 -16.49 -35.71 29.04
C THR A 196 -16.87 -34.64 28.02
N PRO A 197 -18.05 -34.03 28.18
CA PRO A 197 -18.49 -32.99 27.25
C PRO A 197 -18.01 -31.61 27.65
N TYR A 198 -17.51 -30.87 26.67
CA TYR A 198 -17.06 -29.50 26.87
C TYR A 198 -18.12 -28.55 26.37
N LEU A 199 -18.48 -27.59 27.20
CA LEU A 199 -19.55 -26.64 26.90
C LEU A 199 -19.00 -25.41 26.21
N ASP A 200 -19.81 -24.84 25.32
CA ASP A 200 -19.45 -23.59 24.69
C ASP A 200 -20.73 -22.84 24.33
N ILE A 201 -20.61 -21.53 24.16
CA ILE A 201 -21.69 -20.69 23.68
C ILE A 201 -21.19 -19.97 22.44
N THR A 202 -22.00 -20.07 21.37
CA THR A 202 -21.64 -19.46 20.10
C THR A 202 -22.58 -18.29 19.84
N TYR A 203 -22.02 -17.10 19.69
CA TYR A 203 -22.77 -15.90 19.39
C TYR A 203 -22.53 -15.54 17.93
N HIS A 204 -23.59 -15.40 17.16
CA HIS A 204 -23.47 -15.07 15.75
C HIS A 204 -24.28 -13.83 15.43
N PHE A 205 -23.74 -13.00 14.56
CA PHE A 205 -24.37 -11.73 14.16
C PHE A 205 -24.56 -11.74 12.65
N ILE A 206 -25.80 -11.58 12.21
CA ILE A 206 -26.09 -11.46 10.78
C ILE A 206 -25.98 -9.99 10.43
N MET A 207 -24.92 -9.63 9.70
CA MET A 207 -24.67 -8.24 9.35
C MET A 207 -24.78 -8.08 7.84
N GLN A 208 -25.53 -7.07 7.41
CA GLN A 208 -25.75 -6.79 6.00
C GLN A 208 -24.94 -5.57 5.61
N ARG A 209 -24.18 -5.69 4.53
CA ARG A 209 -23.35 -4.58 4.08
C ARG A 209 -24.22 -3.48 3.47
N ILE A 210 -23.85 -2.24 3.72
CA ILE A 210 -24.52 -1.09 3.12
C ILE A 210 -23.85 -0.80 1.78
N PRO A 211 -24.53 -1.01 0.66
CA PRO A 211 -23.90 -0.86 -0.67
C PRO A 211 -24.03 0.53 -1.26
N LEU A 212 -23.26 1.46 -0.74
CA LEU A 212 -23.18 2.79 -1.33
C LEU A 212 -21.76 3.20 -1.69
N TYR A 213 -20.78 2.84 -0.86
CA TYR A 213 -19.39 3.12 -1.20
C TYR A 213 -19.00 2.42 -2.49
N PHE A 214 -19.40 1.16 -2.65
CA PHE A 214 -18.96 0.38 -3.80
C PHE A 214 -19.81 0.63 -5.03
N VAL A 215 -21.09 0.94 -4.85
CA VAL A 215 -21.91 1.33 -6.00
C VAL A 215 -21.37 2.60 -6.62
N VAL A 216 -21.01 3.59 -5.80
CA VAL A 216 -20.48 4.84 -6.31
C VAL A 216 -19.07 4.64 -6.86
N ASN A 217 -18.21 3.93 -6.14
CA ASN A 217 -16.81 3.88 -6.50
C ASN A 217 -16.46 2.79 -7.49
N VAL A 218 -17.33 1.77 -7.65
CA VAL A 218 -16.99 0.65 -8.51
C VAL A 218 -18.05 0.40 -9.56
N ILE A 219 -19.29 0.21 -9.14
CA ILE A 219 -20.34 -0.24 -10.05
C ILE A 219 -20.67 0.84 -11.07
N ILE A 220 -20.82 2.09 -10.60
CA ILE A 220 -21.26 3.16 -11.50
C ILE A 220 -20.24 3.43 -12.61
N PRO A 221 -18.95 3.59 -12.34
CA PRO A 221 -18.00 3.75 -13.46
C PRO A 221 -17.96 2.54 -14.37
N CYS A 222 -18.13 1.34 -13.82
CA CYS A 222 -18.17 0.14 -14.66
C CYS A 222 -19.35 0.20 -15.63
N LEU A 223 -20.52 0.61 -15.14
CA LEU A 223 -21.67 0.75 -16.02
C LEU A 223 -21.44 1.83 -17.06
N LEU A 224 -20.85 2.96 -16.65
CA LEU A 224 -20.58 4.03 -17.59
C LEU A 224 -19.68 3.55 -18.72
N PHE A 225 -18.64 2.78 -18.38
CA PHE A 225 -17.70 2.33 -19.40
C PHE A 225 -18.28 1.20 -20.25
N SER A 226 -19.08 0.32 -19.64
CA SER A 226 -19.67 -0.77 -20.41
C SER A 226 -20.73 -0.26 -21.37
N PHE A 227 -21.40 0.85 -21.03
CA PHE A 227 -22.38 1.42 -21.94
C PHE A 227 -21.71 1.99 -23.18
N LEU A 228 -20.47 2.47 -23.06
CA LEU A 228 -19.75 3.00 -24.20
C LEU A 228 -19.37 1.93 -25.22
N THR A 229 -19.51 0.66 -24.87
CA THR A 229 -19.16 -0.41 -25.82
C THR A 229 -20.04 -0.36 -27.06
N GLY A 230 -21.33 -0.06 -26.89
CA GLY A 230 -22.23 -0.03 -28.03
C GLY A 230 -22.04 1.16 -28.94
N LEU A 231 -21.39 2.22 -28.46
CA LEU A 231 -21.17 3.39 -29.32
C LEU A 231 -20.20 3.10 -30.44
N VAL A 232 -19.40 2.04 -30.34
CA VAL A 232 -18.46 1.72 -31.40
C VAL A 232 -19.20 1.38 -32.68
N PHE A 233 -20.37 0.73 -32.56
CA PHE A 233 -21.10 0.30 -33.74
C PHE A 233 -21.79 1.47 -34.44
N TYR A 234 -22.11 2.54 -33.71
CA TYR A 234 -22.66 3.72 -34.35
C TYR A 234 -21.58 4.62 -34.93
N LEU A 235 -20.33 4.40 -34.57
CA LEU A 235 -19.23 5.20 -35.09
C LEU A 235 -18.88 4.75 -36.51
N PRO A 236 -18.92 5.65 -37.50
CA PRO A 236 -18.56 5.23 -38.86
C PRO A 236 -17.08 4.89 -38.98
N THR A 237 -16.79 3.97 -39.89
CA THR A 237 -15.42 3.52 -40.09
C THR A 237 -14.53 4.64 -40.61
N ASP A 238 -15.09 5.57 -41.39
CA ASP A 238 -14.31 6.67 -41.93
C ASP A 238 -13.79 7.59 -40.83
N SER A 239 -14.37 7.55 -39.64
CA SER A 239 -13.91 8.40 -38.55
C SER A 239 -12.51 8.02 -38.07
N GLY A 240 -12.08 6.79 -38.31
CA GLY A 240 -10.77 6.35 -37.86
C GLY A 240 -10.60 6.36 -36.36
N GLU A 241 -11.68 6.08 -35.61
CA GLU A 241 -11.61 6.10 -34.16
C GLU A 241 -12.36 4.95 -33.51
N LYS A 242 -12.81 3.96 -34.29
CA LYS A 242 -13.51 2.82 -33.69
C LYS A 242 -12.60 2.03 -32.77
N MET A 243 -11.39 1.74 -33.23
CA MET A 243 -10.46 0.95 -32.43
C MET A 243 -10.05 1.71 -31.17
N THR A 244 -9.83 3.02 -31.29
CA THR A 244 -9.46 3.81 -30.13
C THR A 244 -10.52 3.72 -29.05
N LEU A 245 -11.78 3.95 -29.40
CA LEU A 245 -12.86 3.93 -28.42
C LEU A 245 -13.03 2.54 -27.82
N SER A 246 -13.07 1.51 -28.67
CA SER A 246 -13.29 0.15 -28.16
C SER A 246 -12.15 -0.30 -27.25
N ILE A 247 -10.91 -0.02 -27.66
CA ILE A 247 -9.76 -0.44 -26.87
C ILE A 247 -9.70 0.33 -25.55
N SER A 248 -10.03 1.62 -25.57
CA SER A 248 -10.04 2.38 -24.33
C SER A 248 -11.08 1.84 -23.37
N VAL A 249 -12.26 1.50 -23.88
CA VAL A 249 -13.30 0.91 -23.04
C VAL A 249 -12.81 -0.40 -22.44
N LEU A 250 -12.18 -1.24 -23.26
CA LEU A 250 -11.68 -2.53 -22.76
C LEU A 250 -10.64 -2.33 -21.67
N LEU A 251 -9.71 -1.41 -21.87
CA LEU A 251 -8.66 -1.17 -20.88
C LEU A 251 -9.25 -0.67 -19.56
N SER A 252 -10.21 0.25 -19.64
CA SER A 252 -10.86 0.73 -18.42
C SER A 252 -11.58 -0.40 -17.71
N LEU A 253 -12.27 -1.26 -18.46
CA LEU A 253 -13.00 -2.36 -17.84
C LEU A 253 -12.05 -3.35 -17.16
N THR A 254 -10.92 -3.66 -17.80
CA THR A 254 -10.00 -4.59 -17.16
C THR A 254 -9.35 -3.96 -15.94
N VAL A 255 -9.10 -2.65 -15.97
CA VAL A 255 -8.58 -1.98 -14.78
C VAL A 255 -9.57 -2.07 -13.63
N PHE A 256 -10.86 -1.85 -13.91
CA PHE A 256 -11.85 -1.93 -12.85
C PHE A 256 -12.03 -3.35 -12.34
N LEU A 257 -11.93 -4.34 -13.23
CA LEU A 257 -11.96 -5.73 -12.76
C LEU A 257 -10.79 -6.02 -11.82
N LEU A 258 -9.60 -5.54 -12.17
CA LEU A 258 -8.45 -5.73 -11.30
C LEU A 258 -8.61 -5.01 -9.97
N VAL A 259 -9.27 -3.85 -9.97
CA VAL A 259 -9.56 -3.17 -8.71
C VAL A 259 -10.54 -3.98 -7.87
N ILE A 260 -11.57 -4.54 -8.51
CA ILE A 260 -12.54 -5.37 -7.79
C ILE A 260 -11.85 -6.57 -7.16
N VAL A 261 -10.89 -7.15 -7.88
CA VAL A 261 -10.17 -8.32 -7.39
C VAL A 261 -9.50 -8.03 -6.05
N GLU A 262 -9.03 -6.80 -5.86
CA GLU A 262 -8.31 -6.44 -4.64
C GLU A 262 -9.23 -6.29 -3.42
N LEU A 263 -10.55 -6.24 -3.62
CA LEU A 263 -11.48 -6.01 -2.53
C LEU A 263 -12.05 -7.29 -1.94
N ILE A 264 -11.68 -8.45 -2.46
CA ILE A 264 -12.26 -9.71 -2.02
C ILE A 264 -11.13 -10.68 -1.68
N PRO A 265 -11.40 -11.65 -0.80
CA PRO A 265 -10.40 -12.67 -0.51
C PRO A 265 -10.10 -13.54 -1.72
N SER A 266 -8.91 -14.11 -1.71
CA SER A 266 -8.45 -14.99 -2.78
C SER A 266 -9.04 -16.38 -2.70
N THR A 267 -10.08 -16.57 -1.89
CA THR A 267 -10.69 -17.89 -1.76
C THR A 267 -11.39 -18.29 -3.05
N SER A 268 -11.32 -19.59 -3.38
CA SER A 268 -11.96 -20.14 -4.56
C SER A 268 -13.25 -20.88 -4.22
N SER A 269 -13.81 -20.64 -3.04
CA SER A 269 -15.05 -21.29 -2.67
C SER A 269 -16.21 -20.84 -3.55
N ALA A 270 -16.28 -19.55 -3.86
CA ALA A 270 -17.34 -19.02 -4.70
C ALA A 270 -16.79 -17.87 -5.54
N VAL A 271 -17.41 -17.67 -6.69
CA VAL A 271 -17.06 -16.58 -7.60
C VAL A 271 -18.06 -15.45 -7.38
N PRO A 272 -17.61 -14.23 -7.06
CA PRO A 272 -18.55 -13.13 -6.88
C PRO A 272 -19.34 -12.84 -8.15
N LEU A 273 -20.62 -12.49 -7.97
CA LEU A 273 -21.43 -12.15 -9.13
C LEU A 273 -20.92 -10.90 -9.82
N ILE A 274 -20.35 -9.95 -9.06
CA ILE A 274 -19.76 -8.78 -9.68
C ILE A 274 -18.57 -9.16 -10.56
N GLY A 275 -17.71 -10.06 -10.07
CA GLY A 275 -16.59 -10.50 -10.86
C GLY A 275 -17.00 -11.28 -12.09
N LYS A 276 -17.98 -12.17 -11.94
CA LYS A 276 -18.48 -12.93 -13.08
C LYS A 276 -19.10 -12.00 -14.12
N TYR A 277 -19.85 -10.99 -13.67
CA TYR A 277 -20.48 -10.07 -14.61
C TYR A 277 -19.44 -9.20 -15.30
N MET A 278 -18.39 -8.80 -14.58
CA MET A 278 -17.33 -8.04 -15.22
C MET A 278 -16.58 -8.89 -16.24
N LEU A 279 -16.35 -10.17 -15.92
CA LEU A 279 -15.73 -11.05 -16.90
C LEU A 279 -16.59 -11.23 -18.13
N PHE A 280 -17.90 -11.37 -17.95
CA PHE A 280 -18.79 -11.49 -19.10
C PHE A 280 -18.81 -10.20 -19.91
N THR A 281 -18.76 -9.05 -19.23
CA THR A 281 -18.70 -7.78 -19.92
C THR A 281 -17.42 -7.66 -20.75
N MET A 282 -16.29 -8.08 -20.19
CA MET A 282 -15.04 -8.07 -20.96
C MET A 282 -15.12 -9.01 -22.16
N ILE A 283 -15.72 -10.19 -21.98
CA ILE A 283 -15.86 -11.11 -23.10
C ILE A 283 -16.71 -10.47 -24.19
N PHE A 284 -17.80 -9.82 -23.82
CA PHE A 284 -18.65 -9.13 -24.79
C PHE A 284 -17.88 -8.00 -25.48
N VAL A 285 -17.10 -7.23 -24.72
CA VAL A 285 -16.33 -6.13 -25.30
C VAL A 285 -15.30 -6.65 -26.29
N ILE A 286 -14.63 -7.75 -25.95
CA ILE A 286 -13.61 -8.30 -26.84
C ILE A 286 -14.25 -8.88 -28.10
N SER A 287 -15.42 -9.51 -27.96
CA SER A 287 -16.15 -9.95 -29.14
C SER A 287 -16.55 -8.76 -30.00
N SER A 288 -16.94 -7.66 -29.37
CA SER A 288 -17.27 -6.45 -30.12
C SER A 288 -16.04 -5.91 -30.85
N ILE A 289 -14.88 -5.99 -30.21
CA ILE A 289 -13.64 -5.55 -30.86
C ILE A 289 -13.33 -6.44 -32.06
N ILE A 290 -13.58 -7.74 -31.91
CA ILE A 290 -13.36 -8.68 -33.01
C ILE A 290 -14.24 -8.31 -34.19
N ILE A 291 -15.53 -8.11 -33.94
CA ILE A 291 -16.45 -7.76 -35.01
C ILE A 291 -16.14 -6.37 -35.56
N THR A 292 -15.63 -5.47 -34.72
CA THR A 292 -15.24 -4.15 -35.20
C THR A 292 -14.06 -4.24 -36.16
N VAL A 293 -13.09 -5.08 -35.84
CA VAL A 293 -11.97 -5.29 -36.75
C VAL A 293 -12.45 -5.91 -38.06
N VAL A 294 -13.38 -6.85 -37.97
CA VAL A 294 -13.94 -7.44 -39.19
C VAL A 294 -14.65 -6.37 -40.02
N VAL A 295 -15.40 -5.48 -39.36
CA VAL A 295 -16.12 -4.43 -40.07
C VAL A 295 -15.14 -3.46 -40.73
N ILE A 296 -14.08 -3.09 -40.02
CA ILE A 296 -13.09 -2.18 -40.57
C ILE A 296 -12.40 -2.81 -41.78
N ASN A 297 -12.06 -4.10 -41.67
CA ASN A 297 -11.46 -4.80 -42.80
C ASN A 297 -12.40 -4.86 -43.99
N THR A 298 -13.69 -5.11 -43.74
CA THR A 298 -14.66 -5.17 -44.82
C THR A 298 -14.84 -3.81 -45.49
N HIS A 299 -14.87 -2.74 -44.71
CA HIS A 299 -15.11 -1.42 -45.25
C HIS A 299 -14.02 -1.00 -46.23
N HIS A 300 -12.80 -1.50 -46.06
CA HIS A 300 -11.66 -1.12 -46.88
C HIS A 300 -11.29 -2.19 -47.91
N ARG A 301 -12.23 -3.08 -48.24
CA ARG A 301 -11.93 -4.17 -49.15
C ARG A 301 -11.77 -3.64 -50.57
N SER A 302 -10.60 -3.84 -51.15
CA SER A 302 -10.36 -3.42 -52.52
C SER A 302 -11.08 -4.37 -53.47
N PRO A 303 -11.86 -3.86 -54.43
CA PRO A 303 -12.53 -4.75 -55.38
C PRO A 303 -11.57 -5.51 -56.28
N SER A 304 -10.33 -5.05 -56.41
CA SER A 304 -9.38 -5.73 -57.29
C SER A 304 -9.07 -7.13 -56.77
N THR A 305 -8.86 -7.26 -55.47
CA THR A 305 -8.44 -8.53 -54.88
C THR A 305 -9.56 -9.26 -54.17
N HIS A 306 -10.73 -8.64 -54.03
CA HIS A 306 -11.86 -9.25 -53.35
C HIS A 306 -13.12 -9.01 -54.17
N THR A 307 -13.87 -10.09 -54.42
CA THR A 307 -15.14 -10.01 -55.11
C THR A 307 -16.23 -10.47 -54.15
N MET A 308 -17.31 -9.70 -54.09
CA MET A 308 -18.36 -9.98 -53.11
C MET A 308 -19.08 -11.27 -53.47
N PRO A 309 -19.07 -12.27 -52.59
CA PRO A 309 -19.76 -13.52 -52.90
C PRO A 309 -21.27 -13.33 -52.92
N GLN A 310 -21.95 -14.22 -53.64
CA GLN A 310 -23.39 -14.12 -53.77
C GLN A 310 -24.08 -14.29 -52.42
N TRP A 311 -23.53 -15.14 -51.55
CA TRP A 311 -24.14 -15.33 -50.24
C TRP A 311 -24.03 -14.09 -49.37
N VAL A 312 -23.09 -13.19 -49.64
CA VAL A 312 -23.01 -11.92 -48.92
C VAL A 312 -23.94 -10.90 -49.54
N ARG A 313 -23.94 -10.80 -50.86
CA ARG A 313 -24.77 -9.82 -51.56
C ARG A 313 -26.24 -10.09 -51.32
N LYS A 314 -26.65 -11.37 -51.31
CA LYS A 314 -28.06 -11.70 -51.21
C LYS A 314 -28.61 -11.35 -49.83
N ILE A 315 -27.80 -11.49 -48.79
CA ILE A 315 -28.27 -11.30 -47.42
C ILE A 315 -28.04 -9.87 -46.92
N PHE A 316 -26.82 -9.33 -47.08
CA PHE A 316 -26.52 -8.05 -46.47
C PHE A 316 -27.00 -6.86 -47.31
N ILE A 317 -27.37 -7.09 -48.57
CA ILE A 317 -27.84 -6.02 -49.42
C ILE A 317 -29.32 -6.15 -49.75
N ASP A 318 -29.87 -7.37 -49.73
CA ASP A 318 -31.26 -7.58 -50.10
C ASP A 318 -32.16 -8.06 -48.98
N THR A 319 -31.62 -8.45 -47.82
CA THR A 319 -32.45 -9.02 -46.77
C THR A 319 -32.57 -8.13 -45.54
N ILE A 320 -31.46 -7.82 -44.87
CA ILE A 320 -31.54 -7.01 -43.65
C ILE A 320 -32.03 -5.59 -43.89
N PRO A 321 -31.54 -4.85 -44.89
CA PRO A 321 -32.01 -3.46 -45.04
C PRO A 321 -33.53 -3.33 -45.17
N ASN A 322 -34.20 -4.35 -45.70
CA ASN A 322 -35.66 -4.34 -45.75
C ASN A 322 -36.30 -4.72 -44.42
N VAL A 323 -35.52 -5.28 -43.49
CA VAL A 323 -36.06 -5.75 -42.23
C VAL A 323 -35.99 -4.67 -41.16
N MET A 324 -34.83 -4.03 -41.02
CA MET A 324 -34.61 -3.10 -39.93
C MET A 324 -35.25 -1.75 -40.29
N PHE A 325 -36.23 -1.31 -39.51
CA PHE A 325 -37.06 -0.18 -39.87
C PHE A 325 -36.60 1.16 -39.31
N PHE A 326 -36.10 1.20 -38.08
CA PHE A 326 -35.84 2.48 -37.42
C PHE A 326 -34.65 3.22 -38.01
N SER A 327 -33.86 2.59 -38.87
CA SER A 327 -32.75 3.27 -39.50
C SER A 327 -33.24 4.10 -40.69
N THR A 328 -32.37 4.98 -41.19
CA THR A 328 -32.66 5.84 -42.32
C THR A 328 -31.68 5.57 -43.47
N MET A 329 -31.42 4.29 -43.73
CA MET A 329 -30.49 3.91 -44.79
C MET A 329 -31.22 3.88 -46.13
N LYS A 330 -30.56 3.37 -47.16
CA LYS A 330 -31.17 3.22 -48.47
C LYS A 330 -31.97 1.92 -48.57
N PRO A 370 -1.37 12.93 -88.46
CA PRO A 370 -0.37 13.60 -87.62
C PRO A 370 -0.44 13.15 -86.16
N ASP A 371 -0.38 14.10 -85.24
CA ASP A 371 -0.53 13.82 -83.82
C ASP A 371 -1.94 14.06 -83.32
N VAL A 372 -2.89 14.41 -84.20
CA VAL A 372 -4.29 14.51 -83.81
C VAL A 372 -4.82 13.15 -83.40
N LYS A 373 -4.43 12.10 -84.11
CA LYS A 373 -4.86 10.75 -83.76
C LYS A 373 -4.38 10.38 -82.37
N SER A 374 -3.21 10.87 -81.98
CA SER A 374 -2.73 10.65 -80.61
C SER A 374 -3.67 11.30 -79.61
N ALA A 375 -4.15 12.50 -79.90
CA ALA A 375 -5.10 13.17 -79.01
C ALA A 375 -6.42 12.40 -78.91
N ILE A 376 -6.91 11.90 -80.05
CA ILE A 376 -8.17 11.15 -80.04
C ILE A 376 -8.00 9.87 -79.23
N GLU A 377 -6.89 9.16 -79.43
CA GLU A 377 -6.63 7.96 -78.66
C GLU A 377 -6.49 8.29 -77.18
N GLY A 378 -5.91 9.44 -76.86
CA GLY A 378 -5.77 9.83 -75.47
C GLY A 378 -7.10 10.11 -74.79
N VAL A 379 -8.00 10.83 -75.48
CA VAL A 379 -9.30 11.10 -74.87
C VAL A 379 -10.11 9.81 -74.74
N LYS A 380 -9.98 8.90 -75.71
CA LYS A 380 -10.64 7.61 -75.56
C LYS A 380 -10.08 6.83 -74.39
N TYR A 381 -8.76 6.90 -74.19
CA TYR A 381 -8.13 6.24 -73.04
C TYR A 381 -8.64 6.83 -71.74
N ILE A 382 -8.81 8.15 -71.69
CA ILE A 382 -9.33 8.81 -70.50
C ILE A 382 -10.75 8.32 -70.21
N ALA A 383 -11.58 8.24 -71.23
CA ALA A 383 -12.95 7.75 -71.05
C ALA A 383 -12.96 6.30 -70.55
N GLU A 384 -12.09 5.46 -71.11
CA GLU A 384 -12.03 4.07 -70.65
C GLU A 384 -11.57 3.98 -69.20
N HIS A 385 -10.62 4.83 -68.82
CA HIS A 385 -10.18 4.85 -67.42
C HIS A 385 -11.31 5.28 -66.51
N MET A 386 -12.15 6.21 -66.96
CA MET A 386 -13.32 6.57 -66.15
C MET A 386 -14.31 5.43 -66.04
N LYS A 387 -14.55 4.70 -67.14
CA LYS A 387 -15.25 3.41 -67.04
C LYS A 387 -14.74 2.59 -65.85
N SER A 388 -13.46 2.26 -65.90
CA SER A 388 -12.90 1.34 -64.92
C SER A 388 -12.99 1.90 -63.50
N ASP A 389 -12.67 3.18 -63.34
CA ASP A 389 -12.71 3.78 -62.01
C ASP A 389 -14.12 3.81 -61.45
N GLU A 390 -15.12 4.14 -62.27
CA GLU A 390 -16.49 4.16 -61.79
C GLU A 390 -16.93 2.75 -61.36
N GLU A 391 -16.58 1.73 -62.15
CA GLU A 391 -16.96 0.37 -61.77
C GLU A 391 -16.32 -0.05 -60.46
N SER A 392 -15.01 0.24 -60.31
CA SER A 392 -14.32 -0.12 -59.07
C SER A 392 -14.90 0.61 -57.87
N SER A 393 -15.21 1.90 -58.05
CA SER A 393 -15.80 2.67 -56.95
C SER A 393 -17.17 2.13 -56.57
N ASN A 394 -17.94 1.67 -57.56
CA ASN A 394 -19.23 1.06 -57.25
C ASN A 394 -19.06 -0.19 -56.40
N ALA A 395 -18.09 -1.04 -56.74
CA ALA A 395 -17.86 -2.23 -55.93
C ALA A 395 -17.40 -1.86 -54.52
N ALA A 396 -16.53 -0.85 -54.40
CA ALA A 396 -16.08 -0.42 -53.09
C ALA A 396 -17.23 0.11 -52.24
N GLU A 397 -18.14 0.86 -52.86
CA GLU A 397 -19.32 1.34 -52.14
C GLU A 397 -20.21 0.18 -51.70
N GLU A 398 -20.28 -0.88 -52.51
CA GLU A 398 -21.03 -2.06 -52.08
C GLU A 398 -20.40 -2.67 -50.83
N TRP A 399 -19.08 -2.76 -50.80
CA TRP A 399 -18.42 -3.28 -49.59
C TRP A 399 -18.69 -2.39 -48.38
N LYS A 400 -18.63 -1.08 -48.57
CA LYS A 400 -18.90 -0.16 -47.46
C LYS A 400 -20.33 -0.30 -46.96
N TYR A 401 -21.28 -0.50 -47.87
CA TYR A 401 -22.67 -0.72 -47.48
C TYR A 401 -22.81 -2.00 -46.67
N VAL A 402 -22.11 -3.06 -47.06
CA VAL A 402 -22.14 -4.29 -46.29
C VAL A 402 -21.63 -4.04 -44.87
N ALA A 403 -20.51 -3.31 -44.74
CA ALA A 403 -19.99 -3.01 -43.41
C ALA A 403 -20.99 -2.20 -42.59
N MET A 404 -21.66 -1.23 -43.23
CA MET A 404 -22.63 -0.40 -42.53
C MET A 404 -23.81 -1.23 -42.03
N VAL A 405 -24.33 -2.14 -42.85
CA VAL A 405 -25.46 -2.94 -42.37
C VAL A 405 -24.99 -3.87 -41.26
N ILE A 406 -23.75 -4.36 -41.34
CA ILE A 406 -23.24 -5.23 -40.27
C ILE A 406 -23.23 -4.49 -38.94
N ASP A 407 -22.64 -3.29 -38.91
CA ASP A 407 -22.55 -2.66 -37.61
C ASP A 407 -23.88 -2.07 -37.14
N HIS A 408 -24.83 -1.79 -38.04
CA HIS A 408 -26.18 -1.50 -37.57
C HIS A 408 -26.83 -2.73 -36.92
N ILE A 409 -26.61 -3.92 -37.49
CA ILE A 409 -27.10 -5.14 -36.85
C ILE A 409 -26.51 -5.27 -35.45
N LEU A 410 -25.20 -5.07 -35.33
CA LEU A 410 -24.57 -5.20 -34.02
C LEU A 410 -25.07 -4.15 -33.04
N LEU A 411 -25.30 -2.91 -33.51
CA LEU A 411 -25.83 -1.89 -32.63
C LEU A 411 -27.22 -2.23 -32.14
N CYS A 412 -28.06 -2.78 -33.02
CA CYS A 412 -29.39 -3.22 -32.58
C CYS A 412 -29.30 -4.34 -31.57
N VAL A 413 -28.37 -5.28 -31.77
CA VAL A 413 -28.19 -6.35 -30.79
C VAL A 413 -27.77 -5.78 -29.44
N PHE A 414 -26.86 -4.81 -29.45
CA PHE A 414 -26.43 -4.18 -28.20
C PHE A 414 -27.58 -3.46 -27.51
N MET A 415 -28.40 -2.74 -28.27
CA MET A 415 -29.55 -2.06 -27.66
C MET A 415 -30.53 -3.06 -27.07
N LEU A 416 -30.74 -4.18 -27.76
CA LEU A 416 -31.64 -5.21 -27.22
C LEU A 416 -31.09 -5.77 -25.91
N ILE A 417 -29.78 -6.04 -25.86
CA ILE A 417 -29.17 -6.51 -24.61
C ILE A 417 -29.36 -5.47 -23.51
N CYS A 418 -29.12 -4.20 -23.82
CA CYS A 418 -29.23 -3.15 -22.81
C CYS A 418 -30.66 -3.04 -22.28
N ILE A 419 -31.65 -3.09 -23.18
CA ILE A 419 -33.04 -2.97 -22.77
C ILE A 419 -33.46 -4.15 -21.91
N ILE A 420 -33.14 -5.37 -22.33
CA ILE A 420 -33.56 -6.52 -21.53
C ILE A 420 -32.83 -6.52 -20.19
N GLY A 421 -31.57 -6.08 -20.16
CA GLY A 421 -30.84 -6.03 -18.91
C GLY A 421 -31.41 -5.01 -17.95
N THR A 422 -31.80 -3.84 -18.45
CA THR A 422 -32.35 -2.82 -17.55
C THR A 422 -33.77 -3.15 -17.12
N VAL A 423 -34.52 -3.89 -17.95
CA VAL A 423 -35.84 -4.34 -17.51
C VAL A 423 -35.71 -5.43 -16.45
N SER A 424 -34.78 -6.37 -16.65
CA SER A 424 -34.63 -7.46 -15.70
C SER A 424 -34.17 -6.96 -14.34
N VAL A 425 -33.25 -6.00 -14.30
CA VAL A 425 -32.75 -5.50 -13.03
C VAL A 425 -33.81 -4.73 -12.28
N PHE A 426 -34.77 -4.14 -12.99
CA PHE A 426 -35.82 -3.35 -12.36
C PHE A 426 -36.99 -4.23 -11.92
N ASN B 2 -14.34 -28.71 50.43
CA ASN B 2 -13.56 -29.03 49.25
C ASN B 2 -12.21 -29.63 49.62
N GLU B 3 -12.02 -30.90 49.31
CA GLU B 3 -10.77 -31.59 49.58
C GLU B 3 -9.68 -31.28 48.56
N GLU B 4 -10.05 -30.66 47.44
CA GLU B 4 -9.04 -30.25 46.47
C GLU B 4 -8.06 -29.26 47.09
N GLU B 5 -8.54 -28.39 47.97
CA GLU B 5 -7.65 -27.44 48.64
C GLU B 5 -6.61 -28.15 49.48
N ARG B 6 -7.06 -29.14 50.27
CA ARG B 6 -6.12 -29.91 51.07
C ARG B 6 -5.13 -30.68 50.21
N LEU B 7 -5.61 -31.30 49.13
CA LEU B 7 -4.73 -32.06 48.26
C LEU B 7 -3.68 -31.16 47.62
N ILE B 8 -4.10 -29.99 47.12
CA ILE B 8 -3.17 -29.09 46.46
C ILE B 8 -2.16 -28.52 47.47
N ASN B 9 -2.62 -28.22 48.68
CA ASN B 9 -1.70 -27.75 49.72
C ASN B 9 -0.68 -28.83 50.06
N ASP B 10 -1.11 -30.09 50.14
CA ASP B 10 -0.17 -31.17 50.41
C ASP B 10 0.82 -31.34 49.26
N LEU B 11 0.34 -31.25 48.02
CA LEU B 11 1.20 -31.51 46.87
C LEU B 11 2.22 -30.40 46.68
N LEU B 12 1.82 -29.14 46.87
CA LEU B 12 2.67 -28.02 46.52
C LEU B 12 3.39 -27.40 47.72
N ILE B 13 2.77 -27.36 48.89
CA ILE B 13 3.32 -26.65 50.03
C ILE B 13 3.99 -27.59 51.02
N VAL B 14 3.26 -28.61 51.49
CA VAL B 14 3.82 -29.51 52.49
C VAL B 14 5.00 -30.28 51.93
N ASN B 15 4.90 -30.74 50.69
CA ASN B 15 5.98 -31.52 50.08
C ASN B 15 7.09 -30.66 49.49
N LYS B 16 6.98 -29.33 49.56
CA LYS B 16 8.01 -28.41 49.11
C LYS B 16 8.34 -28.63 47.63
N TYR B 17 7.33 -28.41 46.79
CA TYR B 17 7.49 -28.63 45.36
C TYR B 17 8.30 -27.49 44.75
N ASN B 18 9.42 -27.83 44.14
CA ASN B 18 10.30 -26.85 43.52
C ASN B 18 10.00 -26.83 42.02
N LYS B 19 9.42 -25.71 41.57
CA LYS B 19 8.98 -25.58 40.19
C LYS B 19 10.14 -25.60 39.20
N HIS B 20 11.37 -25.33 39.66
CA HIS B 20 12.52 -25.17 38.78
C HIS B 20 13.39 -26.41 38.73
N VAL B 21 12.90 -27.55 39.18
CA VAL B 21 13.62 -28.81 39.16
C VAL B 21 12.86 -29.81 38.31
N ARG B 22 13.58 -30.57 37.50
CA ARG B 22 12.95 -31.57 36.64
C ARG B 22 12.25 -32.64 37.48
N PRO B 23 11.16 -33.20 36.97
CA PRO B 23 10.45 -34.27 37.68
C PRO B 23 11.12 -35.63 37.52
N VAL B 24 12.30 -35.77 38.10
CA VAL B 24 13.05 -37.02 38.07
C VAL B 24 13.49 -37.37 39.48
N LYS B 25 13.47 -38.67 39.79
CA LYS B 25 13.94 -39.14 41.08
C LYS B 25 15.46 -39.20 41.15
N HIS B 26 16.14 -39.32 40.02
CA HIS B 26 17.60 -39.29 39.97
C HIS B 26 18.03 -38.35 38.85
N ASN B 27 19.17 -37.68 39.06
CA ASN B 27 19.60 -36.66 38.13
C ASN B 27 19.90 -37.23 36.74
N ASN B 28 20.31 -38.49 36.67
CA ASN B 28 20.66 -39.10 35.39
C ASN B 28 19.47 -39.65 34.63
N GLU B 29 18.27 -39.59 35.21
CA GLU B 29 17.08 -40.02 34.50
C GLU B 29 16.68 -38.96 33.46
N VAL B 30 15.73 -39.33 32.62
CA VAL B 30 15.28 -38.47 31.53
C VAL B 30 13.76 -38.34 31.62
N VAL B 31 13.26 -37.14 31.33
CA VAL B 31 11.82 -36.89 31.27
C VAL B 31 11.36 -37.08 29.84
N ASN B 32 10.29 -37.84 29.66
CA ASN B 32 9.72 -38.07 28.35
C ASN B 32 8.56 -37.09 28.14
N ILE B 33 8.64 -36.30 27.09
CA ILE B 33 7.60 -35.32 26.77
C ILE B 33 6.90 -35.80 25.51
N ALA B 34 5.63 -36.15 25.63
CA ALA B 34 4.82 -36.56 24.49
C ALA B 34 4.17 -35.33 23.90
N LEU B 35 4.33 -35.13 22.61
CA LEU B 35 3.99 -33.87 21.97
C LEU B 35 3.15 -34.14 20.73
N SER B 36 2.09 -33.35 20.55
CA SER B 36 1.27 -33.45 19.35
C SER B 36 0.64 -32.09 19.06
N LEU B 37 0.23 -31.92 17.82
CA LEU B 37 -0.30 -30.66 17.33
C LEU B 37 -1.70 -30.88 16.76
N THR B 38 -2.63 -30.00 17.13
CA THR B 38 -3.97 -29.98 16.56
C THR B 38 -4.14 -28.67 15.82
N LEU B 39 -4.43 -28.74 14.53
CA LEU B 39 -4.65 -27.55 13.73
C LEU B 39 -6.14 -27.22 13.74
N SER B 40 -6.48 -26.05 14.28
CA SER B 40 -7.87 -25.61 14.30
C SER B 40 -8.21 -24.67 13.16
N ASN B 41 -7.24 -23.93 12.64
CA ASN B 41 -7.47 -23.05 11.51
C ASN B 41 -6.17 -22.62 10.85
N LEU B 42 -6.08 -22.79 9.54
CA LEU B 42 -4.95 -22.27 8.76
C LEU B 42 -5.31 -20.84 8.39
N ILE B 43 -4.84 -19.89 9.20
CA ILE B 43 -5.31 -18.51 9.09
C ILE B 43 -4.90 -17.90 7.75
N SER B 44 -3.62 -18.00 7.40
CA SER B 44 -3.15 -17.39 6.18
C SER B 44 -1.78 -17.93 5.80
N LEU B 45 -1.40 -17.67 4.56
CA LEU B 45 -0.05 -17.91 4.06
C LEU B 45 0.32 -16.70 3.21
N LYS B 46 1.06 -15.77 3.79
CA LYS B 46 1.44 -14.55 3.08
C LYS B 46 2.69 -14.83 2.25
N GLU B 47 2.53 -14.91 0.93
CA GLU B 47 3.67 -15.24 0.07
C GLU B 47 4.70 -14.13 0.07
N THR B 48 4.26 -12.87 0.13
CA THR B 48 5.21 -11.76 0.13
C THR B 48 6.07 -11.78 1.38
N ASP B 49 5.47 -12.09 2.53
CA ASP B 49 6.21 -12.19 3.79
C ASP B 49 6.77 -13.60 4.04
N GLU B 50 6.38 -14.59 3.24
CA GLU B 50 6.80 -15.97 3.43
C GLU B 50 6.50 -16.46 4.83
N THR B 51 5.29 -16.15 5.31
CA THR B 51 4.88 -16.45 6.67
C THR B 51 3.62 -17.29 6.66
N LEU B 52 3.58 -18.31 7.50
CA LEU B 52 2.39 -19.13 7.70
C LEU B 52 1.83 -18.85 9.09
N THR B 53 0.59 -18.39 9.15
CA THR B 53 -0.08 -18.10 10.41
C THR B 53 -1.06 -19.22 10.72
N SER B 54 -0.94 -19.80 11.90
CA SER B 54 -1.73 -20.98 12.26
C SER B 54 -2.37 -20.79 13.62
N ASN B 55 -3.58 -21.33 13.76
CA ASN B 55 -4.25 -21.46 15.04
C ASN B 55 -4.18 -22.93 15.43
N VAL B 56 -3.37 -23.24 16.44
CA VAL B 56 -3.06 -24.62 16.79
C VAL B 56 -3.23 -24.82 18.29
N TRP B 57 -3.39 -26.09 18.67
CA TRP B 57 -3.38 -26.50 20.06
C TRP B 57 -2.19 -27.42 20.29
N MET B 58 -1.28 -27.01 21.17
CA MET B 58 -0.10 -27.78 21.51
C MET B 58 -0.46 -28.73 22.63
N ASP B 59 -0.30 -30.02 22.42
CA ASP B 59 -0.61 -31.03 23.43
C ASP B 59 0.69 -31.57 24.01
N HIS B 60 0.92 -31.34 25.29
CA HIS B 60 2.07 -31.86 26.01
C HIS B 60 1.60 -32.89 27.03
N ALA B 61 2.36 -33.95 27.19
CA ALA B 61 2.06 -34.94 28.23
C ALA B 61 3.35 -35.51 28.77
N TRP B 62 3.49 -35.47 30.09
CA TRP B 62 4.69 -35.99 30.74
C TRP B 62 4.29 -36.53 32.11
N TYR B 63 5.26 -37.13 32.79
CA TYR B 63 5.05 -37.72 34.11
C TYR B 63 5.82 -36.93 35.15
N ASP B 64 5.11 -36.49 36.20
CA ASP B 64 5.70 -35.82 37.33
C ASP B 64 5.44 -36.65 38.57
N HIS B 65 6.47 -37.34 39.06
CA HIS B 65 6.31 -38.21 40.22
C HIS B 65 6.00 -37.44 41.50
N ARG B 66 6.22 -36.12 41.53
CA ARG B 66 5.91 -35.33 42.70
C ARG B 66 4.43 -34.97 42.79
N LEU B 67 3.68 -35.09 41.70
CA LEU B 67 2.28 -34.74 41.66
C LEU B 67 1.40 -35.99 41.68
N THR B 68 1.83 -37.01 42.41
CA THR B 68 1.05 -38.23 42.59
C THR B 68 0.42 -38.23 43.98
N TRP B 69 -0.78 -38.78 44.05
CA TRP B 69 -1.49 -38.88 45.32
C TRP B 69 -2.35 -40.14 45.30
N ASN B 70 -2.76 -40.55 46.50
CA ASN B 70 -3.64 -41.70 46.67
C ASN B 70 -5.08 -41.19 46.64
N ALA B 71 -5.84 -41.65 45.64
CA ALA B 71 -7.19 -41.14 45.46
C ALA B 71 -8.12 -41.51 46.61
N SER B 72 -7.80 -42.56 47.37
CA SER B 72 -8.64 -42.96 48.48
C SER B 72 -8.32 -42.22 49.77
N GLU B 73 -7.06 -41.80 49.97
CA GLU B 73 -6.72 -41.03 51.16
C GLU B 73 -7.47 -39.72 51.20
N TYR B 74 -7.53 -39.03 50.07
CA TYR B 74 -8.40 -37.88 49.90
C TYR B 74 -9.76 -38.40 49.47
N SER B 75 -10.71 -37.50 49.20
CA SER B 75 -11.93 -37.95 48.56
C SER B 75 -11.58 -38.49 47.17
N ASP B 76 -12.57 -39.08 46.51
CA ASP B 76 -12.25 -39.77 45.26
C ASP B 76 -11.93 -38.76 44.17
N ILE B 77 -10.82 -38.05 44.33
CA ILE B 77 -10.38 -37.03 43.38
C ILE B 77 -9.50 -37.71 42.35
N SER B 78 -9.98 -37.80 41.11
CA SER B 78 -9.29 -38.50 40.06
C SER B 78 -8.60 -37.57 39.06
N ILE B 79 -8.72 -36.26 39.25
CA ILE B 79 -8.13 -35.30 38.33
C ILE B 79 -8.01 -33.97 39.05
N LEU B 80 -7.10 -33.12 38.58
CA LEU B 80 -6.81 -31.87 39.26
C LEU B 80 -6.31 -30.88 38.23
N ARG B 81 -6.68 -29.62 38.39
CA ARG B 81 -6.28 -28.56 37.48
C ARG B 81 -5.37 -27.59 38.22
N LEU B 82 -4.19 -27.36 37.67
CA LEU B 82 -3.21 -26.49 38.28
C LEU B 82 -2.70 -25.47 37.26
N PRO B 83 -2.51 -24.23 37.67
CA PRO B 83 -1.93 -23.24 36.77
C PRO B 83 -0.50 -23.61 36.41
N PRO B 84 -0.06 -23.34 35.18
CA PRO B 84 1.29 -23.74 34.78
C PRO B 84 2.41 -23.02 35.52
N GLU B 85 2.12 -21.91 36.21
CA GLU B 85 3.14 -21.19 36.93
C GLU B 85 3.37 -21.74 38.34
N LEU B 86 2.68 -22.80 38.72
CA LEU B 86 2.93 -23.47 39.99
C LEU B 86 3.67 -24.78 39.85
N VAL B 87 3.70 -25.36 38.65
CA VAL B 87 4.31 -26.66 38.42
C VAL B 87 5.38 -26.54 37.35
N TRP B 88 6.27 -27.53 37.31
CA TRP B 88 7.28 -27.58 36.27
C TRP B 88 6.62 -27.93 34.93
N ILE B 89 6.92 -27.16 33.90
CA ILE B 89 6.44 -27.47 32.56
C ILE B 89 7.64 -27.47 31.61
N PRO B 90 7.62 -28.29 30.57
CA PRO B 90 8.71 -28.24 29.58
C PRO B 90 8.54 -27.05 28.66
N ASP B 91 9.65 -26.36 28.42
CA ASP B 91 9.64 -25.18 27.56
C ASP B 91 9.91 -25.65 26.14
N ILE B 92 8.86 -25.89 25.39
CA ILE B 92 8.95 -26.27 23.98
C ILE B 92 8.67 -25.03 23.16
N VAL B 93 9.63 -24.63 22.32
CA VAL B 93 9.53 -23.39 21.58
C VAL B 93 9.51 -23.68 20.10
N LEU B 94 8.81 -22.83 19.36
CA LEU B 94 8.81 -22.86 17.89
C LEU B 94 10.08 -22.16 17.42
N GLN B 95 11.03 -22.94 16.89
CA GLN B 95 12.32 -22.36 16.55
C GLN B 95 12.27 -21.50 15.30
N ASN B 96 11.43 -21.85 14.33
CA ASN B 96 11.40 -21.15 13.05
C ASN B 96 10.29 -20.12 12.98
N ASN B 97 10.02 -19.43 14.09
CA ASN B 97 9.02 -18.38 14.08
C ASN B 97 9.55 -17.15 13.36
N ASN B 98 8.62 -16.32 12.89
CA ASN B 98 8.97 -15.08 12.20
C ASN B 98 9.05 -13.90 13.18
N ASP B 99 8.02 -13.73 14.00
CA ASP B 99 8.01 -12.71 15.02
C ASP B 99 8.73 -13.23 16.26
N GLY B 100 8.63 -12.48 17.36
CA GLY B 100 9.31 -12.88 18.58
C GLY B 100 8.47 -13.76 19.48
N GLN B 101 7.47 -14.43 18.92
CA GLN B 101 6.58 -15.29 19.68
C GLN B 101 7.09 -16.72 19.61
N TYR B 102 7.75 -17.16 20.68
CA TYR B 102 8.31 -18.50 20.75
C TYR B 102 7.39 -19.50 21.42
N HIS B 103 6.69 -19.09 22.47
CA HIS B 103 5.87 -19.99 23.27
C HIS B 103 4.41 -19.95 22.81
N VAL B 104 3.54 -20.51 23.63
CA VAL B 104 2.10 -20.45 23.39
C VAL B 104 1.57 -19.09 23.80
N ALA B 105 0.36 -18.79 23.35
CA ALA B 105 -0.25 -17.50 23.65
C ALA B 105 -0.87 -17.51 25.04
N TYR B 106 -1.72 -18.49 25.32
CA TYR B 106 -2.48 -18.57 26.56
C TYR B 106 -1.93 -19.69 27.41
N PHE B 107 -1.57 -19.38 28.65
CA PHE B 107 -1.02 -20.38 29.56
C PHE B 107 -2.16 -20.97 30.38
N CYS B 108 -2.82 -21.97 29.81
CA CYS B 108 -3.96 -22.60 30.45
C CYS B 108 -3.48 -23.57 31.53
N ASN B 109 -4.43 -24.03 32.34
CA ASN B 109 -4.12 -24.98 33.40
C ASN B 109 -3.66 -26.31 32.83
N VAL B 110 -2.84 -26.99 33.58
CA VAL B 110 -2.48 -28.36 33.29
C VAL B 110 -3.46 -29.28 34.00
N LEU B 111 -3.57 -30.51 33.52
CA LEU B 111 -4.43 -31.53 34.13
C LEU B 111 -3.55 -32.64 34.69
N VAL B 112 -3.77 -32.97 35.95
CA VAL B 112 -2.94 -33.93 36.67
C VAL B 112 -3.83 -35.08 37.14
N ARG B 113 -3.36 -36.29 36.99
CA ARG B 113 -4.01 -37.49 37.46
C ARG B 113 -3.29 -38.04 38.69
N PRO B 114 -3.94 -38.89 39.47
CA PRO B 114 -3.28 -39.37 40.71
C PRO B 114 -2.00 -40.13 40.48
N ASN B 115 -1.75 -40.63 39.27
CA ASN B 115 -0.49 -41.30 38.97
C ASN B 115 0.58 -40.36 38.44
N GLY B 116 0.31 -39.06 38.41
CA GLY B 116 1.30 -38.09 38.00
C GLY B 116 1.33 -37.75 36.53
N TYR B 117 0.35 -38.21 35.76
CA TYR B 117 0.31 -37.94 34.33
C TYR B 117 -0.21 -36.51 34.12
N VAL B 118 0.67 -35.61 33.70
CA VAL B 118 0.34 -34.21 33.51
C VAL B 118 0.09 -33.96 32.03
N THR B 119 -1.04 -33.33 31.71
CA THR B 119 -1.37 -32.97 30.35
C THR B 119 -1.60 -31.48 30.25
N TRP B 120 -1.12 -30.89 29.16
CA TRP B 120 -1.20 -29.45 28.96
C TRP B 120 -1.55 -29.19 27.51
N LEU B 121 -2.65 -28.49 27.27
CA LEU B 121 -3.17 -28.27 25.92
C LEU B 121 -3.45 -26.78 25.71
N PRO B 122 -2.41 -25.95 25.64
CA PRO B 122 -2.62 -24.53 25.42
C PRO B 122 -2.87 -24.23 23.95
N PRO B 123 -3.69 -23.24 23.64
CA PRO B 123 -3.83 -22.77 22.27
C PRO B 123 -2.74 -21.77 21.92
N ALA B 124 -2.50 -21.61 20.63
CA ALA B 124 -1.45 -20.71 20.18
C ALA B 124 -1.76 -20.19 18.79
N ILE B 125 -1.28 -19.00 18.50
CA ILE B 125 -1.20 -18.46 17.15
C ILE B 125 0.27 -18.40 16.78
N PHE B 126 0.68 -19.22 15.82
CA PHE B 126 2.08 -19.34 15.45
C PHE B 126 2.30 -18.70 14.09
N ARG B 127 3.35 -17.92 13.96
CA ARG B 127 3.75 -17.30 12.71
C ARG B 127 5.13 -17.85 12.35
N SER B 128 5.16 -18.84 11.47
CA SER B 128 6.38 -19.54 11.13
C SER B 128 6.92 -19.07 9.79
N SER B 129 8.20 -19.33 9.58
CA SER B 129 8.83 -19.06 8.29
C SER B 129 8.51 -20.18 7.32
N CYS B 130 7.98 -19.83 6.17
CA CYS B 130 7.72 -20.83 5.14
C CYS B 130 8.26 -20.34 3.80
N PRO B 131 9.38 -20.89 3.34
CA PRO B 131 9.85 -20.54 1.99
C PRO B 131 8.82 -20.90 0.94
N ILE B 132 8.68 -20.04 -0.06
CA ILE B 132 7.63 -20.16 -1.07
C ILE B 132 8.26 -20.57 -2.38
N ASN B 133 7.74 -21.65 -2.97
CA ASN B 133 8.16 -22.12 -4.29
C ASN B 133 7.21 -21.52 -5.30
N VAL B 134 7.66 -20.48 -5.99
CA VAL B 134 6.79 -19.70 -6.88
C VAL B 134 6.86 -20.24 -8.30
N LEU B 135 7.49 -21.40 -8.47
CA LEU B 135 7.78 -21.88 -9.83
C LEU B 135 6.51 -22.12 -10.64
N TYR B 136 5.47 -22.68 -10.02
CA TYR B 136 4.24 -23.02 -10.73
C TYR B 136 3.07 -22.15 -10.31
N PHE B 137 3.33 -20.98 -9.77
CA PHE B 137 2.25 -20.08 -9.38
C PHE B 137 1.40 -19.73 -10.59
N PRO B 138 0.05 -19.72 -10.46
CA PRO B 138 -0.75 -19.96 -9.26
C PRO B 138 -1.23 -21.39 -9.09
N PHE B 139 -0.63 -22.33 -9.82
CA PHE B 139 -0.97 -23.75 -9.72
C PHE B 139 -0.01 -24.48 -8.81
N ASP B 140 0.45 -23.81 -7.75
CA ASP B 140 1.54 -24.31 -6.92
C ASP B 140 1.02 -24.96 -5.65
N TRP B 141 1.88 -25.76 -5.05
CA TRP B 141 1.66 -26.33 -3.73
C TRP B 141 2.89 -26.01 -2.88
N GLN B 142 2.67 -25.78 -1.59
CA GLN B 142 3.73 -25.38 -0.69
C GLN B 142 3.95 -26.43 0.39
N ASN B 143 5.13 -26.39 0.99
CA ASN B 143 5.55 -27.37 1.98
C ASN B 143 6.05 -26.60 3.20
N CYS B 144 5.13 -26.23 4.07
CA CYS B 144 5.44 -25.51 5.29
C CYS B 144 5.71 -26.48 6.43
N SER B 145 6.44 -25.99 7.43
CA SER B 145 6.78 -26.83 8.57
C SER B 145 6.84 -25.99 9.83
N LEU B 146 6.55 -26.62 10.95
CA LEU B 146 6.70 -26.03 12.27
C LEU B 146 7.68 -26.90 13.06
N LYS B 147 8.83 -26.35 13.40
CA LYS B 147 9.89 -27.11 14.04
C LYS B 147 9.97 -26.70 15.52
N PHE B 148 9.79 -27.67 16.40
CA PHE B 148 9.71 -27.43 17.83
C PHE B 148 10.93 -28.05 18.51
N THR B 149 11.64 -27.23 19.29
CA THR B 149 12.83 -27.68 19.99
C THR B 149 12.67 -27.44 21.48
N ALA B 150 13.50 -28.12 22.25
CA ALA B 150 13.55 -27.98 23.70
C ALA B 150 14.88 -27.32 24.05
N LEU B 151 14.86 -26.01 24.25
CA LEU B 151 16.08 -25.25 24.48
C LEU B 151 16.42 -25.09 25.94
N ASN B 152 15.59 -25.59 26.85
CA ASN B 152 15.85 -25.46 28.28
C ASN B 152 16.59 -26.66 28.86
N TYR B 153 16.53 -27.81 28.22
CA TYR B 153 17.26 -28.98 28.66
C TYR B 153 17.83 -29.69 27.43
N ASP B 154 18.94 -30.39 27.64
CA ASP B 154 19.56 -31.12 26.56
C ASP B 154 18.91 -32.50 26.41
N ALA B 155 19.32 -33.21 25.34
CA ALA B 155 18.70 -34.49 25.02
C ALA B 155 18.98 -35.55 26.08
N ASN B 156 19.96 -35.34 26.95
CA ASN B 156 20.22 -36.25 28.06
C ASN B 156 19.28 -36.02 29.24
N GLU B 157 18.51 -34.95 29.24
CA GLU B 157 17.69 -34.57 30.37
C GLU B 157 16.20 -34.69 30.09
N ILE B 158 15.75 -34.27 28.91
CA ILE B 158 14.38 -34.53 28.46
C ILE B 158 14.43 -35.10 27.05
N THR B 159 13.47 -35.94 26.73
CA THR B 159 13.35 -36.56 25.41
C THR B 159 12.00 -36.20 24.81
N MET B 160 12.02 -35.56 23.65
CA MET B 160 10.79 -35.26 22.94
C MET B 160 10.31 -36.49 22.19
N ASP B 161 9.00 -36.63 22.07
CA ASP B 161 8.43 -37.77 21.37
C ASP B 161 7.09 -37.36 20.77
N LEU B 162 6.68 -38.07 19.72
CA LEU B 162 5.33 -37.95 19.23
C LEU B 162 4.40 -38.71 20.15
N MET B 163 3.24 -38.13 20.41
CA MET B 163 2.29 -38.73 21.34
C MET B 163 1.74 -40.03 20.74
N THR B 164 1.57 -41.03 21.59
CA THR B 164 1.06 -42.32 21.16
C THR B 164 -0.43 -42.40 21.37
N ASP B 165 -1.06 -43.39 20.73
CA ASP B 165 -2.49 -43.61 20.83
C ASP B 165 -2.78 -45.10 20.85
N THR B 166 -3.93 -45.45 21.42
CA THR B 166 -4.36 -46.84 21.53
C THR B 166 -5.57 -47.06 20.64
N ILE B 167 -5.58 -48.18 19.90
CA ILE B 167 -6.70 -48.55 19.06
C ILE B 167 -7.31 -49.87 19.47
N ASP B 168 -6.49 -50.87 19.80
CA ASP B 168 -6.98 -52.17 20.22
C ASP B 168 -6.14 -52.74 21.37
N GLY B 169 -5.49 -51.87 22.13
CA GLY B 169 -4.56 -52.29 23.16
C GLY B 169 -3.11 -52.14 22.77
N LYS B 170 -2.81 -51.86 21.51
CA LYS B 170 -1.45 -51.63 21.05
C LYS B 170 -1.24 -50.14 20.80
N ASP B 171 -0.05 -49.67 21.13
CA ASP B 171 0.28 -48.26 21.00
C ASP B 171 0.84 -47.97 19.61
N TYR B 172 0.37 -46.88 19.01
CA TYR B 172 0.97 -46.38 17.80
C TYR B 172 1.23 -44.89 17.94
N PRO B 173 2.35 -44.40 17.43
CA PRO B 173 2.61 -42.96 17.49
C PRO B 173 1.66 -42.19 16.60
N ILE B 174 1.35 -40.97 17.02
CA ILE B 174 0.54 -40.05 16.23
C ILE B 174 1.50 -39.28 15.34
N GLU B 175 1.67 -39.76 14.11
CA GLU B 175 2.67 -39.25 13.18
C GLU B 175 2.09 -38.26 12.20
N TRP B 176 1.11 -37.46 12.63
CA TRP B 176 0.46 -36.50 11.75
C TRP B 176 -0.10 -35.37 12.59
N ILE B 177 -0.44 -34.28 11.92
CA ILE B 177 -1.16 -33.19 12.56
C ILE B 177 -2.61 -33.60 12.74
N ILE B 178 -3.11 -33.49 13.96
CA ILE B 178 -4.49 -33.87 14.24
C ILE B 178 -5.43 -32.78 13.74
N ILE B 179 -6.47 -33.18 13.02
CA ILE B 179 -7.51 -32.28 12.58
C ILE B 179 -8.82 -32.78 13.17
N ASP B 180 -9.36 -32.04 14.14
CA ASP B 180 -10.61 -32.39 14.79
C ASP B 180 -11.77 -31.85 13.97
N PRO B 181 -12.66 -32.69 13.45
CA PRO B 181 -13.78 -32.16 12.65
C PRO B 181 -14.69 -31.23 13.41
N GLU B 182 -14.79 -31.38 14.73
CA GLU B 182 -15.58 -30.46 15.53
C GLU B 182 -14.91 -29.11 15.72
N ALA B 183 -13.63 -28.97 15.39
CA ALA B 183 -12.92 -27.73 15.63
C ALA B 183 -12.00 -27.35 14.48
N PHE B 184 -12.36 -27.69 13.24
CA PHE B 184 -11.55 -27.34 12.08
C PHE B 184 -12.38 -26.58 11.06
N THR B 185 -11.80 -25.50 10.53
CA THR B 185 -12.39 -24.71 9.46
C THR B 185 -11.51 -24.84 8.24
N GLU B 186 -12.11 -25.18 7.10
CA GLU B 186 -11.35 -25.45 5.89
C GLU B 186 -11.04 -24.13 5.18
N ASN B 187 -9.76 -23.90 4.92
CA ASN B 187 -9.34 -22.66 4.27
C ASN B 187 -9.84 -22.61 2.83
N GLY B 188 -10.36 -21.45 2.44
CA GLY B 188 -10.92 -21.32 1.11
C GLY B 188 -9.89 -21.28 0.01
N GLU B 189 -8.65 -20.91 0.32
CA GLU B 189 -7.60 -20.78 -0.67
C GLU B 189 -6.60 -21.92 -0.66
N TRP B 190 -6.40 -22.58 0.47
CA TRP B 190 -5.42 -23.65 0.60
C TRP B 190 -6.10 -24.93 1.02
N GLU B 191 -5.73 -26.03 0.37
CA GLU B 191 -6.24 -27.35 0.70
C GLU B 191 -5.08 -28.20 1.21
N ILE B 192 -5.27 -28.83 2.37
CA ILE B 192 -4.22 -29.63 2.99
C ILE B 192 -4.18 -31.00 2.33
N ILE B 193 -3.03 -31.35 1.76
CA ILE B 193 -2.82 -32.65 1.14
C ILE B 193 -2.18 -33.63 2.10
N HIS B 194 -1.05 -33.26 2.67
CA HIS B 194 -0.37 -34.09 3.66
C HIS B 194 -0.09 -33.27 4.90
N LYS B 195 0.03 -33.95 6.02
CA LYS B 195 0.33 -33.29 7.28
C LYS B 195 1.07 -34.23 8.22
N PRO B 196 2.28 -34.66 7.88
CA PRO B 196 3.00 -35.61 8.73
C PRO B 196 3.70 -34.93 9.89
N ALA B 197 4.10 -35.75 10.85
CA ALA B 197 4.90 -35.32 11.99
C ALA B 197 6.06 -36.28 12.16
N LYS B 198 7.25 -35.74 12.38
CA LYS B 198 8.45 -36.55 12.54
C LYS B 198 9.25 -36.06 13.73
N LYS B 199 9.89 -37.00 14.42
CA LYS B 199 10.86 -36.69 15.46
C LYS B 199 12.24 -36.87 14.87
N ASN B 200 12.93 -35.76 14.65
CA ASN B 200 14.24 -35.79 13.98
C ASN B 200 15.37 -35.75 15.00
N ILE B 201 16.35 -36.60 14.78
CA ILE B 201 17.57 -36.63 15.57
C ILE B 201 18.72 -36.29 14.63
N TYR B 202 19.61 -35.40 15.08
CA TYR B 202 20.75 -34.99 14.28
C TYR B 202 22.02 -35.62 14.83
N PRO B 203 22.49 -36.73 14.26
CA PRO B 203 23.62 -37.45 14.88
C PRO B 203 24.94 -36.70 14.77
N ASP B 204 25.05 -35.70 13.90
CA ASP B 204 26.28 -34.92 13.86
C ASP B 204 26.46 -34.02 15.08
N LYS B 205 25.43 -33.84 15.88
CA LYS B 205 25.52 -33.12 17.13
C LYS B 205 25.57 -34.11 18.29
N PHE B 206 25.56 -33.59 19.51
CA PHE B 206 25.68 -34.44 20.69
C PHE B 206 24.49 -34.25 21.61
N PRO B 207 24.17 -35.24 22.44
CA PRO B 207 23.19 -35.02 23.51
C PRO B 207 23.68 -34.08 24.60
N ASN B 208 24.91 -33.57 24.49
CA ASN B 208 25.37 -32.50 25.36
C ASN B 208 24.39 -31.34 25.38
N GLY B 209 23.89 -30.97 24.20
CA GLY B 209 23.20 -29.71 24.03
C GLY B 209 21.79 -29.81 23.52
N THR B 210 21.24 -28.67 23.11
CA THR B 210 19.82 -28.54 22.82
C THR B 210 19.51 -28.57 21.33
N ASN B 211 20.51 -28.80 20.47
CA ASN B 211 20.29 -28.87 19.04
C ASN B 211 20.36 -30.31 18.52
N TYR B 212 20.19 -31.29 19.40
CA TYR B 212 20.28 -32.69 19.02
C TYR B 212 18.94 -33.26 18.55
N GLN B 213 17.82 -32.67 18.96
CA GLN B 213 16.53 -33.26 18.67
C GLN B 213 15.51 -32.16 18.40
N ASP B 214 14.43 -32.54 17.73
CA ASP B 214 13.27 -31.66 17.57
C ASP B 214 12.11 -32.51 17.08
N VAL B 215 10.92 -31.92 17.13
CA VAL B 215 9.71 -32.49 16.54
C VAL B 215 9.19 -31.49 15.52
N THR B 216 9.02 -31.94 14.29
CA THR B 216 8.61 -31.08 13.20
C THR B 216 7.27 -31.54 12.66
N PHE B 217 6.35 -30.60 12.45
CA PHE B 217 5.05 -30.86 11.88
C PHE B 217 5.00 -30.22 10.50
N TYR B 218 4.80 -31.04 9.47
CA TYR B 218 4.80 -30.57 8.10
C TYR B 218 3.37 -30.36 7.61
N LEU B 219 3.24 -29.51 6.60
CA LEU B 219 1.93 -29.13 6.09
C LEU B 219 2.09 -28.89 4.59
N ILE B 220 1.80 -29.91 3.79
CA ILE B 220 1.82 -29.79 2.34
C ILE B 220 0.43 -29.37 1.89
N ILE B 221 0.34 -28.15 1.37
CA ILE B 221 -0.95 -27.54 1.04
C ILE B 221 -0.94 -27.14 -0.42
N ARG B 222 -2.05 -27.37 -1.10
CA ARG B 222 -2.21 -27.04 -2.50
C ARG B 222 -3.14 -25.84 -2.65
N ARG B 223 -2.71 -24.85 -3.43
CA ARG B 223 -3.53 -23.69 -3.68
C ARG B 223 -4.69 -24.03 -4.60
N LYS B 224 -5.86 -23.46 -4.31
CA LYS B 224 -7.00 -23.58 -5.19
C LYS B 224 -6.92 -22.46 -6.22
N PRO B 225 -6.69 -22.75 -7.49
CA PRO B 225 -6.35 -21.69 -8.47
C PRO B 225 -7.53 -21.09 -9.21
N LEU B 226 -8.78 -21.41 -8.84
CA LEU B 226 -9.93 -20.88 -9.57
C LEU B 226 -9.96 -19.35 -9.53
N PHE B 227 -9.65 -18.77 -8.37
CA PHE B 227 -9.65 -17.32 -8.24
C PHE B 227 -8.69 -16.67 -9.22
N TYR B 228 -7.44 -17.14 -9.24
CA TYR B 228 -6.43 -16.54 -10.13
C TYR B 228 -6.71 -16.86 -11.58
N VAL B 229 -7.23 -18.05 -11.87
CA VAL B 229 -7.55 -18.41 -13.25
C VAL B 229 -8.63 -17.49 -13.79
N ILE B 230 -9.68 -17.25 -12.99
CA ILE B 230 -10.78 -16.42 -13.46
C ILE B 230 -10.34 -14.96 -13.56
N ASN B 231 -9.64 -14.46 -12.55
CA ASN B 231 -9.44 -13.03 -12.41
C ASN B 231 -8.14 -12.51 -13.01
N PHE B 232 -7.16 -13.37 -13.26
CA PHE B 232 -5.88 -12.86 -13.76
C PHE B 232 -5.52 -13.44 -15.12
N ILE B 233 -5.65 -14.76 -15.27
CA ILE B 233 -5.16 -15.42 -16.46
C ILE B 233 -6.08 -15.19 -17.65
N THR B 234 -7.40 -15.28 -17.45
CA THR B 234 -8.34 -15.11 -18.56
C THR B 234 -8.27 -13.72 -19.19
N PRO B 235 -8.34 -12.61 -18.45
CA PRO B 235 -8.24 -11.31 -19.13
C PRO B 235 -6.93 -11.12 -19.86
N CYS B 236 -5.83 -11.61 -19.27
CA CYS B 236 -4.53 -11.49 -19.93
C CYS B 236 -4.50 -12.28 -21.23
N VAL B 237 -5.03 -13.49 -21.22
CA VAL B 237 -5.03 -14.31 -22.44
C VAL B 237 -5.87 -13.64 -23.52
N LEU B 238 -7.04 -13.13 -23.16
CA LEU B 238 -7.90 -12.50 -24.16
C LEU B 238 -7.25 -11.25 -24.76
N ILE B 239 -6.70 -10.39 -23.89
CA ILE B 239 -6.05 -9.19 -24.38
C ILE B 239 -4.85 -9.54 -25.25
N SER B 240 -4.14 -10.62 -24.89
CA SER B 240 -3.02 -11.07 -25.71
C SER B 240 -3.49 -11.51 -27.09
N PHE B 241 -4.59 -12.24 -27.16
CA PHE B 241 -5.09 -12.69 -28.45
C PHE B 241 -5.50 -11.52 -29.34
N LEU B 242 -5.93 -10.42 -28.72
CA LEU B 242 -6.18 -9.21 -29.49
C LEU B 242 -4.96 -8.78 -30.31
N ALA B 243 -3.75 -9.02 -29.81
CA ALA B 243 -2.56 -8.60 -30.53
C ALA B 243 -2.43 -9.34 -31.85
N SER B 244 -2.58 -10.67 -31.83
CA SER B 244 -2.54 -11.42 -33.08
C SER B 244 -3.69 -11.03 -33.98
N LEU B 245 -4.84 -10.68 -33.41
CA LEU B 245 -5.96 -10.22 -34.23
C LEU B 245 -5.65 -8.87 -34.89
N ALA B 246 -4.74 -8.10 -34.32
CA ALA B 246 -4.41 -6.79 -34.88
C ALA B 246 -3.79 -6.87 -36.28
N PHE B 247 -3.35 -8.05 -36.72
CA PHE B 247 -2.80 -8.19 -38.06
C PHE B 247 -3.87 -8.07 -39.14
N TYR B 248 -5.14 -8.18 -38.77
CA TYR B 248 -6.23 -8.21 -39.72
C TYR B 248 -6.74 -6.81 -40.06
N LEU B 249 -6.29 -5.79 -39.35
CA LEU B 249 -6.67 -4.41 -39.66
C LEU B 249 -5.94 -3.94 -40.90
N PRO B 250 -6.63 -3.30 -41.84
CA PRO B 250 -5.94 -2.75 -43.01
C PRO B 250 -5.05 -1.57 -42.63
N ALA B 251 -4.02 -1.35 -43.45
CA ALA B 251 -3.11 -0.24 -43.19
C ALA B 251 -3.78 1.11 -43.39
N GLU B 252 -4.83 1.17 -44.21
CA GLU B 252 -5.56 2.41 -44.40
C GLU B 252 -6.36 2.81 -43.17
N SER B 253 -6.66 1.87 -42.28
CA SER B 253 -7.43 2.19 -41.09
C SER B 253 -6.71 3.20 -40.21
N GLY B 254 -5.40 3.04 -40.05
CA GLY B 254 -4.65 3.91 -39.18
C GLY B 254 -4.74 3.56 -37.71
N GLU B 255 -4.99 2.28 -37.37
CA GLU B 255 -5.08 1.89 -35.97
C GLU B 255 -4.40 0.55 -35.69
N LYS B 256 -3.52 0.07 -36.57
CA LYS B 256 -2.77 -1.16 -36.30
C LYS B 256 -1.83 -0.96 -35.10
N MET B 257 -1.01 0.08 -35.17
CA MET B 257 -0.02 0.32 -34.13
C MET B 257 -0.70 0.61 -32.80
N SER B 258 -1.78 1.38 -32.81
CA SER B 258 -2.48 1.69 -31.57
C SER B 258 -3.01 0.44 -30.89
N THR B 259 -3.62 -0.46 -31.68
CA THR B 259 -4.15 -1.70 -31.12
C THR B 259 -3.03 -2.54 -30.51
N ALA B 260 -1.95 -2.75 -31.27
CA ALA B 260 -0.87 -3.59 -30.76
C ALA B 260 -0.23 -2.98 -29.52
N ILE B 261 -0.01 -1.67 -29.53
CA ILE B 261 0.63 -1.00 -28.39
C ILE B 261 -0.26 -1.08 -27.16
N SER B 262 -1.57 -0.90 -27.34
CA SER B 262 -2.47 -0.99 -26.20
C SER B 262 -2.47 -2.39 -25.62
N VAL B 263 -2.40 -3.41 -26.49
CA VAL B 263 -2.29 -4.78 -25.98
C VAL B 263 -1.01 -4.92 -25.15
N LEU B 264 0.09 -4.39 -25.64
CA LEU B 264 1.35 -4.48 -24.89
C LEU B 264 1.24 -3.77 -23.54
N LEU B 265 0.61 -2.61 -23.51
CA LEU B 265 0.48 -1.87 -22.25
C LEU B 265 -0.38 -2.63 -21.25
N ALA B 266 -1.48 -3.24 -21.71
CA ALA B 266 -2.30 -4.04 -20.82
C ALA B 266 -1.51 -5.23 -20.28
N GLN B 267 -0.70 -5.86 -21.14
CA GLN B 267 0.11 -6.97 -20.67
C GLN B 267 1.13 -6.51 -19.62
N ALA B 268 1.70 -5.32 -19.82
CA ALA B 268 2.64 -4.79 -18.84
C ALA B 268 1.94 -4.54 -17.50
N VAL B 269 0.72 -4.00 -17.54
CA VAL B 269 -0.03 -3.78 -16.31
C VAL B 269 -0.27 -5.10 -15.58
N PHE B 270 -0.67 -6.14 -16.34
CA PHE B 270 -0.90 -7.43 -15.70
C PHE B 270 0.39 -8.00 -15.11
N LEU B 271 1.51 -7.81 -15.81
CA LEU B 271 2.80 -8.27 -15.31
C LEU B 271 3.16 -7.57 -14.01
N LEU B 272 2.93 -6.26 -13.94
CA LEU B 272 3.27 -5.51 -12.72
C LEU B 272 2.38 -5.93 -11.56
N LEU B 273 1.08 -6.13 -11.82
CA LEU B 273 0.20 -6.58 -10.75
C LEU B 273 0.57 -7.98 -10.28
N THR B 274 1.02 -8.85 -11.19
CA THR B 274 1.52 -10.16 -10.77
C THR B 274 2.77 -10.01 -9.91
N SER B 275 3.68 -9.11 -10.32
CA SER B 275 4.88 -8.86 -9.53
C SER B 275 4.54 -8.40 -8.12
N GLN B 276 3.46 -7.64 -7.96
CA GLN B 276 3.07 -7.18 -6.63
C GLN B 276 2.69 -8.32 -5.69
N ARG B 277 2.35 -9.50 -6.21
CA ARG B 277 1.76 -10.55 -5.41
C ARG B 277 2.74 -11.66 -5.02
N LEU B 278 4.02 -11.51 -5.31
CA LEU B 278 4.96 -12.60 -5.04
C LEU B 278 6.19 -12.08 -4.34
N PRO B 279 6.88 -12.94 -3.58
CA PRO B 279 8.14 -12.53 -2.96
C PRO B 279 9.22 -12.28 -3.99
N GLU B 280 10.16 -11.41 -3.63
CA GLU B 280 11.24 -11.02 -4.54
C GLU B 280 12.39 -12.02 -4.51
N THR B 281 12.08 -13.30 -4.63
CA THR B 281 13.10 -14.34 -4.61
C THR B 281 13.58 -14.61 -6.03
N ALA B 282 14.80 -15.14 -6.12
CA ALA B 282 15.42 -15.43 -7.41
C ALA B 282 15.59 -16.93 -7.65
N LEU B 283 14.88 -17.76 -6.88
CA LEU B 283 14.97 -19.20 -7.10
C LEU B 283 14.40 -19.59 -8.45
N ALA B 284 13.26 -19.00 -8.83
CA ALA B 284 12.61 -19.33 -10.07
C ALA B 284 11.73 -18.17 -10.50
N VAL B 285 11.42 -18.15 -11.79
CA VAL B 285 10.44 -17.21 -12.34
C VAL B 285 9.09 -17.92 -12.32
N PRO B 286 8.04 -17.28 -11.82
CA PRO B 286 6.74 -17.95 -11.75
C PRO B 286 6.21 -18.29 -13.13
N LEU B 287 5.36 -19.31 -13.16
CA LEU B 287 4.78 -19.78 -14.42
C LEU B 287 4.00 -18.67 -15.12
N ILE B 288 3.17 -17.96 -14.37
CA ILE B 288 2.45 -16.82 -14.92
C ILE B 288 3.42 -15.73 -15.34
N GLY B 289 4.52 -15.56 -14.61
CA GLY B 289 5.54 -14.61 -15.03
C GLY B 289 6.20 -15.01 -16.33
N LYS B 290 6.51 -16.30 -16.49
CA LYS B 290 7.09 -16.76 -17.74
C LYS B 290 6.12 -16.55 -18.91
N TYR B 291 4.85 -16.86 -18.69
CA TYR B 291 3.86 -16.64 -19.74
C TYR B 291 3.77 -15.16 -20.11
N LEU B 292 3.76 -14.29 -19.10
CA LEU B 292 3.66 -12.86 -19.38
C LEU B 292 4.88 -12.35 -20.12
N MET B 293 6.08 -12.81 -19.73
CA MET B 293 7.29 -12.37 -20.44
C MET B 293 7.27 -12.84 -21.89
N PHE B 294 6.90 -14.10 -22.11
CA PHE B 294 6.83 -14.63 -23.47
C PHE B 294 5.81 -13.86 -24.30
N ILE B 295 4.65 -13.57 -23.72
CA ILE B 295 3.60 -12.90 -24.47
C ILE B 295 3.96 -11.45 -24.75
N MET B 296 4.65 -10.78 -23.83
CA MET B 296 5.09 -9.42 -24.09
C MET B 296 6.16 -9.38 -25.17
N SER B 297 7.08 -10.35 -25.17
CA SER B 297 8.07 -10.43 -26.24
C SER B 297 7.38 -10.65 -27.58
N LEU B 298 6.39 -11.54 -27.62
CA LEU B 298 5.71 -11.82 -28.88
C LEU B 298 4.90 -10.63 -29.36
N VAL B 299 4.27 -9.89 -28.42
CA VAL B 299 3.52 -8.70 -28.81
C VAL B 299 4.46 -7.60 -29.29
N THR B 300 5.66 -7.49 -28.71
CA THR B 300 6.64 -6.55 -29.25
C THR B 300 7.05 -6.94 -30.66
N GLY B 301 7.23 -8.24 -30.91
CA GLY B 301 7.46 -8.70 -32.27
C GLY B 301 6.33 -8.33 -33.21
N VAL B 302 5.09 -8.46 -32.73
CA VAL B 302 3.92 -8.08 -33.51
C VAL B 302 3.94 -6.59 -33.83
N ILE B 303 4.32 -5.76 -32.84
CA ILE B 303 4.38 -4.32 -33.05
C ILE B 303 5.42 -3.99 -34.11
N VAL B 304 6.60 -4.62 -34.00
CA VAL B 304 7.66 -4.39 -34.98
C VAL B 304 7.21 -4.78 -36.37
N ASN B 305 6.51 -5.91 -36.47
CA ASN B 305 6.15 -6.42 -37.78
C ASN B 305 5.00 -5.62 -38.38
N CYS B 306 4.10 -5.08 -37.54
CA CYS B 306 3.12 -4.12 -38.02
C CYS B 306 3.79 -2.85 -38.54
N GLY B 307 4.83 -2.40 -37.84
CA GLY B 307 5.58 -1.26 -38.34
C GLY B 307 6.22 -1.53 -39.69
N ILE B 308 6.76 -2.73 -39.87
CA ILE B 308 7.34 -3.10 -41.16
C ILE B 308 6.28 -3.13 -42.25
N VAL B 309 5.11 -3.68 -41.94
CA VAL B 309 4.01 -3.72 -42.89
C VAL B 309 3.61 -2.30 -43.29
N LEU B 310 3.50 -1.41 -42.31
CA LEU B 310 3.15 -0.03 -42.61
C LEU B 310 4.21 0.64 -43.46
N ASN B 311 5.49 0.36 -43.17
CA ASN B 311 6.56 0.93 -44.00
C ASN B 311 6.45 0.46 -45.44
N PHE B 312 6.14 -0.82 -45.63
CA PHE B 312 6.01 -1.34 -46.98
C PHE B 312 4.80 -0.77 -47.70
N HIS B 313 3.72 -0.53 -46.96
CA HIS B 313 2.47 -0.08 -47.58
C HIS B 313 2.59 1.33 -48.14
N PHE B 314 3.41 2.19 -47.51
CA PHE B 314 3.45 3.60 -47.85
C PHE B 314 4.63 3.96 -48.76
N ARG B 315 5.18 2.98 -49.47
CA ARG B 315 6.25 3.25 -50.41
C ARG B 315 5.69 3.75 -51.73
N THR B 316 6.46 4.58 -52.41
CA THR B 316 6.02 5.22 -53.64
C THR B 316 7.15 5.12 -54.65
N PRO B 317 6.83 5.23 -55.95
CA PRO B 317 7.89 5.26 -56.96
C PRO B 317 8.84 6.43 -56.80
N SER B 318 8.43 7.48 -56.10
CA SER B 318 9.27 8.64 -55.91
C SER B 318 10.41 8.40 -54.94
N THR B 319 10.33 7.38 -54.10
CA THR B 319 11.34 7.15 -53.08
C THR B 319 11.90 5.74 -53.12
N HIS B 320 11.09 4.78 -53.57
CA HIS B 320 11.49 3.38 -53.57
C HIS B 320 11.22 2.76 -54.94
N VAL B 321 11.95 1.69 -55.23
CA VAL B 321 11.80 0.94 -56.47
C VAL B 321 11.34 -0.47 -56.12
N LEU B 322 10.33 -0.96 -56.82
CA LEU B 322 9.81 -2.31 -56.62
C LEU B 322 10.64 -3.26 -57.46
N SER B 323 11.64 -3.88 -56.84
CA SER B 323 12.52 -4.78 -57.55
C SER B 323 11.78 -6.06 -57.91
N THR B 324 12.35 -6.81 -58.86
CA THR B 324 11.70 -8.02 -59.33
C THR B 324 11.70 -9.11 -58.26
N ARG B 325 12.75 -9.15 -57.44
CA ARG B 325 12.83 -10.19 -56.41
C ARG B 325 11.68 -10.08 -55.42
N VAL B 326 11.50 -8.88 -54.84
CA VAL B 326 10.43 -8.69 -53.88
C VAL B 326 9.07 -8.83 -54.57
N LYS B 327 8.98 -8.39 -55.83
CA LYS B 327 7.72 -8.49 -56.56
C LYS B 327 7.29 -9.93 -56.72
N GLN B 328 8.22 -10.81 -57.13
CA GLN B 328 7.87 -12.21 -57.31
C GLN B 328 7.73 -12.94 -55.99
N ILE B 329 8.44 -12.50 -54.94
CA ILE B 329 8.31 -13.18 -53.65
C ILE B 329 6.96 -12.87 -53.01
N PHE B 330 6.55 -11.61 -53.01
CA PHE B 330 5.36 -11.20 -52.27
C PHE B 330 4.15 -10.97 -53.17
N LEU B 331 4.24 -11.23 -54.47
CA LEU B 331 3.10 -11.10 -55.34
C LEU B 331 2.81 -12.35 -56.16
N GLU B 332 3.73 -13.29 -56.25
CA GLU B 332 3.54 -14.50 -57.04
C GLU B 332 3.56 -15.76 -56.18
N LYS B 333 4.61 -15.95 -55.39
CA LYS B 333 4.76 -17.19 -54.63
C LYS B 333 3.93 -17.18 -53.36
N LEU B 334 4.20 -16.23 -52.46
CA LEU B 334 3.57 -16.23 -51.15
C LEU B 334 2.04 -16.13 -51.21
N PRO B 335 1.42 -15.25 -52.00
CA PRO B 335 -0.04 -15.20 -52.02
C PRO B 335 -0.67 -16.53 -52.40
N ARG B 336 -0.05 -17.29 -53.28
CA ARG B 336 -0.54 -18.62 -53.62
C ARG B 336 -0.26 -19.62 -52.50
N ILE B 337 0.91 -19.51 -51.87
CA ILE B 337 1.25 -20.40 -50.77
C ILE B 337 0.29 -20.21 -49.59
N LEU B 338 0.00 -18.96 -49.26
CA LEU B 338 -0.87 -18.65 -48.13
C LEU B 338 -2.35 -18.71 -48.49
N HIS B 339 -2.68 -19.13 -49.71
CA HIS B 339 -4.06 -19.31 -50.15
C HIS B 339 -4.85 -18.01 -50.06
N MET B 340 -4.18 -16.89 -50.33
CA MET B 340 -4.84 -15.60 -50.30
C MET B 340 -5.81 -15.48 -51.47
N SER B 341 -6.83 -14.63 -51.29
CA SER B 341 -7.84 -14.44 -52.32
C SER B 341 -7.20 -13.90 -53.59
N ARG B 342 -7.64 -14.43 -54.72
CA ARG B 342 -7.10 -14.09 -56.04
C ARG B 342 -5.59 -14.35 -56.10
N HIS B 416 -4.76 29.48 -87.29
CA HIS B 416 -4.60 28.06 -87.54
C HIS B 416 -3.83 27.38 -86.41
N ASP B 417 -2.95 28.14 -85.76
CA ASP B 417 -2.14 27.60 -84.67
C ASP B 417 -2.97 27.32 -83.42
N GLU B 418 -4.22 27.78 -83.36
CA GLU B 418 -5.07 27.44 -82.22
C GLU B 418 -5.30 25.93 -82.16
N ILE B 419 -5.51 25.30 -83.32
CA ILE B 419 -5.70 23.85 -83.36
C ILE B 419 -4.44 23.15 -82.86
N LYS B 420 -3.26 23.60 -83.29
CA LYS B 420 -2.03 22.98 -82.85
C LYS B 420 -1.82 23.14 -81.35
N SER B 421 -2.14 24.33 -80.81
CA SER B 421 -2.02 24.55 -79.38
C SER B 421 -2.96 23.64 -78.61
N GLY B 422 -4.20 23.49 -79.08
CA GLY B 422 -5.13 22.59 -78.43
C GLY B 422 -4.67 21.14 -78.46
N ILE B 423 -4.13 20.70 -79.60
CA ILE B 423 -3.64 19.33 -79.71
C ILE B 423 -2.47 19.11 -78.75
N ASP B 424 -1.54 20.06 -78.69
CA ASP B 424 -0.42 19.92 -77.77
C ASP B 424 -0.89 19.89 -76.31
N SER B 425 -1.85 20.74 -75.96
CA SER B 425 -2.34 20.76 -74.59
C SER B 425 -3.03 19.46 -74.22
N THR B 426 -3.86 18.92 -75.11
CA THR B 426 -4.53 17.68 -74.78
C THR B 426 -3.57 16.50 -74.75
N ASN B 427 -2.53 16.52 -75.60
CA ASN B 427 -1.50 15.49 -75.51
C ASN B 427 -0.78 15.55 -74.18
N TYR B 428 -0.47 16.76 -73.71
CA TYR B 428 0.16 16.91 -72.39
C TYR B 428 -0.76 16.38 -71.29
N ILE B 429 -2.05 16.70 -71.36
CA ILE B 429 -2.99 16.22 -70.36
C ILE B 429 -3.02 14.70 -70.33
N VAL B 430 -3.08 14.09 -71.52
CA VAL B 430 -3.14 12.63 -71.60
C VAL B 430 -1.86 12.02 -71.03
N LYS B 431 -0.70 12.60 -71.35
CA LYS B 431 0.55 12.08 -70.83
C LYS B 431 0.59 12.14 -69.31
N GLN B 432 0.16 13.26 -68.73
CA GLN B 432 0.14 13.38 -67.28
C GLN B 432 -0.81 12.37 -66.64
N ILE B 433 -1.98 12.15 -67.26
CA ILE B 433 -2.91 11.18 -66.70
C ILE B 433 -2.32 9.77 -66.76
N LYS B 434 -1.63 9.44 -67.86
CA LYS B 434 -1.00 8.13 -67.95
C LYS B 434 0.06 7.94 -66.87
N GLU B 435 0.89 8.96 -66.66
CA GLU B 435 1.92 8.85 -65.63
C GLU B 435 1.30 8.70 -64.24
N LYS B 436 0.23 9.44 -63.98
CA LYS B 436 -0.46 9.30 -62.70
C LYS B 436 -1.02 7.90 -62.52
N ASN B 437 -1.56 7.32 -63.59
CA ASN B 437 -2.10 5.96 -63.51
C ASN B 437 -0.99 4.96 -63.21
N ALA B 438 0.17 5.11 -63.84
CA ALA B 438 1.28 4.21 -63.55
C ALA B 438 1.73 4.35 -62.10
N TYR B 439 1.79 5.58 -61.60
CA TYR B 439 2.16 5.82 -60.21
C TYR B 439 1.19 5.14 -59.26
N ASP B 440 -0.12 5.25 -59.54
CA ASP B 440 -1.12 4.61 -58.70
C ASP B 440 -1.00 3.08 -58.78
N GLU B 441 -0.66 2.55 -59.94
CA GLU B 441 -0.46 1.11 -60.07
C GLU B 441 0.69 0.63 -59.19
N GLU B 442 1.80 1.38 -59.18
CA GLU B 442 2.91 1.01 -58.30
C GLU B 442 2.50 1.08 -56.83
N VAL B 443 1.74 2.12 -56.47
CA VAL B 443 1.28 2.24 -55.08
C VAL B 443 0.41 1.04 -54.70
N GLY B 444 -0.49 0.63 -55.60
CA GLY B 444 -1.31 -0.54 -55.33
C GLY B 444 -0.50 -1.81 -55.18
N ASN B 445 0.57 -1.94 -55.98
CA ASN B 445 1.44 -3.10 -55.84
C ASN B 445 2.10 -3.12 -54.46
N TRP B 446 2.54 -1.95 -53.98
CA TRP B 446 3.10 -1.88 -52.64
C TRP B 446 2.06 -2.25 -51.59
N ASN B 447 0.81 -1.83 -51.80
CA ASN B 447 -0.25 -2.22 -50.89
C ASN B 447 -0.42 -3.73 -50.84
N LEU B 448 -0.41 -4.38 -52.00
CA LEU B 448 -0.53 -5.83 -52.02
C LEU B 448 0.66 -6.50 -51.34
N VAL B 449 1.84 -5.95 -51.51
CA VAL B 449 3.02 -6.50 -50.82
C VAL B 449 2.83 -6.43 -49.31
N GLY B 450 2.36 -5.29 -48.81
CA GLY B 450 2.11 -5.17 -47.38
C GLY B 450 1.07 -6.16 -46.89
N GLN B 451 0.01 -6.36 -47.68
CA GLN B 451 -1.02 -7.33 -47.30
C GLN B 451 -0.46 -8.73 -47.25
N THR B 452 0.39 -9.10 -48.21
CA THR B 452 1.01 -10.43 -48.16
C THR B 452 1.89 -10.56 -46.92
N ILE B 453 2.64 -9.51 -46.60
CA ILE B 453 3.55 -9.59 -45.46
C ILE B 453 2.76 -9.79 -44.17
N ASP B 454 1.67 -9.05 -43.98
CA ASP B 454 1.00 -9.20 -42.69
C ASP B 454 0.14 -10.45 -42.65
N ARG B 455 -0.31 -10.98 -43.79
CA ARG B 455 -0.95 -12.29 -43.77
C ARG B 455 0.03 -13.38 -43.37
N LEU B 456 1.23 -13.35 -43.93
CA LEU B 456 2.27 -14.30 -43.51
C LEU B 456 2.59 -14.12 -42.04
N SER B 457 2.63 -12.87 -41.58
CA SER B 457 2.89 -12.59 -40.17
C SER B 457 1.82 -13.20 -39.27
N MET B 458 0.55 -13.04 -39.64
CA MET B 458 -0.52 -13.63 -38.85
C MET B 458 -0.38 -15.14 -38.80
N PHE B 459 -0.23 -15.77 -39.97
CA PHE B 459 -0.11 -17.23 -40.01
C PHE B 459 1.12 -17.74 -39.26
N ILE B 460 2.14 -16.91 -39.09
CA ILE B 460 3.31 -17.37 -38.34
C ILE B 460 3.13 -17.15 -36.85
N ILE B 461 2.60 -15.99 -36.45
CA ILE B 461 2.64 -15.60 -35.05
C ILE B 461 1.44 -16.11 -34.26
N THR B 462 0.23 -16.08 -34.82
CA THR B 462 -0.91 -16.54 -34.02
C THR B 462 -0.81 -18.01 -33.60
N PRO B 463 -0.33 -18.96 -34.42
CA PRO B 463 -0.18 -20.33 -33.90
C PRO B 463 0.86 -20.42 -32.81
N VAL B 464 1.96 -19.67 -32.91
CA VAL B 464 2.94 -19.66 -31.84
C VAL B 464 2.31 -19.14 -30.55
N MET B 465 1.51 -18.08 -30.66
CA MET B 465 0.84 -17.53 -29.49
C MET B 465 -0.06 -18.56 -28.83
N VAL B 466 -0.94 -19.21 -29.62
CA VAL B 466 -1.91 -20.11 -29.01
C VAL B 466 -1.23 -21.36 -28.48
N LEU B 467 -0.26 -21.90 -29.21
CA LEU B 467 0.45 -23.08 -28.73
C LEU B 467 1.26 -22.77 -27.48
N GLY B 468 1.91 -21.60 -27.42
CA GLY B 468 2.64 -21.24 -26.22
C GLY B 468 1.72 -21.09 -25.03
N THR B 469 0.58 -20.44 -25.22
CA THR B 469 -0.39 -20.30 -24.13
C THR B 469 -0.85 -21.67 -23.64
N ILE B 470 -1.22 -22.55 -24.56
CA ILE B 470 -1.71 -23.87 -24.17
C ILE B 470 -0.63 -24.66 -23.46
N PHE B 471 0.60 -24.65 -23.99
CA PHE B 471 1.68 -25.39 -23.38
C PHE B 471 1.98 -24.89 -21.98
N ILE B 472 2.07 -23.57 -21.82
CA ILE B 472 2.41 -23.02 -20.50
C ILE B 472 1.32 -23.33 -19.49
N PHE B 473 0.05 -23.19 -19.89
CA PHE B 473 -1.03 -23.34 -18.93
C PHE B 473 -1.52 -24.77 -18.81
N VAL B 474 -0.97 -25.70 -19.58
CA VAL B 474 -1.16 -27.12 -19.35
C VAL B 474 -0.03 -27.71 -18.51
N MET B 475 1.20 -27.19 -18.70
CA MET B 475 2.30 -27.62 -17.84
C MET B 475 2.01 -27.30 -16.38
N GLY B 476 1.45 -26.12 -16.11
CA GLY B 476 1.10 -25.78 -14.75
C GLY B 476 -0.01 -26.63 -14.17
N ASN B 477 -1.03 -26.91 -14.98
CA ASN B 477 -2.14 -27.71 -14.49
C ASN B 477 -1.75 -29.16 -14.25
N PHE B 478 -0.66 -29.62 -14.86
CA PHE B 478 -0.12 -30.95 -14.59
C PHE B 478 0.95 -30.91 -13.52
N ASN B 479 0.63 -30.29 -12.38
CA ASN B 479 1.55 -30.12 -11.27
C ASN B 479 0.81 -30.49 -9.99
N HIS B 480 1.18 -31.60 -9.39
CA HIS B 480 0.50 -32.11 -8.21
C HIS B 480 1.51 -32.41 -7.12
N PRO B 481 1.09 -32.35 -5.85
CA PRO B 481 1.93 -32.86 -4.78
C PRO B 481 2.17 -34.35 -4.99
N PRO B 482 3.33 -34.86 -4.58
CA PRO B 482 3.77 -36.19 -5.02
C PRO B 482 3.04 -37.37 -4.38
N ALA B 483 1.93 -37.15 -3.69
CA ALA B 483 1.08 -38.18 -3.11
C ALA B 483 1.75 -38.93 -1.97
N LYS B 484 3.02 -38.66 -1.69
CA LYS B 484 3.74 -39.21 -0.55
C LYS B 484 4.80 -38.22 -0.11
N PRO B 485 4.72 -37.68 1.09
CA PRO B 485 5.82 -36.87 1.61
C PRO B 485 7.01 -37.76 1.90
N PHE B 486 8.20 -37.15 1.95
CA PHE B 486 9.43 -37.87 2.27
C PHE B 486 9.67 -38.98 1.25
N GLU B 487 10.03 -38.55 0.04
CA GLU B 487 10.15 -39.37 -1.16
C GLU B 487 10.68 -40.77 -0.90
N GLY B 488 11.72 -40.90 -0.10
CA GLY B 488 12.25 -42.21 0.19
C GLY B 488 11.45 -43.05 1.17
N ASP B 489 10.38 -42.50 1.74
CA ASP B 489 9.59 -43.17 2.76
C ASP B 489 8.29 -43.67 2.15
N PRO B 490 8.01 -44.98 2.17
CA PRO B 490 6.74 -45.48 1.64
C PRO B 490 5.54 -45.25 2.54
N PHE B 491 5.75 -44.85 3.79
CA PHE B 491 4.63 -44.65 4.71
C PHE B 491 3.80 -43.45 4.30
N ASP B 492 2.48 -43.57 4.48
CA ASP B 492 1.57 -42.54 4.03
C ASP B 492 1.43 -41.39 5.03
N TYR B 493 1.76 -41.61 6.31
CA TYR B 493 1.65 -40.59 7.34
C TYR B 493 0.23 -40.05 7.43
N SER B 494 -0.74 -40.92 7.26
CA SER B 494 -2.15 -40.55 7.23
C SER B 494 -2.87 -41.09 8.46
N SER B 495 -3.92 -40.39 8.86
CA SER B 495 -4.62 -40.71 10.09
C SER B 495 -5.38 -42.02 10.01
N ASP B 496 -5.68 -42.51 8.81
CA ASP B 496 -6.49 -43.70 8.66
C ASP B 496 -5.69 -45.00 8.68
N HIS B 497 -4.35 -44.93 8.63
CA HIS B 497 -3.50 -46.11 8.69
C HIS B 497 -2.25 -45.83 9.50
N PRO B 498 -2.35 -45.91 10.82
CA PRO B 498 -1.14 -45.87 11.64
C PRO B 498 -0.27 -47.10 11.40
N ARG B 499 1.04 -46.91 11.54
CA ARG B 499 1.97 -48.00 11.29
C ARG B 499 2.08 -48.92 12.49
N SER C 1 15.42 -33.85 41.34
CA SER C 1 15.64 -34.76 42.44
C SER C 1 15.80 -34.02 43.76
N VAL C 2 15.92 -34.78 44.85
CA VAL C 2 16.13 -34.17 46.16
C VAL C 2 17.53 -33.59 46.26
N MET C 3 18.52 -34.29 45.72
CA MET C 3 19.90 -33.81 45.81
C MET C 3 20.09 -32.53 44.99
N GLU C 4 19.46 -32.44 43.83
CA GLU C 4 19.51 -31.21 43.06
C GLU C 4 18.87 -30.05 43.82
N ASP C 5 17.77 -30.32 44.52
CA ASP C 5 17.14 -29.29 45.33
C ASP C 5 18.06 -28.84 46.46
N THR C 6 18.74 -29.78 47.11
CA THR C 6 19.70 -29.42 48.15
C THR C 6 20.82 -28.57 47.58
N LEU C 7 21.34 -28.94 46.41
CA LEU C 7 22.41 -28.17 45.78
C LEU C 7 21.94 -26.77 45.44
N LEU C 8 20.73 -26.63 44.91
CA LEU C 8 20.22 -25.29 44.60
C LEU C 8 20.03 -24.45 45.86
N SER C 9 19.57 -25.07 46.94
CA SER C 9 19.42 -24.34 48.19
C SER C 9 20.77 -23.87 48.72
N VAL C 10 21.80 -24.72 48.60
CA VAL C 10 23.13 -24.35 49.06
C VAL C 10 23.72 -23.23 48.21
N LEU C 11 23.59 -23.35 46.88
CA LEU C 11 24.24 -22.39 45.99
C LEU C 11 23.68 -20.99 46.14
N PHE C 12 22.36 -20.86 46.23
CA PHE C 12 21.69 -19.56 46.21
C PHE C 12 21.22 -19.12 47.58
N GLU C 13 21.95 -19.48 48.64
CA GLU C 13 21.56 -19.04 49.98
C GLU C 13 21.85 -17.55 50.18
N THR C 14 23.01 -17.08 49.70
CA THR C 14 23.37 -15.67 49.78
C THR C 14 23.83 -15.13 48.43
N TYR C 15 23.44 -15.79 47.35
CA TYR C 15 23.85 -15.35 46.02
C TYR C 15 23.02 -14.15 45.60
N ASN C 16 23.69 -13.11 45.13
CA ASN C 16 23.02 -11.91 44.67
C ASN C 16 23.23 -11.74 43.17
N PRO C 17 22.20 -11.91 42.33
CA PRO C 17 22.40 -11.76 40.88
C PRO C 17 22.61 -10.33 40.43
N LYS C 18 22.55 -9.35 41.34
CA LYS C 18 22.84 -7.97 40.99
C LYS C 18 24.32 -7.65 41.00
N VAL C 19 25.14 -8.53 41.56
CA VAL C 19 26.56 -8.28 41.78
C VAL C 19 27.37 -9.02 40.72
N ARG C 20 28.21 -8.27 40.01
CA ARG C 20 29.11 -8.89 39.05
C ARG C 20 30.13 -9.75 39.81
N PRO C 21 30.37 -10.98 39.39
CA PRO C 21 31.26 -11.85 40.17
C PRO C 21 32.72 -11.50 40.00
N ALA C 22 33.30 -10.87 41.02
CA ALA C 22 34.73 -10.56 41.05
C ALA C 22 35.27 -11.07 42.37
N GLN C 23 36.03 -12.16 42.32
CA GLN C 23 36.49 -12.81 43.55
C GLN C 23 37.31 -11.85 44.39
N THR C 24 38.12 -11.02 43.75
CA THR C 24 38.83 -9.93 44.41
C THR C 24 38.48 -8.62 43.74
N VAL C 25 38.52 -7.54 44.51
CA VAL C 25 38.23 -6.22 43.95
C VAL C 25 39.24 -5.89 42.87
N GLY C 26 38.75 -5.50 41.70
CA GLY C 26 39.59 -5.23 40.55
C GLY C 26 39.62 -6.31 39.50
N ASP C 27 39.10 -7.50 39.80
CA ASP C 27 39.06 -8.56 38.81
C ASP C 27 38.04 -8.26 37.73
N LYS C 28 38.33 -8.72 36.52
CA LYS C 28 37.45 -8.58 35.37
C LYS C 28 36.85 -9.93 35.02
N VAL C 29 35.60 -9.92 34.60
CA VAL C 29 34.92 -11.13 34.15
C VAL C 29 35.15 -11.27 32.65
N THR C 30 35.60 -12.44 32.22
CA THR C 30 35.79 -12.71 30.80
C THR C 30 34.51 -13.29 30.23
N VAL C 31 33.95 -12.62 29.23
CA VAL C 31 32.70 -13.02 28.60
C VAL C 31 33.00 -13.34 27.14
N ARG C 32 32.70 -14.58 26.73
CA ARG C 32 32.87 -14.97 25.35
C ARG C 32 31.55 -14.78 24.61
N VAL C 33 31.60 -14.07 23.49
CA VAL C 33 30.42 -13.70 22.74
C VAL C 33 30.49 -14.38 21.38
N GLY C 34 29.48 -15.18 21.07
CA GLY C 34 29.36 -15.79 19.76
C GLY C 34 27.95 -15.62 19.24
N LEU C 35 27.80 -15.83 17.94
CA LEU C 35 26.52 -15.70 17.29
C LEU C 35 26.27 -16.89 16.38
N THR C 36 25.04 -17.38 16.41
CA THR C 36 24.59 -18.41 15.48
C THR C 36 23.39 -17.87 14.72
N LEU C 37 23.46 -17.93 13.40
CA LEU C 37 22.38 -17.43 12.55
C LEU C 37 21.51 -18.61 12.12
N THR C 38 20.23 -18.56 12.48
CA THR C 38 19.31 -19.59 12.04
C THR C 38 18.51 -19.17 10.83
N ASN C 39 18.30 -17.86 10.62
CA ASN C 39 17.56 -17.40 9.46
C ASN C 39 17.74 -15.90 9.26
N LEU C 40 18.18 -15.50 8.07
CA LEU C 40 18.23 -14.09 7.70
C LEU C 40 16.87 -13.74 7.12
N LEU C 41 16.03 -13.10 7.93
CA LEU C 41 14.63 -12.96 7.57
C LEU C 41 14.41 -11.90 6.50
N ILE C 42 14.73 -10.64 6.81
CA ILE C 42 14.44 -9.53 5.93
C ILE C 42 15.65 -8.60 5.90
N LEU C 43 15.86 -7.96 4.76
CA LEU C 43 16.70 -6.77 4.66
C LEU C 43 15.83 -5.70 4.03
N ASN C 44 15.14 -4.94 4.88
CA ASN C 44 14.22 -3.90 4.41
C ASN C 44 15.03 -2.68 3.98
N GLU C 45 15.07 -2.43 2.67
CA GLU C 45 15.86 -1.31 2.17
C GLU C 45 15.16 0.03 2.38
N LYS C 46 13.84 0.01 2.55
CA LYS C 46 13.12 1.27 2.78
C LYS C 46 13.49 1.87 4.12
N ILE C 47 13.44 1.08 5.19
CA ILE C 47 13.77 1.58 6.52
C ILE C 47 15.21 1.29 6.92
N GLU C 48 15.96 0.57 6.09
CA GLU C 48 17.37 0.30 6.33
C GLU C 48 17.58 -0.44 7.67
N GLU C 49 17.00 -1.63 7.75
CA GLU C 49 17.21 -2.50 8.89
C GLU C 49 17.23 -3.94 8.41
N MET C 50 17.92 -4.79 9.18
CA MET C 50 18.02 -6.21 8.89
C MET C 50 17.38 -6.99 10.03
N THR C 51 16.49 -7.91 9.68
CA THR C 51 15.83 -8.78 10.65
C THR C 51 16.47 -10.15 10.59
N THR C 52 16.94 -10.64 11.72
CA THR C 52 17.61 -11.93 11.80
C THR C 52 17.07 -12.74 12.97
N ASN C 53 17.10 -14.05 12.81
CA ASN C 53 16.82 -14.99 13.87
C ASN C 53 18.15 -15.60 14.30
N VAL C 54 18.60 -15.28 15.52
CA VAL C 54 19.93 -15.64 15.95
C VAL C 54 19.89 -16.31 17.32
N PHE C 55 20.92 -17.10 17.58
CA PHE C 55 21.29 -17.55 18.92
C PHE C 55 22.52 -16.78 19.36
N LEU C 56 22.50 -16.29 20.59
CA LEU C 56 23.62 -15.54 21.15
C LEU C 56 24.35 -16.46 22.12
N ASN C 57 25.51 -16.95 21.72
CA ASN C 57 26.27 -17.90 22.52
C ASN C 57 27.19 -17.14 23.47
N LEU C 58 26.83 -17.10 24.75
CA LEU C 58 27.58 -16.39 25.77
C LEU C 58 28.12 -17.36 26.79
N ALA C 59 29.37 -17.15 27.21
CA ALA C 59 29.98 -17.99 28.23
C ALA C 59 30.85 -17.13 29.13
N TRP C 60 30.80 -17.39 30.43
CA TRP C 60 31.63 -16.70 31.40
C TRP C 60 31.82 -17.62 32.60
N THR C 61 32.48 -17.11 33.64
CA THR C 61 32.73 -17.90 34.84
C THR C 61 32.23 -17.13 36.05
N ASP C 62 31.45 -17.80 36.89
CA ASP C 62 30.96 -17.26 38.15
C ASP C 62 31.54 -18.11 39.27
N TYR C 63 32.45 -17.53 40.06
CA TYR C 63 33.12 -18.29 41.10
C TYR C 63 32.18 -18.68 42.23
N ARG C 64 31.05 -17.98 42.38
CA ARG C 64 30.10 -18.32 43.43
C ARG C 64 29.32 -19.59 43.14
N LEU C 65 29.24 -19.99 41.88
CA LEU C 65 28.50 -21.20 41.50
C LEU C 65 29.46 -22.38 41.33
N GLN C 66 30.10 -22.74 42.43
CA GLN C 66 31.05 -23.85 42.45
C GLN C 66 30.61 -24.87 43.50
N TRP C 67 30.78 -26.14 43.17
CA TRP C 67 30.43 -27.21 44.09
C TRP C 67 31.25 -28.44 43.75
N ASP C 68 31.29 -29.37 44.70
CA ASP C 68 31.99 -30.63 44.51
C ASP C 68 31.00 -31.71 44.09
N PRO C 69 31.14 -32.28 42.89
CA PRO C 69 30.15 -33.28 42.45
C PRO C 69 30.07 -34.50 43.35
N ALA C 70 31.18 -34.89 43.99
CA ALA C 70 31.17 -36.08 44.81
C ALA C 70 30.27 -35.92 46.04
N ALA C 71 30.06 -34.69 46.48
CA ALA C 71 29.21 -34.43 47.64
C ALA C 71 27.73 -34.29 47.28
N TYR C 72 27.39 -34.39 46.00
CA TYR C 72 26.02 -34.20 45.54
C TYR C 72 25.63 -35.26 44.54
N GLU C 73 26.00 -36.51 44.82
CA GLU C 73 25.58 -37.66 44.02
C GLU C 73 26.06 -37.54 42.58
N GLY C 74 27.22 -36.92 42.39
CA GLY C 74 27.82 -36.85 41.06
C GLY C 74 27.17 -35.88 40.10
N ILE C 75 26.44 -34.89 40.60
CA ILE C 75 25.89 -33.87 39.72
C ILE C 75 27.00 -32.97 39.23
N LYS C 76 27.15 -32.87 37.92
CA LYS C 76 28.23 -32.09 37.32
C LYS C 76 27.76 -30.79 36.69
N ASP C 77 26.49 -30.66 36.34
CA ASP C 77 26.00 -29.43 35.77
C ASP C 77 24.52 -29.27 36.08
N LEU C 78 24.06 -28.03 36.02
CA LEU C 78 22.66 -27.71 36.31
C LEU C 78 22.12 -26.79 35.24
N ARG C 79 20.81 -26.89 35.00
CA ARG C 79 20.09 -25.93 34.19
C ARG C 79 19.30 -25.03 35.13
N ILE C 80 19.66 -23.76 35.18
CA ILE C 80 19.10 -22.82 36.13
C ILE C 80 18.43 -21.71 35.33
N PRO C 81 17.26 -21.23 35.74
CA PRO C 81 16.63 -20.12 35.01
C PRO C 81 17.56 -18.92 34.96
N SER C 82 17.59 -18.25 33.81
CA SER C 82 18.58 -17.21 33.58
C SER C 82 18.40 -16.02 34.52
N SER C 83 17.21 -15.85 35.08
CA SER C 83 16.98 -14.73 35.98
C SER C 83 17.56 -14.95 37.37
N ASP C 84 17.96 -16.18 37.70
CA ASP C 84 18.46 -16.48 39.04
C ASP C 84 19.96 -16.21 39.19
N VAL C 85 20.67 -15.96 38.10
CA VAL C 85 22.11 -15.75 38.14
C VAL C 85 22.45 -14.41 37.52
N TRP C 86 23.61 -13.90 37.89
CA TRP C 86 24.14 -12.70 37.24
C TRP C 86 24.47 -13.02 35.79
N GLN C 87 24.07 -12.12 34.89
CA GLN C 87 24.54 -12.24 33.53
C GLN C 87 24.97 -10.86 33.03
N PRO C 88 25.94 -10.81 32.12
CA PRO C 88 26.30 -9.52 31.53
C PRO C 88 25.19 -9.02 30.63
N ASP C 89 25.01 -7.70 30.63
CA ASP C 89 23.95 -7.10 29.83
C ASP C 89 24.41 -6.95 28.38
N ILE C 90 24.71 -8.11 27.77
CA ILE C 90 25.15 -8.13 26.38
C ILE C 90 23.94 -7.86 25.49
N VAL C 91 23.96 -6.73 24.79
CA VAL C 91 22.82 -6.28 24.00
C VAL C 91 23.30 -5.91 22.60
N LEU C 92 22.36 -5.91 21.67
CA LEU C 92 22.63 -5.43 20.32
C LEU C 92 22.59 -3.91 20.34
N MET C 93 23.73 -3.28 20.13
CA MET C 93 23.81 -1.83 20.28
C MET C 93 23.18 -1.07 19.12
N ASN C 94 23.24 -1.60 17.91
CA ASN C 94 22.75 -0.89 16.73
C ASN C 94 21.39 -1.40 16.29
N ASN C 95 20.52 -1.73 17.23
CA ASN C 95 19.16 -2.11 16.89
C ASN C 95 18.40 -0.92 16.30
N ASN C 96 17.46 -1.22 15.42
CA ASN C 96 16.69 -0.15 14.78
C ASN C 96 15.47 0.23 15.61
N ASP C 97 14.80 -0.74 16.21
CA ASP C 97 13.72 -0.49 17.15
C ASP C 97 14.34 -0.26 18.53
N GLY C 98 13.51 -0.29 19.57
CA GLY C 98 14.04 -0.14 20.91
C GLY C 98 14.50 -1.41 21.58
N SER C 99 14.52 -2.53 20.87
CA SER C 99 14.83 -3.83 21.47
C SER C 99 16.34 -3.99 21.59
N PHE C 100 16.86 -3.85 22.81
CA PHE C 100 18.27 -4.11 23.05
C PHE C 100 18.52 -5.55 23.47
N GLU C 101 17.60 -6.12 24.25
CA GLU C 101 17.84 -7.40 24.90
C GLU C 101 17.27 -8.54 24.07
N ILE C 102 17.60 -9.76 24.50
CA ILE C 102 17.14 -10.99 23.88
C ILE C 102 15.63 -11.11 24.00
N THR C 103 15.04 -12.02 23.21
CA THR C 103 13.63 -12.33 23.31
C THR C 103 13.36 -13.56 24.16
N LEU C 104 14.10 -14.64 23.94
CA LEU C 104 13.87 -15.90 24.63
C LEU C 104 14.90 -16.07 25.74
N HIS C 105 14.43 -16.26 26.97
CA HIS C 105 15.30 -16.40 28.14
C HIS C 105 15.41 -17.88 28.49
N VAL C 106 16.29 -18.57 27.78
CA VAL C 106 16.51 -19.99 28.01
C VAL C 106 17.28 -20.16 29.32
N ASN C 107 17.28 -21.37 29.86
CA ASN C 107 18.04 -21.64 31.06
C ASN C 107 19.53 -21.52 30.79
N VAL C 108 20.26 -21.04 31.78
CA VAL C 108 21.72 -21.10 31.71
C VAL C 108 22.16 -22.51 32.08
N LEU C 109 23.32 -22.91 31.57
CA LEU C 109 23.95 -24.16 31.97
C LEU C 109 25.12 -23.82 32.87
N VAL C 110 25.06 -24.29 34.12
CA VAL C 110 26.09 -24.02 35.10
C VAL C 110 26.82 -25.33 35.38
N GLN C 111 28.13 -25.31 35.20
CA GLN C 111 28.95 -26.47 35.53
C GLN C 111 29.55 -26.32 36.92
N HIS C 112 30.02 -27.44 37.46
CA HIS C 112 30.52 -27.46 38.83
C HIS C 112 31.79 -26.64 39.01
N THR C 113 32.45 -26.27 37.92
CA THR C 113 33.64 -25.42 37.98
C THR C 113 33.30 -23.94 38.01
N GLY C 114 32.02 -23.59 37.94
CA GLY C 114 31.61 -22.21 37.85
C GLY C 114 31.40 -21.71 36.44
N ALA C 115 31.72 -22.50 35.43
CA ALA C 115 31.53 -22.06 34.05
C ALA C 115 30.05 -21.98 33.72
N VAL C 116 29.61 -20.81 33.26
CA VAL C 116 28.22 -20.55 32.93
C VAL C 116 28.14 -20.29 31.44
N SER C 117 27.29 -21.05 30.75
CA SER C 117 27.04 -20.85 29.34
C SER C 117 25.57 -20.54 29.13
N TRP C 118 25.29 -19.63 28.20
CA TRP C 118 23.93 -19.17 27.98
C TRP C 118 23.75 -18.94 26.49
N GLN C 119 22.71 -19.54 25.92
CA GLN C 119 22.43 -19.42 24.48
C GLN C 119 21.00 -18.96 24.27
N PRO C 120 20.69 -17.72 24.62
CA PRO C 120 19.35 -17.20 24.37
C PRO C 120 19.11 -16.94 22.89
N SER C 121 17.85 -17.00 22.51
CA SER C 121 17.43 -16.71 21.14
C SER C 121 16.77 -15.35 21.07
N ALA C 122 16.86 -14.73 19.89
CA ALA C 122 16.30 -13.41 19.72
C ALA C 122 15.93 -13.18 18.26
N ILE C 123 15.05 -12.23 18.04
CA ILE C 123 14.72 -11.74 16.70
C ILE C 123 15.17 -10.28 16.68
N TYR C 124 16.38 -10.05 16.20
CA TYR C 124 16.99 -8.73 16.14
C TYR C 124 16.67 -7.97 14.87
N ARG C 125 16.43 -6.68 15.03
CA ARG C 125 16.26 -5.75 13.93
C ARG C 125 17.34 -4.69 14.08
N SER C 126 18.38 -4.78 13.29
CA SER C 126 19.55 -3.92 13.42
C SER C 126 19.64 -2.97 12.22
N SER C 127 20.03 -1.73 12.49
CA SER C 127 20.14 -0.75 11.43
C SER C 127 21.31 -1.09 10.52
N CYS C 128 21.05 -1.08 9.21
CA CYS C 128 22.07 -1.33 8.19
C CYS C 128 22.06 -0.17 7.22
N THR C 129 23.23 0.41 6.98
CA THR C 129 23.35 1.50 6.02
C THR C 129 23.43 0.91 4.62
N ILE C 130 22.41 1.17 3.80
CA ILE C 130 22.30 0.58 2.48
C ILE C 130 23.06 1.44 1.48
N LYS C 131 23.97 0.83 0.73
CA LYS C 131 24.65 1.49 -0.38
C LYS C 131 23.83 1.25 -1.64
N VAL C 132 23.15 2.30 -2.11
CA VAL C 132 22.14 2.13 -3.16
C VAL C 132 22.72 2.24 -4.56
N MET C 133 24.03 2.47 -4.70
CA MET C 133 24.58 2.85 -6.00
C MET C 133 24.31 1.79 -7.06
N TYR C 134 24.52 0.52 -6.74
CA TYR C 134 24.42 -0.54 -7.72
C TYR C 134 23.15 -1.36 -7.58
N PHE C 135 22.14 -0.83 -6.91
CA PHE C 135 20.87 -1.53 -6.80
C PHE C 135 20.28 -1.75 -8.18
N PRO C 136 19.76 -2.95 -8.49
CA PRO C 136 19.64 -4.14 -7.65
C PRO C 136 20.79 -5.14 -7.77
N PHE C 137 21.86 -4.78 -8.47
CA PHE C 137 23.04 -5.64 -8.56
C PHE C 137 24.05 -5.31 -7.48
N ASP C 138 23.58 -5.25 -6.24
CA ASP C 138 24.37 -4.72 -5.14
C ASP C 138 24.63 -5.78 -4.09
N TRP C 139 25.71 -5.56 -3.34
CA TRP C 139 26.02 -6.34 -2.15
C TRP C 139 26.04 -5.40 -0.96
N GLN C 140 25.59 -5.90 0.19
CA GLN C 140 25.47 -5.07 1.37
C GLN C 140 26.36 -5.59 2.48
N ASN C 141 26.70 -4.70 3.40
CA ASN C 141 27.63 -4.98 4.48
C ASN C 141 26.89 -4.62 5.78
N CYS C 142 26.11 -5.55 6.28
CA CYS C 142 25.27 -5.34 7.46
C CYS C 142 25.96 -5.89 8.69
N THR C 143 26.08 -5.06 9.72
CA THR C 143 26.82 -5.40 10.92
C THR C 143 25.88 -5.54 12.11
N MET C 144 26.28 -6.37 13.07
CA MET C 144 25.59 -6.51 14.34
C MET C 144 26.60 -6.27 15.45
N VAL C 145 26.37 -5.22 16.23
CA VAL C 145 27.33 -4.77 17.24
C VAL C 145 26.83 -5.21 18.61
N PHE C 146 27.58 -6.10 19.25
CA PHE C 146 27.24 -6.61 20.57
C PHE C 146 28.24 -6.13 21.59
N LYS C 147 27.74 -5.67 22.73
CA LYS C 147 28.59 -5.26 23.85
C LYS C 147 27.70 -5.21 25.08
N SER C 148 28.34 -5.12 26.24
CA SER C 148 27.60 -4.98 27.49
C SER C 148 27.11 -3.55 27.63
N TYR C 149 25.80 -3.37 27.79
CA TYR C 149 25.26 -2.04 27.96
C TYR C 149 25.73 -1.42 29.28
N THR C 150 25.94 -2.26 30.30
CA THR C 150 26.29 -1.78 31.63
C THR C 150 27.79 -1.68 31.84
N TYR C 151 28.50 -2.78 31.69
CA TYR C 151 29.90 -2.86 32.10
C TYR C 151 30.83 -2.46 30.96
N ASP C 152 31.94 -1.84 31.33
CA ASP C 152 32.97 -1.39 30.40
C ASP C 152 34.19 -2.30 30.53
N THR C 153 35.27 -1.92 29.84
CA THR C 153 36.47 -2.75 29.82
C THR C 153 37.09 -2.91 31.20
N SER C 154 36.75 -2.04 32.15
CA SER C 154 37.25 -2.14 33.51
C SER C 154 36.56 -3.24 34.30
N GLU C 155 35.44 -3.76 33.82
CA GLU C 155 34.65 -4.74 34.55
C GLU C 155 34.51 -6.06 33.84
N VAL C 156 34.38 -6.07 32.51
CA VAL C 156 34.29 -7.29 31.74
C VAL C 156 35.27 -7.21 30.58
N THR C 157 35.65 -8.39 30.07
CA THR C 157 36.56 -8.52 28.94
C THR C 157 35.87 -9.39 27.90
N LEU C 158 35.43 -8.78 26.82
CA LEU C 158 34.77 -9.53 25.76
C LEU C 158 35.79 -10.29 24.94
N GLN C 159 35.47 -11.54 24.61
CA GLN C 159 36.33 -12.39 23.81
C GLN C 159 35.48 -13.07 22.76
N HIS C 160 36.11 -13.94 21.97
CA HIS C 160 35.44 -14.72 20.95
C HIS C 160 35.02 -16.06 21.52
N ALA C 161 33.93 -16.60 20.98
CA ALA C 161 33.46 -17.90 21.42
C ALA C 161 34.39 -19.00 20.93
N LEU C 162 34.33 -20.13 21.62
CA LEU C 162 35.11 -21.30 21.24
C LEU C 162 34.26 -22.30 20.47
N ASP C 163 34.93 -23.17 19.73
CA ASP C 163 34.24 -24.20 18.95
C ASP C 163 33.83 -25.35 19.87
N ALA C 164 33.34 -26.44 19.28
CA ALA C 164 32.84 -27.57 20.07
C ALA C 164 33.94 -28.15 20.95
N LYS C 165 35.09 -28.46 20.36
CA LYS C 165 36.28 -28.81 21.12
C LYS C 165 36.96 -27.50 21.49
N GLY C 166 36.83 -27.09 22.75
CA GLY C 166 37.18 -25.74 23.12
C GLY C 166 38.67 -25.48 23.11
N GLU C 167 39.26 -25.50 21.91
CA GLU C 167 40.68 -25.25 21.75
C GLU C 167 41.01 -24.04 20.90
N ARG C 168 40.09 -23.60 20.03
CA ARG C 168 40.34 -22.47 19.16
C ARG C 168 39.12 -21.56 19.12
N GLU C 169 39.38 -20.27 18.92
CA GLU C 169 38.31 -19.29 18.84
C GLU C 169 37.63 -19.35 17.48
N VAL C 170 36.33 -19.07 17.48
CA VAL C 170 35.54 -18.99 16.26
C VAL C 170 35.34 -17.51 15.96
N LYS C 171 36.08 -16.98 15.00
CA LYS C 171 35.98 -15.58 14.61
C LYS C 171 35.05 -15.41 13.41
N GLU C 172 33.83 -15.90 13.56
CA GLU C 172 32.85 -15.84 12.48
C GLU C 172 31.48 -16.20 13.04
N ILE C 173 30.45 -15.88 12.25
CA ILE C 173 29.10 -16.29 12.59
C ILE C 173 28.95 -17.78 12.30
N VAL C 174 28.41 -18.51 13.27
CA VAL C 174 28.21 -19.95 13.12
C VAL C 174 26.88 -20.18 12.40
N ILE C 175 26.91 -21.00 11.36
CA ILE C 175 25.70 -21.41 10.65
C ILE C 175 25.56 -22.92 10.75
N ASN C 176 24.43 -23.37 11.29
CA ASN C 176 24.16 -24.78 11.48
C ASN C 176 23.32 -25.27 10.32
N LYS C 177 23.83 -26.27 9.59
CA LYS C 177 23.13 -26.75 8.40
C LYS C 177 21.78 -27.36 8.73
N ASP C 178 21.66 -28.01 9.89
CA ASP C 178 20.39 -28.62 10.26
C ASP C 178 19.31 -27.56 10.49
N ALA C 179 19.68 -26.42 11.06
CA ALA C 179 18.73 -25.34 11.35
C ALA C 179 19.23 -24.06 10.69
N PHE C 180 18.93 -23.89 9.41
CA PHE C 180 19.25 -22.67 8.69
C PHE C 180 18.41 -22.61 7.43
N THR C 181 17.75 -21.50 7.20
CA THR C 181 16.92 -21.28 6.02
C THR C 181 17.59 -20.24 5.15
N GLU C 182 17.86 -20.60 3.89
CA GLU C 182 18.38 -19.64 2.94
C GLU C 182 17.34 -18.59 2.63
N ASN C 183 17.79 -17.34 2.51
CA ASN C 183 16.86 -16.23 2.27
C ASN C 183 16.15 -16.39 0.93
N GLY C 184 16.88 -16.77 -0.11
CA GLY C 184 16.34 -16.84 -1.44
C GLY C 184 16.50 -15.58 -2.26
N GLN C 185 16.76 -14.45 -1.62
CA GLN C 185 17.07 -13.22 -2.30
C GLN C 185 18.49 -12.73 -2.02
N TRP C 186 19.09 -13.14 -0.90
CA TRP C 186 20.44 -12.77 -0.54
C TRP C 186 21.26 -14.02 -0.30
N SER C 187 22.49 -14.02 -0.81
CA SER C 187 23.43 -15.09 -0.55
C SER C 187 24.56 -14.55 0.32
N ILE C 188 24.88 -15.26 1.38
CA ILE C 188 25.91 -14.81 2.32
C ILE C 188 27.28 -15.10 1.72
N GLU C 189 28.10 -14.06 1.58
CA GLU C 189 29.45 -14.21 1.05
C GLU C 189 30.48 -14.35 2.15
N HIS C 190 30.45 -13.46 3.13
CA HIS C 190 31.37 -13.50 4.25
C HIS C 190 30.58 -13.29 5.53
N LYS C 191 31.07 -13.88 6.63
CA LYS C 191 30.43 -13.70 7.94
C LYS C 191 31.49 -13.68 9.03
N PRO C 192 32.41 -12.73 8.98
CA PRO C 192 33.48 -12.68 9.99
C PRO C 192 32.99 -12.04 11.28
N SER C 193 33.82 -12.14 12.31
CA SER C 193 33.56 -11.52 13.60
C SER C 193 34.84 -10.81 14.03
N ARG C 194 34.69 -9.68 14.74
CA ARG C 194 35.86 -8.92 15.13
C ARG C 194 35.56 -8.11 16.37
N LYS C 195 36.60 -7.86 17.16
CA LYS C 195 36.52 -7.00 18.32
C LYS C 195 36.99 -5.60 17.95
N ASN C 196 36.24 -4.59 18.34
CA ASN C 196 36.54 -3.21 17.98
C ASN C 196 36.72 -2.37 19.24
N TRP C 197 37.70 -1.49 19.19
CA TRP C 197 37.95 -0.50 20.24
C TRP C 197 37.75 0.90 19.67
N ARG C 198 37.85 1.89 20.55
CA ARG C 198 37.78 3.29 20.15
C ARG C 198 38.97 4.02 20.73
N SER C 199 39.71 4.73 19.88
CA SER C 199 40.93 5.41 20.35
C SER C 199 40.61 6.55 21.29
N ASP C 200 39.41 7.13 21.18
CA ASP C 200 39.00 8.24 22.04
C ASP C 200 38.30 7.77 23.30
N ASP C 201 38.13 6.47 23.48
CA ASP C 201 37.39 5.92 24.62
C ASP C 201 38.06 4.61 25.02
N PRO C 202 38.92 4.64 26.05
CA PRO C 202 39.60 3.41 26.46
C PRO C 202 38.72 2.45 27.24
N SER C 203 37.48 2.83 27.55
CA SER C 203 36.55 1.96 28.25
C SER C 203 35.56 1.29 27.30
N TYR C 204 35.75 1.42 25.99
CA TYR C 204 34.83 0.89 25.02
C TYR C 204 35.41 -0.36 24.36
N GLU C 205 34.56 -1.36 24.19
CA GLU C 205 34.92 -2.57 23.47
C GLU C 205 33.65 -3.31 23.10
N ASP C 206 33.57 -3.78 21.86
CA ASP C 206 32.42 -4.55 21.41
C ASP C 206 32.90 -5.68 20.53
N VAL C 207 32.01 -6.64 20.29
CA VAL C 207 32.22 -7.69 19.31
C VAL C 207 31.21 -7.48 18.20
N THR C 208 31.69 -7.29 16.98
CA THR C 208 30.85 -6.99 15.83
C THR C 208 30.86 -8.18 14.88
N PHE C 209 29.68 -8.57 14.42
CA PHE C 209 29.51 -9.64 13.44
C PHE C 209 29.07 -9.02 12.12
N TYR C 210 29.81 -9.30 11.06
CA TYR C 210 29.56 -8.71 9.75
C TYR C 210 28.93 -9.74 8.83
N LEU C 211 27.90 -9.30 8.09
CA LEU C 211 27.24 -10.15 7.10
C LEU C 211 27.41 -9.49 5.74
N ILE C 212 28.31 -10.02 4.93
CA ILE C 212 28.52 -9.53 3.57
C ILE C 212 27.61 -10.34 2.68
N ILE C 213 26.50 -9.75 2.27
CA ILE C 213 25.46 -10.46 1.54
C ILE C 213 25.31 -9.84 0.16
N GLN C 214 25.07 -10.69 -0.83
CA GLN C 214 24.91 -10.25 -2.22
C GLN C 214 23.48 -10.53 -2.66
N ARG C 215 22.86 -9.56 -3.30
CA ARG C 215 21.49 -9.71 -3.78
C ARG C 215 21.45 -10.56 -5.03
N LYS C 216 20.38 -11.32 -5.18
CA LYS C 216 20.14 -12.08 -6.40
C LYS C 216 19.10 -11.34 -7.22
N PRO C 217 19.47 -10.73 -8.34
CA PRO C 217 18.62 -9.71 -8.95
C PRO C 217 17.61 -10.20 -9.97
N LEU C 218 17.32 -11.51 -9.98
CA LEU C 218 16.48 -12.06 -11.04
C LEU C 218 15.09 -11.43 -11.05
N PHE C 219 14.51 -11.21 -9.87
CA PHE C 219 13.19 -10.59 -9.79
C PHE C 219 13.17 -9.24 -10.49
N TYR C 220 14.12 -8.38 -10.14
CA TYR C 220 14.17 -7.04 -10.72
C TYR C 220 14.46 -7.11 -12.21
N ILE C 221 15.35 -8.01 -12.63
CA ILE C 221 15.59 -8.21 -14.05
C ILE C 221 14.27 -8.48 -14.77
N VAL C 222 13.60 -9.56 -14.38
CA VAL C 222 12.40 -10.00 -15.09
C VAL C 222 11.32 -8.92 -15.07
N TYR C 223 11.12 -8.27 -13.92
CA TYR C 223 9.96 -7.40 -13.77
C TYR C 223 10.25 -5.94 -14.10
N THR C 224 11.48 -5.55 -14.35
CA THR C 224 11.71 -4.18 -14.74
C THR C 224 12.58 -4.01 -15.98
N ILE C 225 13.64 -4.81 -16.12
CA ILE C 225 14.67 -4.49 -17.10
C ILE C 225 14.23 -4.91 -18.49
N ILE C 226 13.74 -6.14 -18.63
CA ILE C 226 13.30 -6.62 -19.94
C ILE C 226 12.13 -5.82 -20.48
N PRO C 227 11.08 -5.50 -19.70
CA PRO C 227 10.05 -4.61 -20.24
C PRO C 227 10.58 -3.27 -20.72
N CYS C 228 11.54 -2.69 -20.00
CA CYS C 228 12.12 -1.44 -20.46
C CYS C 228 12.96 -1.65 -21.71
N ILE C 229 13.55 -2.83 -21.88
CA ILE C 229 14.25 -3.14 -23.12
C ILE C 229 13.28 -3.17 -24.29
N LEU C 230 12.10 -3.78 -24.09
CA LEU C 230 11.09 -3.77 -25.13
C LEU C 230 10.61 -2.35 -25.43
N ILE C 231 10.46 -1.53 -24.40
CA ILE C 231 10.06 -0.14 -24.60
C ILE C 231 11.10 0.61 -25.41
N SER C 232 12.39 0.40 -25.11
CA SER C 232 13.44 1.05 -25.87
C SER C 232 13.46 0.56 -27.32
N ILE C 233 13.14 -0.72 -27.53
CA ILE C 233 13.04 -1.23 -28.90
C ILE C 233 11.93 -0.50 -29.65
N LEU C 234 10.80 -0.27 -28.99
CA LEU C 234 9.72 0.50 -29.63
C LEU C 234 10.16 1.93 -29.93
N ALA C 235 10.91 2.54 -29.01
CA ALA C 235 11.41 3.89 -29.23
C ALA C 235 12.36 3.95 -30.40
N ILE C 236 13.12 2.89 -30.65
CA ILE C 236 13.93 2.83 -31.87
C ILE C 236 13.04 2.62 -33.08
N LEU C 237 12.01 1.78 -32.94
CA LEU C 237 11.14 1.44 -34.05
C LEU C 237 10.42 2.65 -34.62
N VAL C 238 10.06 3.61 -33.77
CA VAL C 238 9.25 4.73 -34.23
C VAL C 238 9.89 5.44 -35.42
N PHE C 239 11.19 5.32 -35.60
CA PHE C 239 11.89 5.95 -36.70
C PHE C 239 11.87 5.12 -37.97
N TYR C 240 11.22 3.96 -37.95
CA TYR C 240 11.01 3.21 -39.18
C TYR C 240 9.61 3.42 -39.75
N LEU C 241 8.68 3.90 -38.93
CA LEU C 241 7.34 4.19 -39.40
C LEU C 241 7.35 5.34 -40.40
N PRO C 242 6.54 5.28 -41.44
CA PRO C 242 6.42 6.40 -42.35
C PRO C 242 5.53 7.48 -41.76
N PRO C 243 5.82 8.75 -42.01
CA PRO C 243 4.99 9.82 -41.45
C PRO C 243 3.54 9.76 -41.91
N ASP C 244 3.27 9.16 -43.07
CA ASP C 244 1.90 9.06 -43.57
C ASP C 244 1.02 8.15 -42.73
N ALA C 245 1.62 7.25 -41.94
CA ALA C 245 0.82 6.31 -41.16
C ALA C 245 -0.03 7.01 -40.11
N GLY C 246 0.44 8.14 -39.59
CA GLY C 246 -0.32 8.84 -38.57
C GLY C 246 -0.25 8.23 -37.20
N GLU C 247 0.76 7.40 -36.94
CA GLU C 247 0.88 6.69 -35.67
C GLU C 247 2.24 6.86 -35.02
N LYS C 248 3.01 7.85 -35.46
CA LYS C 248 4.34 8.08 -34.89
C LYS C 248 4.23 8.57 -33.45
N MET C 249 3.35 9.54 -33.21
CA MET C 249 3.14 10.04 -31.85
C MET C 249 2.58 8.95 -30.95
N SER C 250 1.64 8.16 -31.44
CA SER C 250 1.07 7.10 -30.61
C SER C 250 2.17 6.19 -30.07
N LEU C 251 3.04 5.70 -30.96
CA LEU C 251 4.08 4.78 -30.55
C LEU C 251 5.07 5.45 -29.59
N SER C 252 5.59 6.63 -29.96
CA SER C 252 6.63 7.24 -29.14
C SER C 252 6.09 7.67 -27.78
N ILE C 253 4.90 8.27 -27.75
CA ILE C 253 4.31 8.70 -26.50
C ILE C 253 3.93 7.53 -25.62
N SER C 254 3.41 6.45 -26.22
CA SER C 254 3.10 5.27 -25.42
C SER C 254 4.35 4.69 -24.78
N ALA C 255 5.46 4.65 -25.53
CA ALA C 255 6.70 4.19 -24.94
C ALA C 255 7.13 5.08 -23.78
N LEU C 256 7.01 6.41 -23.95
CA LEU C 256 7.40 7.32 -22.88
C LEU C 256 6.55 7.12 -21.63
N LEU C 257 5.24 7.00 -21.82
CA LEU C 257 4.35 6.80 -20.68
C LEU C 257 4.63 5.47 -19.99
N ALA C 258 4.92 4.42 -20.76
CA ALA C 258 5.24 3.12 -20.17
C ALA C 258 6.49 3.21 -19.32
N VAL C 259 7.55 3.84 -19.84
CA VAL C 259 8.78 3.89 -19.07
C VAL C 259 8.60 4.77 -17.83
N THR C 260 7.80 5.84 -17.94
CA THR C 260 7.54 6.67 -16.77
C THR C 260 6.78 5.89 -15.69
N VAL C 261 5.80 5.09 -16.11
CA VAL C 261 5.05 4.27 -15.15
C VAL C 261 5.99 3.27 -14.48
N PHE C 262 6.89 2.66 -15.26
CA PHE C 262 7.84 1.72 -14.67
C PHE C 262 8.73 2.41 -13.65
N LEU C 263 9.19 3.63 -13.95
CA LEU C 263 9.98 4.37 -12.98
C LEU C 263 9.19 4.63 -11.71
N LEU C 264 7.95 5.07 -11.85
CA LEU C 264 7.14 5.40 -10.68
C LEU C 264 6.91 4.16 -9.81
N LEU C 265 6.60 3.03 -10.43
CA LEU C 265 6.34 1.82 -9.65
C LEU C 265 7.61 1.22 -9.06
N LEU C 266 8.75 1.42 -9.71
CA LEU C 266 10.00 0.97 -9.13
C LEU C 266 10.46 1.90 -8.01
N ALA C 267 9.97 3.14 -7.97
CA ALA C 267 10.34 4.06 -6.91
C ALA C 267 9.84 3.58 -5.55
N ASP C 268 8.95 2.59 -5.56
CA ASP C 268 8.46 1.99 -4.31
C ASP C 268 9.51 1.09 -3.67
N LYS C 269 10.22 0.30 -4.49
CA LYS C 269 11.12 -0.72 -3.96
C LYS C 269 12.53 -0.21 -3.70
N VAL C 270 12.88 1.00 -4.16
CA VAL C 270 14.24 1.51 -4.00
C VAL C 270 14.34 2.27 -2.68
N PRO C 271 15.50 2.32 -2.06
CA PRO C 271 15.66 3.12 -0.84
C PRO C 271 15.54 4.61 -1.15
N GLU C 272 15.17 5.36 -0.11
CA GLU C 272 14.85 6.78 -0.27
C GLU C 272 16.00 7.70 0.14
N THR C 273 17.20 7.13 0.29
CA THR C 273 18.36 7.94 0.64
C THR C 273 18.85 8.71 -0.59
N SER C 274 19.54 9.82 -0.33
CA SER C 274 19.91 10.77 -1.37
C SER C 274 21.42 10.88 -1.53
N LEU C 275 22.16 9.84 -1.16
CA LEU C 275 23.61 9.86 -1.32
C LEU C 275 24.05 9.41 -2.71
N SER C 276 23.20 8.69 -3.44
CA SER C 276 23.53 8.23 -4.78
C SER C 276 22.24 7.79 -5.46
N VAL C 277 22.34 7.53 -6.75
CA VAL C 277 21.22 7.08 -7.57
C VAL C 277 21.48 5.64 -7.98
N PRO C 278 20.56 4.72 -7.72
CA PRO C 278 20.79 3.33 -8.12
C PRO C 278 20.93 3.16 -9.63
N ILE C 279 21.69 2.15 -10.02
CA ILE C 279 21.95 1.90 -11.44
C ILE C 279 20.66 1.64 -12.19
N ILE C 280 19.66 1.05 -11.54
CA ILE C 280 18.40 0.77 -12.20
C ILE C 280 17.65 2.07 -12.48
N ILE C 281 17.68 3.01 -11.53
CA ILE C 281 17.02 4.29 -11.74
C ILE C 281 17.74 5.10 -12.80
N ARG C 282 19.07 5.02 -12.83
CA ARG C 282 19.83 5.71 -13.87
C ARG C 282 19.51 5.15 -15.25
N TYR C 283 19.39 3.82 -15.35
CA TYR C 283 18.99 3.22 -16.62
C TYR C 283 17.60 3.65 -17.03
N LEU C 284 16.67 3.69 -16.08
CA LEU C 284 15.31 4.14 -16.39
C LEU C 284 15.28 5.59 -16.85
N MET C 285 16.07 6.44 -16.20
CA MET C 285 16.11 7.84 -16.61
C MET C 285 16.74 7.99 -17.99
N PHE C 286 17.77 7.20 -18.28
CA PHE C 286 18.37 7.23 -19.60
C PHE C 286 17.36 6.81 -20.67
N ILE C 287 16.60 5.75 -20.40
CA ILE C 287 15.59 5.31 -21.36
C ILE C 287 14.50 6.37 -21.51
N MET C 288 14.07 6.98 -20.41
CA MET C 288 13.02 7.99 -20.48
C MET C 288 13.48 9.20 -21.29
N ILE C 289 14.72 9.65 -21.07
CA ILE C 289 15.22 10.79 -21.82
C ILE C 289 15.41 10.44 -23.29
N LEU C 290 15.85 9.20 -23.57
CA LEU C 290 15.97 8.77 -24.95
C LEU C 290 14.62 8.75 -25.66
N VAL C 291 13.58 8.25 -24.97
CA VAL C 291 12.25 8.23 -25.59
C VAL C 291 11.71 9.65 -25.74
N ALA C 292 12.02 10.55 -24.81
CA ALA C 292 11.59 11.94 -24.98
C ALA C 292 12.25 12.58 -26.20
N PHE C 293 13.55 12.31 -26.40
CA PHE C 293 14.20 12.78 -27.61
C PHE C 293 13.63 12.12 -28.85
N SER C 294 13.20 10.86 -28.73
CA SER C 294 12.52 10.20 -29.83
C SER C 294 11.23 10.92 -30.19
N VAL C 295 10.46 11.32 -29.19
CA VAL C 295 9.23 12.08 -29.42
C VAL C 295 9.55 13.41 -30.11
N ILE C 296 10.57 14.11 -29.61
CA ILE C 296 10.93 15.41 -30.18
C ILE C 296 11.33 15.26 -31.64
N LEU C 297 12.19 14.28 -31.94
CA LEU C 297 12.66 14.11 -33.30
C LEU C 297 11.55 13.57 -34.21
N SER C 298 10.62 12.79 -33.68
CA SER C 298 9.46 12.38 -34.46
C SER C 298 8.60 13.58 -34.82
N VAL C 299 8.41 14.50 -33.88
CA VAL C 299 7.66 15.72 -34.18
C VAL C 299 8.38 16.51 -35.25
N VAL C 300 9.71 16.59 -35.18
CA VAL C 300 10.47 17.33 -36.18
C VAL C 300 10.32 16.68 -37.56
N VAL C 301 10.39 15.35 -37.61
CA VAL C 301 10.24 14.65 -38.89
C VAL C 301 8.85 14.86 -39.46
N LEU C 302 7.83 14.78 -38.61
CA LEU C 302 6.46 15.03 -39.07
C LEU C 302 6.30 16.44 -39.58
N ASN C 303 6.92 17.41 -38.92
CA ASN C 303 6.86 18.79 -39.40
C ASN C 303 7.54 18.93 -40.76
N LEU C 304 8.70 18.30 -40.93
CA LEU C 304 9.39 18.36 -42.21
C LEU C 304 8.57 17.72 -43.32
N HIS C 305 7.90 16.61 -43.00
CA HIS C 305 7.19 15.85 -44.02
C HIS C 305 5.97 16.62 -44.54
N HIS C 306 5.37 17.47 -43.73
CA HIS C 306 4.10 18.11 -44.06
C HIS C 306 4.28 19.53 -44.58
N ARG C 307 5.51 19.97 -44.85
CA ARG C 307 5.70 21.29 -45.42
C ARG C 307 5.34 21.28 -46.91
N SER C 308 5.08 22.46 -47.43
CA SER C 308 4.66 22.64 -48.81
C SER C 308 5.22 23.95 -49.32
N PRO C 309 5.36 24.09 -50.64
CA PRO C 309 5.84 25.37 -51.20
C PRO C 309 4.99 26.55 -50.84
N ASN C 310 3.68 26.35 -50.64
CA ASN C 310 2.81 27.45 -50.26
C ASN C 310 3.11 27.98 -48.87
N THR C 311 3.92 27.29 -48.10
CA THR C 311 4.16 27.66 -46.72
C THR C 311 5.64 27.84 -46.39
N HIS C 312 6.52 27.02 -46.96
CA HIS C 312 7.94 27.06 -46.65
C HIS C 312 8.75 27.06 -47.94
N THR C 313 9.96 27.60 -47.85
CA THR C 313 10.95 27.55 -48.92
C THR C 313 12.18 26.82 -48.39
N MET C 314 12.64 25.83 -49.12
CA MET C 314 13.73 24.99 -48.64
C MET C 314 15.04 25.78 -48.64
N PRO C 315 15.71 25.90 -47.50
CA PRO C 315 17.00 26.60 -47.48
C PRO C 315 18.08 25.78 -48.15
N ASN C 316 19.19 26.46 -48.45
CA ASN C 316 20.28 25.81 -49.18
C ASN C 316 20.95 24.73 -48.35
N TRP C 317 21.08 24.93 -47.04
CA TRP C 317 21.81 23.97 -46.23
C TRP C 317 21.03 22.66 -46.08
N ILE C 318 19.71 22.74 -45.95
CA ILE C 318 18.90 21.53 -45.86
C ILE C 318 19.02 20.71 -47.14
N ARG C 319 18.93 21.37 -48.29
CA ARG C 319 19.07 20.67 -49.56
C ARG C 319 20.46 20.09 -49.72
N GLN C 320 21.48 20.83 -49.30
CA GLN C 320 22.85 20.34 -49.45
C GLN C 320 23.11 19.13 -48.57
N ILE C 321 22.59 19.14 -47.34
CA ILE C 321 22.90 18.06 -46.40
C ILE C 321 22.02 16.84 -46.66
N PHE C 322 20.72 17.03 -46.78
CA PHE C 322 19.78 15.93 -46.73
C PHE C 322 19.41 15.36 -48.10
N ILE C 323 19.72 16.06 -49.19
CA ILE C 323 19.38 15.57 -50.52
C ILE C 323 20.59 14.91 -51.15
N GLU C 324 21.79 15.44 -50.87
CA GLU C 324 22.98 15.09 -51.63
C GLU C 324 24.03 14.32 -50.83
N THR C 325 24.31 14.72 -49.60
CA THR C 325 25.42 14.11 -48.85
C THR C 325 24.97 12.87 -48.08
N LEU C 326 23.95 13.00 -47.25
CA LEU C 326 23.54 11.90 -46.38
C LEU C 326 23.04 10.66 -47.13
N PRO C 327 22.17 10.76 -48.13
CA PRO C 327 21.56 9.55 -48.70
C PRO C 327 22.58 8.54 -49.19
N PRO C 328 23.68 8.96 -49.84
CA PRO C 328 24.71 7.96 -50.17
C PRO C 328 25.27 7.25 -48.96
N PHE C 329 25.44 7.95 -47.84
CA PHE C 329 25.99 7.32 -46.65
C PHE C 329 24.99 6.38 -46.00
N LEU C 330 23.71 6.73 -46.03
CA LEU C 330 22.69 5.95 -45.34
C LEU C 330 22.07 4.88 -46.24
N TRP C 331 22.55 4.72 -47.47
CA TRP C 331 22.01 3.74 -48.42
C TRP C 331 20.51 3.93 -48.62
N ILE C 332 20.10 5.18 -48.78
CA ILE C 332 18.68 5.50 -48.90
C ILE C 332 18.44 6.34 -50.14
N GLN C 333 19.26 6.12 -51.18
CA GLN C 333 19.07 6.80 -52.44
C GLN C 333 17.69 6.51 -53.05
N ARG C 334 17.15 7.51 -53.75
CA ARG C 334 15.83 7.38 -54.35
C ARG C 334 15.91 7.19 -55.86
N PRO C 398 -15.53 30.36 -85.72
CA PRO C 398 -16.18 29.58 -84.64
C PRO C 398 -15.63 29.93 -83.26
N GLN C 399 -16.21 30.94 -82.61
CA GLN C 399 -15.72 31.37 -81.32
C GLN C 399 -15.77 30.26 -80.28
N ASP C 400 -16.69 29.31 -80.45
CA ASP C 400 -16.75 28.17 -79.55
C ASP C 400 -15.46 27.37 -79.58
N LEU C 401 -14.89 27.17 -80.77
CA LEU C 401 -13.62 26.46 -80.86
C LEU C 401 -12.50 27.21 -80.15
N LYS C 402 -12.43 28.53 -80.32
CA LYS C 402 -11.39 29.29 -79.65
C LYS C 402 -11.52 29.22 -78.14
N GLU C 403 -12.75 29.36 -77.61
CA GLU C 403 -12.89 29.29 -76.16
C GLU C 403 -12.64 27.88 -75.64
N ALA C 404 -13.00 26.84 -76.40
CA ALA C 404 -12.67 25.49 -75.99
C ALA C 404 -11.16 25.27 -75.95
N VAL C 405 -10.46 25.81 -76.94
CA VAL C 405 -9.00 25.74 -76.95
C VAL C 405 -8.43 26.45 -75.73
N GLU C 406 -9.01 27.61 -75.37
CA GLU C 406 -8.56 28.32 -74.19
C GLU C 406 -8.80 27.50 -72.92
N ALA C 407 -9.94 26.82 -72.84
CA ALA C 407 -10.22 25.98 -71.68
C ALA C 407 -9.22 24.83 -71.58
N ILE C 408 -8.87 24.23 -72.72
CA ILE C 408 -7.88 23.15 -72.70
C ILE C 408 -6.52 23.70 -72.28
N LYS C 409 -6.16 24.89 -72.76
CA LYS C 409 -4.94 25.54 -72.30
C LYS C 409 -4.94 25.71 -70.79
N TYR C 410 -6.06 26.16 -70.24
CA TYR C 410 -6.15 26.35 -68.80
C TYR C 410 -5.97 25.04 -68.05
N ILE C 411 -6.60 23.97 -68.54
CA ILE C 411 -6.48 22.68 -67.86
C ILE C 411 -5.03 22.20 -67.89
N ALA C 412 -4.37 22.33 -69.05
CA ALA C 412 -2.97 21.91 -69.13
C ALA C 412 -2.08 22.72 -68.20
N GLU C 413 -2.32 24.04 -68.13
CA GLU C 413 -1.52 24.88 -67.24
C GLU C 413 -1.73 24.48 -65.78
N GLN C 414 -2.98 24.20 -65.40
CA GLN C 414 -3.27 23.77 -64.04
C GLN C 414 -2.55 22.46 -63.72
N LEU C 415 -2.57 21.51 -64.66
CA LEU C 415 -1.90 20.24 -64.43
C LEU C 415 -0.40 20.43 -64.26
N GLU C 416 0.21 21.27 -65.10
CA GLU C 416 1.65 21.49 -65.00
C GLU C 416 2.02 22.16 -63.68
N SER C 417 1.24 23.16 -63.27
CA SER C 417 1.51 23.82 -62.00
C SER C 417 1.38 22.85 -60.84
N ALA C 418 0.35 22.00 -60.87
CA ALA C 418 0.19 21.01 -59.81
C ALA C 418 1.36 20.04 -59.79
N SER C 419 1.86 19.65 -60.97
CA SER C 419 3.00 18.75 -61.02
C SER C 419 4.24 19.37 -60.39
N GLU C 420 4.50 20.65 -60.68
CA GLU C 420 5.66 21.30 -60.08
C GLU C 420 5.52 21.42 -58.56
N PHE C 421 4.32 21.79 -58.10
CA PHE C 421 4.08 21.89 -56.66
C PHE C 421 4.28 20.53 -55.99
N ASP C 422 3.79 19.47 -56.63
CA ASP C 422 3.95 18.12 -56.09
C ASP C 422 5.42 17.72 -56.06
N ASP C 423 6.20 18.10 -57.06
CA ASP C 423 7.62 17.77 -57.04
C ASP C 423 8.32 18.43 -55.86
N LEU C 424 8.01 19.70 -55.59
CA LEU C 424 8.63 20.36 -54.44
C LEU C 424 8.19 19.71 -53.13
N LYS C 425 6.91 19.35 -53.02
CA LYS C 425 6.45 18.66 -51.82
C LYS C 425 7.16 17.31 -51.65
N LYS C 426 7.39 16.61 -52.76
CA LYS C 426 8.12 15.35 -52.70
C LYS C 426 9.55 15.57 -52.22
N ASP C 427 10.16 16.68 -52.63
CA ASP C 427 11.49 17.00 -52.10
C ASP C 427 11.47 17.17 -50.59
N TRP C 428 10.46 17.88 -50.07
CA TRP C 428 10.35 18.02 -48.63
C TRP C 428 10.16 16.67 -47.95
N GLN C 429 9.33 15.82 -48.52
CA GLN C 429 9.07 14.51 -47.94
C GLN C 429 10.32 13.63 -47.97
N TYR C 430 11.13 13.75 -49.01
CA TYR C 430 12.39 13.03 -49.07
C TYR C 430 13.37 13.52 -48.01
N VAL C 431 13.41 14.83 -47.77
CA VAL C 431 14.23 15.35 -46.69
C VAL C 431 13.79 14.73 -45.36
N ALA C 432 12.48 14.68 -45.13
CA ALA C 432 11.97 14.07 -43.90
C ALA C 432 12.38 12.60 -43.80
N MET C 433 12.27 11.87 -44.91
CA MET C 433 12.62 10.44 -44.90
C MET C 433 14.09 10.22 -44.58
N VAL C 434 14.97 11.03 -45.18
CA VAL C 434 16.40 10.88 -44.94
C VAL C 434 16.74 11.22 -43.50
N ALA C 435 16.18 12.32 -42.97
CA ALA C 435 16.42 12.67 -41.59
C ALA C 435 15.92 11.58 -40.65
N ASP C 436 14.78 10.98 -40.98
CA ASP C 436 14.21 9.95 -40.13
C ASP C 436 15.11 8.71 -40.10
N ARG C 437 15.65 8.33 -41.26
CA ARG C 437 16.56 7.18 -41.30
C ARG C 437 17.83 7.46 -40.51
N LEU C 438 18.38 8.66 -40.63
CA LEU C 438 19.56 9.02 -39.85
C LEU C 438 19.26 8.94 -38.36
N PHE C 439 18.11 9.45 -37.94
CA PHE C 439 17.72 9.36 -36.53
C PHE C 439 17.59 7.91 -36.11
N LEU C 440 17.07 7.05 -36.98
CA LEU C 440 16.96 5.64 -36.66
C LEU C 440 18.33 5.04 -36.34
N TYR C 441 19.29 5.28 -37.22
CA TYR C 441 20.63 4.72 -37.00
C TYR C 441 21.25 5.27 -35.73
N VAL C 442 21.15 6.59 -35.54
CA VAL C 442 21.78 7.23 -34.38
C VAL C 442 21.16 6.71 -33.08
N PHE C 443 19.82 6.61 -33.04
CA PHE C 443 19.17 6.18 -31.82
C PHE C 443 19.44 4.71 -31.55
N PHE C 444 19.50 3.88 -32.59
CA PHE C 444 19.85 2.48 -32.37
C PHE C 444 21.23 2.37 -31.75
N VAL C 445 22.20 3.11 -32.29
CA VAL C 445 23.56 3.05 -31.75
C VAL C 445 23.60 3.54 -30.31
N ILE C 446 22.96 4.68 -30.03
CA ILE C 446 23.01 5.23 -28.68
C ILE C 446 22.33 4.29 -27.69
N CYS C 447 21.15 3.77 -28.05
CA CYS C 447 20.45 2.87 -27.14
C CYS C 447 21.28 1.63 -26.84
N SER C 448 21.84 0.99 -27.88
CA SER C 448 22.63 -0.20 -27.66
C SER C 448 23.84 0.09 -26.79
N ILE C 449 24.60 1.13 -27.13
CA ILE C 449 25.82 1.43 -26.40
C ILE C 449 25.51 1.78 -24.95
N GLY C 450 24.51 2.64 -24.72
CA GLY C 450 24.19 3.03 -23.36
C GLY C 450 23.69 1.89 -22.51
N THR C 451 22.78 1.08 -23.06
CA THR C 451 22.26 -0.05 -22.31
C THR C 451 23.37 -1.04 -21.96
N PHE C 452 24.19 -1.40 -22.96
CA PHE C 452 25.27 -2.34 -22.70
C PHE C 452 26.26 -1.78 -21.70
N SER C 453 26.60 -0.50 -21.82
CA SER C 453 27.56 0.09 -20.89
C SER C 453 27.03 0.09 -19.47
N ILE C 454 25.75 0.46 -19.29
CA ILE C 454 25.18 0.50 -17.95
C ILE C 454 25.15 -0.90 -17.34
N PHE C 455 24.71 -1.89 -18.11
CA PHE C 455 24.58 -3.23 -17.52
C PHE C 455 25.94 -3.90 -17.36
N LEU C 456 26.94 -3.54 -18.17
CA LEU C 456 28.28 -4.05 -17.96
C LEU C 456 28.90 -3.43 -16.71
N ASP C 457 28.64 -2.15 -16.48
CA ASP C 457 29.08 -1.51 -15.23
C ASP C 457 28.42 -2.18 -14.03
N ALA C 458 27.13 -2.48 -14.13
CA ALA C 458 26.43 -3.13 -13.02
C ALA C 458 26.93 -4.55 -12.81
N SER C 459 27.33 -5.23 -13.90
CA SER C 459 27.76 -6.61 -13.79
C SER C 459 29.06 -6.76 -13.01
N HIS C 460 29.96 -5.78 -13.10
CA HIS C 460 31.27 -5.87 -12.46
C HIS C 460 31.24 -5.23 -11.08
N ASN C 461 30.33 -5.72 -10.24
CA ASN C 461 30.19 -5.26 -8.86
C ASN C 461 30.06 -6.49 -7.98
N VAL C 462 31.17 -6.94 -7.43
CA VAL C 462 31.20 -8.14 -6.60
C VAL C 462 31.83 -7.79 -5.26
N PRO C 463 31.44 -8.46 -4.17
CA PRO C 463 32.07 -8.18 -2.88
C PRO C 463 33.53 -8.59 -2.91
N PRO C 464 34.38 -7.90 -2.16
CA PRO C 464 35.81 -8.25 -2.16
C PRO C 464 36.05 -9.63 -1.55
N ASP C 465 37.11 -10.27 -2.01
CA ASP C 465 37.47 -11.57 -1.45
C ASP C 465 37.86 -11.46 0.02
N ASN C 466 38.44 -10.34 0.42
CA ASN C 466 38.78 -10.11 1.81
C ASN C 466 37.66 -9.33 2.48
N PRO C 467 37.02 -9.86 3.53
CA PRO C 467 35.95 -9.10 4.20
C PRO C 467 36.44 -7.84 4.88
N PHE C 468 37.74 -7.68 5.10
CA PHE C 468 38.35 -6.55 5.79
C PHE C 468 37.97 -6.49 7.27
N ALA C 469 37.33 -7.53 7.79
CA ALA C 469 36.85 -7.52 9.16
C ALA C 469 36.65 -8.94 9.67
N SER D 1 31.41 -10.89 44.02
CA SER D 1 32.22 -10.24 45.04
C SER D 1 31.49 -10.27 46.39
N GLU D 2 32.17 -10.77 47.41
CA GLU D 2 31.58 -10.79 48.75
C GLU D 2 31.46 -9.39 49.32
N HIS D 3 32.50 -8.57 49.14
CA HIS D 3 32.46 -7.20 49.62
C HIS D 3 31.32 -6.42 48.98
N GLU D 4 31.17 -6.57 47.66
CA GLU D 4 30.10 -5.85 46.97
C GLU D 4 28.73 -6.40 47.35
N THR D 5 28.63 -7.69 47.62
CA THR D 5 27.37 -8.24 48.10
C THR D 5 26.97 -7.61 49.43
N ARG D 6 27.93 -7.54 50.36
CA ARG D 6 27.65 -6.91 51.65
C ARG D 6 27.31 -5.43 51.48
N LEU D 7 28.01 -4.74 50.58
CA LEU D 7 27.75 -3.33 50.36
C LEU D 7 26.35 -3.09 49.81
N VAL D 8 25.95 -3.89 48.82
CA VAL D 8 24.62 -3.75 48.24
C VAL D 8 23.55 -4.10 49.27
N ALA D 9 23.81 -5.11 50.11
CA ALA D 9 22.87 -5.42 51.18
C ALA D 9 22.72 -4.25 52.14
N ASN D 10 23.82 -3.59 52.48
CA ASN D 10 23.76 -2.48 53.43
C ASN D 10 23.11 -1.25 52.82
N LEU D 11 23.33 -0.99 51.54
CA LEU D 11 22.84 0.25 50.94
C LEU D 11 21.33 0.29 50.87
N LEU D 12 20.70 -0.82 50.50
CA LEU D 12 19.27 -0.86 50.28
C LEU D 12 18.49 -1.48 51.43
N GLU D 13 19.12 -1.66 52.58
CA GLU D 13 18.45 -2.34 53.68
C GLU D 13 17.31 -1.51 54.26
N ASN D 14 17.45 -0.20 54.31
CA ASN D 14 16.41 0.68 54.84
C ASN D 14 16.25 1.90 53.95
N TYR D 15 16.31 1.70 52.64
CA TYR D 15 16.26 2.76 51.65
C TYR D 15 14.89 2.77 51.00
N ASN D 16 14.25 3.94 51.01
CA ASN D 16 12.91 4.11 50.44
C ASN D 16 13.03 4.88 49.13
N LYS D 17 12.77 4.20 48.03
CA LYS D 17 12.90 4.82 46.71
C LYS D 17 11.78 5.79 46.39
N VAL D 18 10.76 5.88 47.25
CA VAL D 18 9.69 6.85 47.04
C VAL D 18 10.13 8.26 47.45
N ILE D 19 11.11 8.38 48.33
CA ILE D 19 11.49 9.65 48.92
C ILE D 19 12.58 10.30 48.09
N ARG D 20 12.51 11.62 47.96
CA ARG D 20 13.52 12.36 47.23
C ARG D 20 14.87 12.27 47.93
N PRO D 21 15.96 12.26 47.19
CA PRO D 21 17.31 12.19 47.78
C PRO D 21 17.83 13.55 48.23
N VAL D 22 17.21 14.10 49.26
CA VAL D 22 17.64 15.36 49.86
C VAL D 22 17.79 15.15 51.35
N GLU D 23 18.69 15.92 51.95
CA GLU D 23 18.89 15.88 53.39
C GLU D 23 17.87 16.71 54.14
N HIS D 24 17.04 17.47 53.44
CA HIS D 24 15.99 18.27 54.05
C HIS D 24 14.94 18.55 52.99
N HIS D 25 13.67 18.46 53.36
CA HIS D 25 12.60 18.63 52.38
C HIS D 25 12.58 20.02 51.77
N THR D 26 13.24 21.00 52.39
CA THR D 26 13.31 22.34 51.82
C THR D 26 14.21 22.37 50.60
N HIS D 27 15.29 21.59 50.61
CA HIS D 27 16.25 21.60 49.53
C HIS D 27 15.66 20.96 48.27
N PHE D 28 16.41 21.08 47.17
CA PHE D 28 15.99 20.52 45.90
C PHE D 28 17.08 19.60 45.36
N VAL D 29 16.66 18.62 44.58
CA VAL D 29 17.57 17.70 43.90
C VAL D 29 18.08 18.39 42.65
N ASP D 30 19.40 18.45 42.50
CA ASP D 30 20.02 19.02 41.31
C ASP D 30 20.35 17.89 40.35
N ILE D 31 19.71 17.88 39.19
CA ILE D 31 19.88 16.82 38.20
C ILE D 31 20.47 17.44 36.95
N THR D 32 21.57 16.86 36.47
CA THR D 32 22.20 17.31 35.24
C THR D 32 21.73 16.40 34.10
N VAL D 33 21.09 17.00 33.10
CA VAL D 33 20.46 16.25 32.02
C VAL D 33 21.22 16.50 30.74
N GLY D 34 21.69 15.43 30.12
CA GLY D 34 22.33 15.53 28.82
C GLY D 34 21.64 14.61 27.84
N LEU D 35 21.47 15.12 26.63
CA LEU D 35 20.85 14.37 25.54
C LEU D 35 21.91 13.99 24.54
N GLN D 36 21.96 12.72 24.19
CA GLN D 36 22.89 12.20 23.21
C GLN D 36 22.10 11.60 22.06
N LEU D 37 22.30 12.12 20.86
CA LEU D 37 21.56 11.68 19.68
C LEU D 37 22.37 10.60 18.99
N ILE D 38 21.79 9.41 18.87
CA ILE D 38 22.49 8.29 18.25
C ILE D 38 22.12 8.15 16.78
N GLN D 39 20.84 8.27 16.46
CA GLN D 39 20.40 8.04 15.09
C GLN D 39 19.06 8.72 14.88
N LEU D 40 18.90 9.37 13.74
CA LEU D 40 17.63 9.94 13.32
C LEU D 40 16.91 8.87 12.51
N ILE D 41 15.95 8.19 13.13
CA ILE D 41 15.33 7.04 12.51
C ILE D 41 14.50 7.46 11.31
N SER D 42 13.67 8.48 11.47
CA SER D 42 12.78 8.89 10.39
C SER D 42 12.25 10.28 10.66
N VAL D 43 11.81 10.94 9.59
CA VAL D 43 11.05 12.17 9.65
C VAL D 43 9.79 11.92 8.84
N ASP D 44 8.68 11.66 9.51
CA ASP D 44 7.41 11.39 8.84
C ASP D 44 6.73 12.71 8.55
N GLU D 45 6.88 13.19 7.32
CA GLU D 45 6.36 14.51 6.96
C GLU D 45 4.84 14.52 6.94
N VAL D 46 4.23 13.43 6.46
CA VAL D 46 2.77 13.38 6.37
C VAL D 46 2.16 13.42 7.77
N ASN D 47 2.72 12.63 8.70
CA ASN D 47 2.20 12.57 10.05
C ASN D 47 2.84 13.57 11.00
N GLN D 48 3.88 14.27 10.57
CA GLN D 48 4.54 15.31 11.35
C GLN D 48 5.10 14.76 12.67
N ILE D 49 5.81 13.64 12.56
CA ILE D 49 6.43 12.98 13.70
C ILE D 49 7.86 12.64 13.34
N VAL D 50 8.79 12.94 14.26
CA VAL D 50 10.21 12.64 14.08
C VAL D 50 10.61 11.59 15.10
N GLU D 51 11.20 10.50 14.63
CA GLU D 51 11.67 9.42 15.48
C GLU D 51 13.19 9.50 15.60
N THR D 52 13.69 9.51 16.82
CA THR D 52 15.12 9.57 17.08
C THR D 52 15.50 8.52 18.11
N ASN D 53 16.72 8.01 17.96
CA ASN D 53 17.32 7.09 18.91
C ASN D 53 18.29 7.88 19.78
N VAL D 54 18.03 7.94 21.07
CA VAL D 54 18.75 8.83 21.96
C VAL D 54 19.19 8.08 23.21
N ARG D 55 20.13 8.68 23.93
CA ARG D 55 20.45 8.32 25.30
C ARG D 55 20.25 9.54 26.16
N LEU D 56 19.58 9.35 27.29
CA LEU D 56 19.19 10.45 28.18
C LEU D 56 20.05 10.36 29.44
N ARG D 57 21.23 10.98 29.38
CA ARG D 57 22.14 10.92 30.52
C ARG D 57 21.65 11.82 31.65
N GLN D 58 21.52 11.26 32.84
CA GLN D 58 21.05 11.99 34.01
C GLN D 58 21.98 11.74 35.17
N GLN D 59 22.45 12.81 35.80
CA GLN D 59 23.36 12.72 36.93
C GLN D 59 22.81 13.50 38.10
N TRP D 60 22.86 12.90 39.29
CA TRP D 60 22.45 13.59 40.51
C TRP D 60 23.17 12.95 41.68
N ILE D 61 22.97 13.50 42.87
CA ILE D 61 23.60 13.02 44.10
C ILE D 61 22.53 12.39 44.97
N ASP D 62 22.83 11.22 45.52
CA ASP D 62 21.96 10.54 46.48
C ASP D 62 22.80 10.23 47.71
N VAL D 63 22.73 11.08 48.73
CA VAL D 63 23.57 10.91 49.90
C VAL D 63 23.21 9.69 50.73
N ARG D 64 22.05 9.11 50.52
CA ARG D 64 21.70 7.86 51.18
C ARG D 64 22.45 6.67 50.62
N LEU D 65 23.14 6.83 49.49
CA LEU D 65 23.83 5.75 48.81
C LEU D 65 25.33 6.00 48.78
N ARG D 66 25.90 6.42 49.90
CA ARG D 66 27.34 6.61 50.01
C ARG D 66 27.91 5.59 51.00
N TRP D 67 29.21 5.32 50.84
CA TRP D 67 29.88 4.36 51.70
C TRP D 67 31.36 4.71 51.77
N ASN D 68 32.03 4.11 52.76
CA ASN D 68 33.47 4.27 52.93
C ASN D 68 34.18 3.15 52.18
N PRO D 69 34.99 3.47 51.17
CA PRO D 69 35.63 2.39 50.38
C PRO D 69 36.52 1.48 51.22
N ALA D 70 37.14 2.00 52.27
CA ALA D 70 38.05 1.19 53.07
C ALA D 70 37.32 0.05 53.78
N ASP D 71 36.03 0.21 54.03
CA ASP D 71 35.24 -0.80 54.73
C ASP D 71 34.74 -1.90 53.81
N TYR D 72 34.95 -1.78 52.50
CA TYR D 72 34.43 -2.74 51.54
C TYR D 72 35.50 -3.17 50.55
N GLY D 73 36.73 -3.32 51.02
CA GLY D 73 37.79 -3.80 50.16
C GLY D 73 38.24 -2.84 49.09
N GLY D 74 37.92 -1.56 49.25
CA GLY D 74 38.34 -0.57 48.26
C GLY D 74 37.41 -0.42 47.08
N ILE D 75 36.18 -0.89 47.18
CA ILE D 75 35.22 -0.70 46.10
C ILE D 75 34.83 0.78 46.03
N LYS D 76 34.86 1.34 44.83
CA LYS D 76 34.53 2.74 44.63
C LYS D 76 33.33 2.97 43.74
N LYS D 77 33.06 2.08 42.79
CA LYS D 77 31.91 2.18 41.91
C LYS D 77 31.19 0.85 41.86
N ILE D 78 29.87 0.89 41.88
CA ILE D 78 29.05 -0.30 41.69
C ILE D 78 27.97 0.02 40.67
N ARG D 79 27.41 -1.04 40.09
CA ARG D 79 26.27 -0.93 39.19
C ARG D 79 25.03 -1.42 39.91
N LEU D 80 23.98 -0.60 39.89
CA LEU D 80 22.73 -0.94 40.55
C LEU D 80 21.60 -0.88 39.53
N PRO D 81 20.58 -1.73 39.68
CA PRO D 81 19.38 -1.58 38.85
C PRO D 81 18.72 -0.24 39.13
N SER D 82 18.23 0.39 38.06
CA SER D 82 17.56 1.68 38.24
C SER D 82 16.25 1.54 38.97
N ASP D 83 15.67 0.35 39.01
CA ASP D 83 14.41 0.14 39.71
C ASP D 83 14.58 0.11 41.22
N ASP D 84 15.82 0.10 41.73
CA ASP D 84 16.07 0.00 43.16
C ASP D 84 16.17 1.35 43.85
N VAL D 85 16.42 2.43 43.11
CA VAL D 85 16.69 3.73 43.70
C VAL D 85 15.69 4.74 43.17
N TRP D 86 15.65 5.89 43.83
CA TRP D 86 14.82 7.00 43.37
C TRP D 86 15.31 7.50 42.02
N LEU D 87 14.38 7.72 41.09
CA LEU D 87 14.74 8.25 39.80
C LEU D 87 13.91 9.48 39.46
N PRO D 88 14.46 10.43 38.73
CA PRO D 88 13.64 11.53 38.22
C PRO D 88 12.60 11.04 37.23
N ASP D 89 11.43 11.67 37.26
CA ASP D 89 10.35 11.35 36.34
C ASP D 89 10.40 12.34 35.18
N LEU D 90 11.41 12.17 34.34
CA LEU D 90 11.67 13.08 33.23
C LEU D 90 10.81 12.65 32.04
N VAL D 91 9.99 13.57 31.54
CA VAL D 91 8.95 13.27 30.58
C VAL D 91 9.15 14.13 29.34
N LEU D 92 8.92 13.55 28.16
CA LEU D 92 8.98 14.29 26.91
C LEU D 92 7.63 14.94 26.66
N TYR D 93 7.58 16.27 26.76
CA TYR D 93 6.32 16.99 26.74
C TYR D 93 5.60 16.85 25.40
N ASN D 94 6.34 16.95 24.31
CA ASN D 94 5.74 16.93 22.97
C ASN D 94 5.74 15.54 22.35
N ASN D 95 5.59 14.50 23.17
CA ASN D 95 5.47 13.15 22.65
C ASN D 95 4.24 13.03 21.75
N ALA D 96 4.37 12.27 20.67
CA ALA D 96 3.27 12.17 19.72
C ALA D 96 2.85 10.73 19.46
N ASP D 97 3.80 9.80 19.46
CA ASP D 97 3.49 8.43 19.08
C ASP D 97 4.19 7.38 19.93
N GLY D 98 4.95 7.77 20.94
CA GLY D 98 5.72 6.83 21.73
C GLY D 98 5.39 6.96 23.20
N ASP D 99 6.41 6.77 24.02
CA ASP D 99 6.27 6.82 25.47
C ASP D 99 6.66 8.19 26.00
N PHE D 100 5.95 8.62 27.03
CA PHE D 100 6.24 9.91 27.65
C PHE D 100 7.53 9.87 28.45
N ALA D 101 7.79 8.78 29.14
CA ALA D 101 8.94 8.66 30.02
C ALA D 101 9.86 7.54 29.55
N ILE D 102 10.94 7.32 30.29
CA ILE D 102 11.86 6.23 30.01
C ILE D 102 11.21 4.91 30.39
N VAL D 103 11.34 3.92 29.52
CA VAL D 103 10.78 2.60 29.76
C VAL D 103 11.84 1.51 29.87
N HIS D 104 13.07 1.76 29.47
CA HIS D 104 14.15 0.79 29.54
C HIS D 104 14.93 1.04 30.81
N MET D 105 14.55 0.37 31.90
CA MET D 105 15.21 0.53 33.20
C MET D 105 16.55 -0.20 33.17
N THR D 106 17.53 0.44 32.57
CA THR D 106 18.88 -0.09 32.55
C THR D 106 19.58 0.20 33.86
N LYS D 107 20.70 -0.49 34.09
CA LYS D 107 21.46 -0.30 35.30
C LYS D 107 22.12 1.08 35.32
N LEU D 108 22.43 1.56 36.52
CA LEU D 108 23.05 2.85 36.70
C LEU D 108 24.36 2.69 37.46
N LEU D 109 25.21 3.70 37.35
CA LEU D 109 26.52 3.70 37.98
C LEU D 109 26.48 4.59 39.22
N LEU D 110 26.89 4.04 40.35
CA LEU D 110 26.86 4.73 41.64
C LEU D 110 28.27 4.80 42.21
N ASP D 111 28.70 6.00 42.56
CA ASP D 111 29.99 6.20 43.21
C ASP D 111 29.85 6.09 44.72
N TYR D 112 30.99 6.01 45.40
CA TYR D 112 30.98 5.96 46.86
C TYR D 112 30.61 7.29 47.49
N THR D 113 30.60 8.38 46.74
CA THR D 113 30.16 9.67 47.23
C THR D 113 28.66 9.88 47.06
N GLY D 114 27.96 8.91 46.49
CA GLY D 114 26.56 9.05 46.20
C GLY D 114 26.25 9.59 44.82
N LYS D 115 27.25 9.94 44.03
CA LYS D 115 27.01 10.43 42.69
C LYS D 115 26.48 9.31 41.80
N ILE D 116 25.40 9.59 41.08
CA ILE D 116 24.72 8.61 40.24
C ILE D 116 24.77 9.09 38.80
N MET D 117 25.14 8.20 37.88
CA MET D 117 25.00 8.45 36.46
C MET D 117 24.12 7.38 35.85
N TRP D 118 23.10 7.78 35.12
CA TRP D 118 22.13 6.86 34.54
C TRP D 118 21.85 7.32 33.11
N THR D 119 22.14 6.46 32.13
CA THR D 119 22.01 6.81 30.72
C THR D 119 21.13 5.78 30.02
N PRO D 120 19.83 5.79 30.28
CA PRO D 120 18.95 4.83 29.63
C PRO D 120 18.72 5.20 28.18
N PRO D 121 18.38 4.23 27.34
CA PRO D 121 18.06 4.51 25.95
C PRO D 121 16.58 4.81 25.76
N ALA D 122 16.27 5.46 24.65
CA ALA D 122 14.89 5.81 24.35
C ALA D 122 14.71 5.97 22.86
N ILE D 123 13.48 5.74 22.41
CA ILE D 123 13.04 6.11 21.07
C ILE D 123 12.03 7.24 21.24
N PHE D 124 12.44 8.46 20.94
CA PHE D 124 11.59 9.62 21.08
C PHE D 124 10.84 9.85 19.78
N LYS D 125 9.52 9.70 19.82
CA LYS D 125 8.65 10.04 18.69
C LYS D 125 7.96 11.35 19.06
N SER D 126 8.59 12.46 18.71
CA SER D 126 8.11 13.78 19.08
C SER D 126 7.35 14.41 17.92
N TYR D 127 6.45 15.33 18.26
CA TYR D 127 5.71 16.06 17.25
C TYR D 127 6.62 17.08 16.57
N CYS D 128 6.55 17.14 15.24
CA CYS D 128 7.42 17.99 14.44
C CYS D 128 6.56 18.77 13.46
N GLU D 129 6.50 20.09 13.64
CA GLU D 129 5.75 20.94 12.72
C GLU D 129 6.54 21.03 11.42
N ILE D 130 6.11 20.30 10.40
CA ILE D 130 6.81 20.25 9.14
C ILE D 130 6.42 21.44 8.29
N ILE D 131 7.41 22.20 7.85
CA ILE D 131 7.19 23.36 6.97
C ILE D 131 7.39 22.87 5.54
N VAL D 132 6.30 22.40 4.93
CA VAL D 132 6.34 21.98 3.52
C VAL D 132 5.99 23.21 2.69
N THR D 133 7.00 24.03 2.44
CA THR D 133 6.89 25.13 1.50
C THR D 133 8.04 25.21 0.52
N HIS D 134 9.18 24.60 0.83
CA HIS D 134 10.31 24.55 -0.09
C HIS D 134 10.67 23.10 -0.43
N PHE D 135 9.75 22.18 -0.19
CA PHE D 135 9.98 20.78 -0.47
C PHE D 135 10.29 20.60 -1.95
N PRO D 136 11.29 19.77 -2.32
CA PRO D 136 12.13 18.98 -1.42
C PRO D 136 13.45 19.63 -1.05
N PHE D 137 13.49 20.97 -1.06
CA PHE D 137 14.68 21.71 -0.66
C PHE D 137 14.51 22.37 0.70
N ASP D 138 13.71 21.79 1.56
CA ASP D 138 13.32 22.40 2.83
C ASP D 138 14.28 22.02 3.94
N GLN D 139 14.36 22.89 4.94
CA GLN D 139 15.04 22.59 6.19
C GLN D 139 14.02 22.56 7.31
N GLN D 140 14.21 21.67 8.27
CA GLN D 140 13.25 21.45 9.33
C GLN D 140 13.88 21.81 10.68
N ASN D 141 13.08 22.40 11.55
CA ASN D 141 13.49 22.75 12.91
C ASN D 141 12.42 22.21 13.85
N CYS D 142 12.62 21.02 14.40
CA CYS D 142 11.70 20.55 15.41
C CYS D 142 12.46 19.90 16.55
N THR D 143 11.83 19.91 17.71
CA THR D 143 12.48 19.92 19.00
C THR D 143 12.10 18.69 19.81
N MET D 144 12.76 18.55 20.96
CA MET D 144 12.36 17.60 21.99
C MET D 144 12.38 18.33 23.32
N LYS D 145 11.23 18.42 23.96
CA LYS D 145 11.04 19.24 25.15
C LYS D 145 10.97 18.34 26.36
N LEU D 146 11.92 18.48 27.27
CA LEU D 146 12.06 17.61 28.42
C LEU D 146 11.84 18.39 29.72
N GLY D 147 11.27 17.72 30.70
CA GLY D 147 11.08 18.33 31.99
C GLY D 147 10.62 17.31 33.01
N ILE D 148 10.80 17.65 34.28
CA ILE D 148 10.30 16.83 35.37
C ILE D 148 8.79 17.03 35.47
N TRP D 149 8.04 15.93 35.46
CA TRP D 149 6.58 16.06 35.39
C TRP D 149 5.99 16.50 36.72
N THR D 150 6.18 15.72 37.77
CA THR D 150 5.42 15.91 39.00
C THR D 150 6.10 16.80 40.03
N TYR D 151 7.30 17.30 39.74
CA TYR D 151 8.03 18.15 40.66
C TYR D 151 8.29 19.51 40.03
N ASP D 152 8.09 20.56 40.82
CA ASP D 152 8.38 21.91 40.37
C ASP D 152 9.86 22.22 40.57
N GLY D 153 10.26 23.44 40.20
CA GLY D 153 11.67 23.80 40.25
C GLY D 153 12.23 23.94 41.65
N THR D 154 11.38 24.05 42.66
CA THR D 154 11.83 24.15 44.03
C THR D 154 12.06 22.80 44.69
N LYS D 155 11.61 21.71 44.07
CA LYS D 155 11.83 20.37 44.57
C LYS D 155 12.87 19.60 43.76
N VAL D 156 12.82 19.71 42.43
CA VAL D 156 13.80 19.08 41.56
C VAL D 156 14.22 20.10 40.51
N SER D 157 15.52 20.32 40.38
CA SER D 157 16.06 21.23 39.39
C SER D 157 16.83 20.44 38.33
N ILE D 158 16.63 20.80 37.07
CA ILE D 158 17.32 20.16 35.96
C ILE D 158 18.16 21.21 35.24
N SER D 159 19.38 20.82 34.88
CA SER D 159 20.30 21.68 34.17
C SER D 159 20.94 20.89 33.05
N PRO D 160 21.12 21.49 31.88
CA PRO D 160 21.78 20.77 30.78
C PRO D 160 23.25 20.55 31.06
N GLU D 161 23.77 19.43 30.54
CA GLU D 161 25.20 19.18 30.60
C GLU D 161 25.98 20.25 29.86
N SER D 162 25.54 20.58 28.65
CA SER D 162 26.22 21.53 27.80
C SER D 162 25.18 22.27 26.96
N ASP D 163 25.66 23.23 26.17
CA ASP D 163 24.76 24.03 25.35
C ASP D 163 24.14 23.23 24.22
N ARG D 164 24.75 22.12 23.83
CA ARG D 164 24.31 21.37 22.67
C ARG D 164 24.14 19.90 23.01
N PRO D 165 23.20 19.22 22.36
CA PRO D 165 23.14 17.76 22.50
C PRO D 165 24.38 17.10 21.91
N ASP D 166 24.70 15.94 22.47
CA ASP D 166 25.91 15.22 22.07
C ASP D 166 25.65 14.44 20.78
N LEU D 167 26.38 14.79 19.72
CA LEU D 167 26.33 14.07 18.46
C LEU D 167 27.69 13.47 18.11
N SER D 168 28.46 13.12 19.13
CA SER D 168 29.78 12.53 18.88
C SER D 168 29.66 11.18 18.20
N THR D 169 28.70 10.35 18.61
CA THR D 169 28.48 9.04 18.02
C THR D 169 27.27 9.02 17.10
N PHE D 170 26.91 10.15 16.51
CA PHE D 170 25.73 10.22 15.67
C PHE D 170 25.97 9.45 14.37
N MET D 171 24.96 8.70 13.96
CA MET D 171 25.02 7.95 12.71
C MET D 171 24.41 8.79 11.59
N GLU D 172 25.17 9.00 10.53
CA GLU D 172 24.73 9.86 9.43
C GLU D 172 23.46 9.32 8.80
N SER D 173 22.55 10.24 8.46
CA SER D 173 21.22 9.84 8.02
C SER D 173 21.22 9.34 6.58
N GLY D 174 21.79 10.10 5.66
CA GLY D 174 21.63 9.84 4.26
C GLY D 174 20.45 10.53 3.62
N GLU D 175 19.53 11.05 4.42
CA GLU D 175 18.43 11.88 3.95
C GLU D 175 18.43 13.28 4.53
N TRP D 176 19.12 13.51 5.65
CA TRP D 176 19.11 14.79 6.33
C TRP D 176 20.52 15.14 6.76
N VAL D 177 20.77 16.44 6.90
CA VAL D 177 22.05 16.96 7.35
C VAL D 177 21.81 17.80 8.60
N MET D 178 22.59 17.54 9.65
CA MET D 178 22.49 18.31 10.88
C MET D 178 23.20 19.64 10.69
N LYS D 179 22.44 20.71 10.50
CA LYS D 179 23.04 22.03 10.38
C LYS D 179 23.39 22.61 11.74
N ASP D 180 22.46 22.56 12.68
CA ASP D 180 22.67 23.12 14.00
C ASP D 180 21.85 22.35 15.02
N TYR D 181 22.37 22.27 16.25
CA TYR D 181 21.66 21.67 17.36
C TYR D 181 22.02 22.43 18.63
N ARG D 182 21.04 22.60 19.51
CA ARG D 182 21.23 23.45 20.67
C ARG D 182 20.26 23.00 21.75
N GLY D 183 20.59 23.33 22.99
CA GLY D 183 19.73 23.01 24.11
C GLY D 183 19.54 24.20 25.03
N TRP D 184 18.30 24.64 25.20
CA TRP D 184 17.97 25.84 25.97
C TRP D 184 17.12 25.46 27.16
N LYS D 185 17.47 25.96 28.34
CA LYS D 185 16.67 25.79 29.53
C LYS D 185 15.73 26.97 29.69
N HIS D 186 14.52 26.69 30.16
CA HIS D 186 13.48 27.71 30.30
C HIS D 186 12.93 27.71 31.70
N TRP D 187 12.62 28.90 32.19
CA TRP D 187 11.88 29.08 33.44
C TRP D 187 10.49 29.58 33.08
N VAL D 188 9.48 28.79 33.43
CA VAL D 188 8.09 29.12 33.12
C VAL D 188 7.37 29.44 34.42
N TYR D 189 6.73 30.61 34.47
CA TYR D 189 5.96 31.03 35.63
C TYR D 189 4.49 31.15 35.21
N TYR D 190 3.62 30.54 35.99
CA TYR D 190 2.19 30.63 35.76
C TYR D 190 1.57 31.59 36.77
N THR D 191 0.55 32.32 36.32
CA THR D 191 -0.15 33.24 37.21
C THR D 191 -0.84 32.51 38.35
N CYS D 192 -1.16 31.23 38.16
CA CYS D 192 -1.74 30.44 39.24
C CYS D 192 -0.81 30.37 40.43
N CYS D 193 0.47 30.12 40.16
CA CYS D 193 1.38 29.52 41.12
C CYS D 193 2.69 30.31 41.11
N PRO D 194 2.67 31.53 41.64
CA PRO D 194 3.84 32.42 41.50
C PRO D 194 5.09 31.89 42.18
N ASP D 195 4.94 31.15 43.27
CA ASP D 195 6.09 30.73 44.05
C ASP D 195 6.79 29.51 43.48
N THR D 196 6.18 28.80 42.53
CA THR D 196 6.77 27.59 41.99
C THR D 196 7.14 27.77 40.53
N PRO D 197 8.41 28.01 40.22
CA PRO D 197 8.83 28.01 38.82
C PRO D 197 8.80 26.60 38.24
N TYR D 198 8.57 26.51 36.95
CA TYR D 198 8.56 25.24 36.25
C TYR D 198 9.72 25.21 35.27
N LEU D 199 10.62 24.25 35.44
CA LEU D 199 11.80 24.14 34.60
C LEU D 199 11.52 23.26 33.40
N ASP D 200 12.35 23.43 32.37
CA ASP D 200 12.14 22.75 31.10
C ASP D 200 13.40 22.90 30.26
N ILE D 201 13.78 21.84 29.56
CA ILE D 201 14.92 21.87 28.65
C ILE D 201 14.41 21.46 27.29
N THR D 202 14.68 22.29 26.29
CA THR D 202 14.27 22.03 24.91
C THR D 202 15.51 21.86 24.05
N TYR D 203 15.64 20.71 23.42
CA TYR D 203 16.69 20.45 22.45
C TYR D 203 16.09 20.54 21.05
N HIS D 204 16.74 21.28 20.17
CA HIS D 204 16.25 21.43 18.81
C HIS D 204 17.37 21.15 17.82
N PHE D 205 17.00 20.59 16.67
CA PHE D 205 17.93 20.21 15.63
C PHE D 205 17.48 20.83 14.32
N ILE D 206 18.42 21.37 13.56
CA ILE D 206 18.15 21.94 12.25
C ILE D 206 18.52 20.89 11.22
N MET D 207 17.54 20.40 10.48
CA MET D 207 17.72 19.31 9.53
C MET D 207 17.57 19.86 8.13
N GLN D 208 18.61 19.70 7.31
CA GLN D 208 18.57 20.10 5.92
C GLN D 208 18.40 18.85 5.06
N ARG D 209 17.31 18.79 4.30
CA ARG D 209 17.02 17.62 3.49
C ARG D 209 17.96 17.55 2.31
N ILE D 210 18.52 16.37 2.05
CA ILE D 210 19.30 16.11 0.85
C ILE D 210 18.30 15.84 -0.28
N PRO D 211 18.27 16.65 -1.33
CA PRO D 211 17.17 16.59 -2.29
C PRO D 211 17.38 15.68 -3.49
N LEU D 212 18.51 14.99 -3.59
CA LEU D 212 18.82 14.25 -4.82
C LEU D 212 17.75 13.22 -5.15
N TYR D 213 17.31 12.46 -4.15
CA TYR D 213 16.34 11.41 -4.40
C TYR D 213 15.05 11.98 -4.99
N PHE D 214 14.50 13.00 -4.34
CA PHE D 214 13.23 13.55 -4.80
C PHE D 214 13.38 14.27 -6.12
N VAL D 215 14.49 14.99 -6.30
CA VAL D 215 14.78 15.60 -7.60
C VAL D 215 14.69 14.54 -8.69
N VAL D 216 15.54 13.52 -8.60
CA VAL D 216 15.62 12.53 -9.67
C VAL D 216 14.29 11.81 -9.87
N ASN D 217 13.65 11.41 -8.78
CA ASN D 217 12.47 10.56 -8.89
C ASN D 217 11.18 11.31 -9.22
N VAL D 218 11.13 12.62 -9.03
CA VAL D 218 9.89 13.35 -9.22
C VAL D 218 10.08 14.55 -10.15
N ILE D 219 11.04 15.42 -9.83
CA ILE D 219 11.11 16.71 -10.48
C ILE D 219 11.54 16.58 -11.92
N ILE D 220 12.52 15.71 -12.21
CA ILE D 220 13.01 15.57 -13.57
C ILE D 220 11.93 15.07 -14.53
N PRO D 221 11.17 14.02 -14.22
CA PRO D 221 10.07 13.66 -15.14
C PRO D 221 9.05 14.76 -15.32
N CYS D 222 8.73 15.51 -14.25
CA CYS D 222 7.80 16.62 -14.39
C CYS D 222 8.35 17.68 -15.32
N LEU D 223 9.64 17.99 -15.19
CA LEU D 223 10.26 18.96 -16.09
C LEU D 223 10.25 18.44 -17.53
N LEU D 224 10.48 17.14 -17.72
CA LEU D 224 10.48 16.56 -19.05
C LEU D 224 9.12 16.71 -19.71
N PHE D 225 8.05 16.40 -18.98
CA PHE D 225 6.72 16.52 -19.56
C PHE D 225 6.34 17.98 -19.77
N SER D 226 6.76 18.86 -18.86
CA SER D 226 6.49 20.28 -19.04
C SER D 226 7.18 20.81 -20.27
N PHE D 227 8.39 20.33 -20.57
CA PHE D 227 9.08 20.76 -21.76
C PHE D 227 8.43 20.18 -23.02
N LEU D 228 7.96 18.94 -22.94
CA LEU D 228 7.23 18.36 -24.07
C LEU D 228 5.90 19.04 -24.32
N THR D 229 5.36 19.76 -23.32
CA THR D 229 4.08 20.45 -23.50
C THR D 229 4.11 21.38 -24.71
N GLY D 230 5.13 22.22 -24.79
CA GLY D 230 5.19 23.22 -25.85
C GLY D 230 5.57 22.70 -27.21
N LEU D 231 5.90 21.41 -27.32
CA LEU D 231 6.25 20.81 -28.59
C LEU D 231 5.06 20.55 -29.49
N VAL D 232 3.84 20.66 -28.96
CA VAL D 232 2.66 20.42 -29.79
C VAL D 232 2.53 21.50 -30.86
N PHE D 233 3.10 22.68 -30.62
CA PHE D 233 2.98 23.77 -31.59
C PHE D 233 3.92 23.61 -32.78
N TYR D 234 4.92 22.75 -32.67
CA TYR D 234 5.70 22.38 -33.85
C TYR D 234 5.11 21.20 -34.60
N LEU D 235 4.10 20.54 -34.05
CA LEU D 235 3.46 19.43 -34.72
C LEU D 235 2.47 19.96 -35.75
N PRO D 236 2.59 19.60 -37.02
CA PRO D 236 1.65 20.10 -38.03
C PRO D 236 0.25 19.55 -37.82
N THR D 237 -0.74 20.35 -38.20
CA THR D 237 -2.13 19.95 -38.01
C THR D 237 -2.52 18.78 -38.91
N ASP D 238 -1.91 18.70 -40.10
CA ASP D 238 -2.25 17.64 -41.04
C ASP D 238 -1.88 16.26 -40.52
N SER D 239 -0.98 16.17 -39.54
CA SER D 239 -0.64 14.87 -38.96
C SER D 239 -1.83 14.26 -38.24
N GLY D 240 -2.73 15.08 -37.70
CA GLY D 240 -3.84 14.58 -36.93
C GLY D 240 -3.43 13.89 -35.65
N GLU D 241 -2.42 14.41 -34.95
CA GLU D 241 -1.92 13.77 -33.75
C GLU D 241 -1.65 14.76 -32.62
N LYS D 242 -2.04 16.03 -32.77
CA LYS D 242 -1.76 17.02 -31.74
C LYS D 242 -2.48 16.69 -30.44
N MET D 243 -3.74 16.25 -30.54
CA MET D 243 -4.49 15.90 -29.34
C MET D 243 -3.82 14.76 -28.59
N THR D 244 -3.30 13.77 -29.30
CA THR D 244 -2.61 12.67 -28.65
C THR D 244 -1.48 13.17 -27.77
N LEU D 245 -0.59 13.99 -28.32
CA LEU D 245 0.55 14.50 -27.58
C LEU D 245 0.09 15.34 -26.38
N SER D 246 -0.79 16.30 -26.61
CA SER D 246 -1.19 17.21 -25.54
C SER D 246 -1.87 16.46 -24.41
N ILE D 247 -2.80 15.57 -24.75
CA ILE D 247 -3.55 14.88 -23.72
C ILE D 247 -2.67 13.89 -22.97
N SER D 248 -1.73 13.27 -23.67
CA SER D 248 -0.81 12.38 -22.96
C SER D 248 0.04 13.14 -21.96
N VAL D 249 0.50 14.34 -22.33
CA VAL D 249 1.22 15.17 -21.37
C VAL D 249 0.33 15.48 -20.17
N LEU D 250 -0.93 15.80 -20.42
CA LEU D 250 -1.85 16.12 -19.32
C LEU D 250 -2.04 14.92 -18.41
N LEU D 251 -2.20 13.73 -18.98
CA LEU D 251 -2.39 12.53 -18.17
C LEU D 251 -1.17 12.22 -17.32
N SER D 252 0.02 12.36 -17.91
CA SER D 252 1.24 12.15 -17.13
C SER D 252 1.31 13.14 -15.98
N LEU D 253 0.96 14.40 -16.23
CA LEU D 253 0.98 15.38 -15.16
C LEU D 253 -0.05 15.07 -14.07
N THR D 254 -1.22 14.55 -14.44
CA THR D 254 -2.19 14.23 -13.38
C THR D 254 -1.72 13.04 -12.55
N VAL D 255 -1.04 12.07 -13.18
CA VAL D 255 -0.46 10.98 -12.40
C VAL D 255 0.60 11.52 -11.44
N PHE D 256 1.46 12.42 -11.92
CA PHE D 256 2.48 12.95 -11.03
C PHE D 256 1.87 13.84 -9.95
N LEU D 257 0.73 14.47 -10.23
CA LEU D 257 -0.01 15.19 -9.20
C LEU D 257 -0.48 14.25 -8.10
N LEU D 258 -0.98 13.08 -8.50
CA LEU D 258 -1.34 12.06 -7.52
C LEU D 258 -0.14 11.69 -6.65
N VAL D 259 1.02 11.50 -7.28
CA VAL D 259 2.23 11.16 -6.52
C VAL D 259 2.57 12.28 -5.53
N ILE D 260 2.52 13.53 -5.99
CA ILE D 260 2.89 14.65 -5.11
C ILE D 260 1.93 14.76 -3.94
N VAL D 261 0.63 14.64 -4.21
CA VAL D 261 -0.33 14.80 -3.12
C VAL D 261 -0.25 13.64 -2.15
N GLU D 262 0.28 12.48 -2.58
CA GLU D 262 0.54 11.46 -1.59
C GLU D 262 1.92 11.59 -0.95
N LEU D 263 2.75 12.54 -1.41
CA LEU D 263 4.06 12.74 -0.78
C LEU D 263 4.00 13.66 0.44
N ILE D 264 3.18 14.71 0.42
CA ILE D 264 3.28 15.79 1.40
C ILE D 264 2.10 15.78 2.37
N PRO D 265 2.25 16.35 3.57
CA PRO D 265 1.11 16.46 4.49
C PRO D 265 0.05 17.42 3.97
N SER D 266 -1.18 17.19 4.42
CA SER D 266 -2.35 17.91 3.93
C SER D 266 -2.61 19.21 4.66
N THR D 267 -1.62 19.77 5.34
CA THR D 267 -1.83 21.01 6.07
C THR D 267 -1.90 22.20 5.11
N SER D 268 -2.79 23.14 5.44
CA SER D 268 -2.98 24.34 4.63
C SER D 268 -2.36 25.58 5.25
N SER D 269 -1.50 25.41 6.25
CA SER D 269 -0.83 26.57 6.85
C SER D 269 0.06 27.27 5.83
N ALA D 270 0.78 26.50 5.02
CA ALA D 270 1.60 27.04 3.95
C ALA D 270 1.38 26.21 2.69
N VAL D 271 1.34 26.88 1.55
CA VAL D 271 1.17 26.21 0.26
C VAL D 271 2.53 25.70 -0.19
N PRO D 272 2.68 24.40 -0.45
CA PRO D 272 3.95 23.89 -0.95
C PRO D 272 4.25 24.48 -2.32
N LEU D 273 5.50 24.87 -2.54
CA LEU D 273 5.87 25.41 -3.84
C LEU D 273 5.77 24.37 -4.94
N ILE D 274 6.00 23.10 -4.61
CA ILE D 274 5.91 22.05 -5.61
C ILE D 274 4.47 21.89 -6.09
N GLY D 275 3.52 21.91 -5.15
CA GLY D 275 2.11 21.83 -5.55
C GLY D 275 1.66 23.03 -6.35
N LYS D 276 2.09 24.22 -5.95
CA LYS D 276 1.74 25.42 -6.71
C LYS D 276 2.32 25.38 -8.12
N TYR D 277 3.58 24.95 -8.24
CA TYR D 277 4.20 24.89 -9.55
C TYR D 277 3.55 23.81 -10.41
N MET D 278 3.13 22.71 -9.80
CA MET D 278 2.43 21.69 -10.55
C MET D 278 1.09 22.19 -11.06
N LEU D 279 0.37 22.94 -10.23
CA LEU D 279 -0.88 23.56 -10.68
C LEU D 279 -0.62 24.54 -11.81
N PHE D 280 0.47 25.30 -11.72
CA PHE D 280 0.80 26.22 -12.81
C PHE D 280 1.12 25.48 -14.09
N THR D 281 1.83 24.37 -14.00
CA THR D 281 2.12 23.58 -15.20
C THR D 281 0.84 22.98 -15.78
N MET D 282 -0.09 22.57 -14.93
CA MET D 282 -1.37 22.08 -15.44
C MET D 282 -2.15 23.18 -16.13
N ILE D 283 -2.15 24.39 -15.58
CA ILE D 283 -2.79 25.52 -16.25
C ILE D 283 -2.11 25.79 -17.59
N PHE D 284 -0.78 25.70 -17.61
CA PHE D 284 0.00 25.82 -18.84
C PHE D 284 -0.48 24.82 -19.89
N VAL D 285 -0.61 23.55 -19.49
CA VAL D 285 -1.00 22.50 -20.43
C VAL D 285 -2.44 22.70 -20.89
N ILE D 286 -3.32 23.10 -19.99
CA ILE D 286 -4.72 23.31 -20.36
C ILE D 286 -4.84 24.46 -21.36
N SER D 287 -4.12 25.55 -21.12
CA SER D 287 -4.12 26.66 -22.07
C SER D 287 -3.54 26.23 -23.41
N SER D 288 -2.49 25.40 -23.37
CA SER D 288 -1.94 24.86 -24.61
C SER D 288 -2.95 24.05 -25.38
N ILE D 289 -3.72 23.20 -24.68
CA ILE D 289 -4.74 22.39 -25.34
C ILE D 289 -5.82 23.25 -25.94
N ILE D 290 -6.26 24.27 -25.18
CA ILE D 290 -7.30 25.16 -25.69
C ILE D 290 -6.83 25.88 -26.95
N ILE D 291 -5.61 26.42 -26.92
CA ILE D 291 -5.17 27.22 -28.04
C ILE D 291 -4.81 26.34 -29.23
N THR D 292 -4.39 25.09 -29.00
CA THR D 292 -4.17 24.19 -30.13
C THR D 292 -5.47 23.68 -30.71
N VAL D 293 -6.54 23.57 -29.91
CA VAL D 293 -7.85 23.31 -30.46
C VAL D 293 -8.29 24.47 -31.34
N VAL D 294 -8.03 25.69 -30.90
CA VAL D 294 -8.34 26.86 -31.71
C VAL D 294 -7.55 26.83 -33.02
N VAL D 295 -6.28 26.44 -32.95
CA VAL D 295 -5.44 26.35 -34.14
C VAL D 295 -5.99 25.31 -35.10
N ILE D 296 -6.37 24.13 -34.57
CA ILE D 296 -6.93 23.08 -35.41
C ILE D 296 -8.22 23.56 -36.07
N ASN D 297 -9.05 24.29 -35.33
CA ASN D 297 -10.27 24.84 -35.91
C ASN D 297 -9.95 25.83 -37.03
N THR D 298 -8.94 26.68 -36.83
CA THR D 298 -8.58 27.65 -37.86
C THR D 298 -8.03 26.96 -39.11
N HIS D 299 -7.25 25.90 -38.93
CA HIS D 299 -6.63 25.23 -40.06
C HIS D 299 -7.67 24.59 -40.97
N HIS D 300 -8.71 23.98 -40.39
CA HIS D 300 -9.75 23.31 -41.15
C HIS D 300 -10.95 24.19 -41.44
N ARG D 301 -10.78 25.51 -41.39
CA ARG D 301 -11.90 26.40 -41.68
C ARG D 301 -12.24 26.33 -43.15
N SER D 302 -13.52 26.12 -43.45
CA SER D 302 -13.96 26.00 -44.83
C SER D 302 -14.11 27.38 -45.44
N PRO D 303 -13.47 27.67 -46.58
CA PRO D 303 -13.63 28.97 -47.21
C PRO D 303 -15.05 29.24 -47.70
N SER D 304 -15.85 28.21 -47.91
CA SER D 304 -17.22 28.42 -48.38
C SER D 304 -18.05 29.18 -47.35
N THR D 305 -17.93 28.80 -46.08
CA THR D 305 -18.72 29.42 -45.02
C THR D 305 -18.01 30.56 -44.31
N HIS D 306 -16.68 30.51 -44.21
CA HIS D 306 -15.91 31.51 -43.52
C HIS D 306 -15.02 32.28 -44.49
N THR D 307 -15.07 33.61 -44.40
CA THR D 307 -14.20 34.47 -45.18
C THR D 307 -13.22 35.16 -44.24
N MET D 308 -11.99 35.34 -44.69
CA MET D 308 -10.95 35.84 -43.81
C MET D 308 -11.17 37.32 -43.54
N PRO D 309 -11.31 37.74 -42.28
CA PRO D 309 -11.40 39.16 -41.98
C PRO D 309 -10.12 39.88 -42.35
N GLN D 310 -10.25 41.15 -42.72
CA GLN D 310 -9.11 41.88 -43.24
C GLN D 310 -8.03 42.07 -42.17
N TRP D 311 -8.44 42.31 -40.93
CA TRP D 311 -7.46 42.46 -39.86
C TRP D 311 -6.67 41.18 -39.64
N VAL D 312 -7.34 40.03 -39.69
CA VAL D 312 -6.65 38.75 -39.56
C VAL D 312 -5.61 38.60 -40.66
N ARG D 313 -6.01 38.89 -41.90
CA ARG D 313 -5.10 38.77 -43.02
C ARG D 313 -3.90 39.68 -42.84
N LYS D 314 -4.13 40.94 -42.49
CA LYS D 314 -3.04 41.87 -42.30
C LYS D 314 -2.08 41.38 -41.23
N ILE D 315 -2.60 41.07 -40.05
CA ILE D 315 -1.75 40.72 -38.91
C ILE D 315 -0.95 39.46 -39.20
N PHE D 316 -1.60 38.42 -39.74
CA PHE D 316 -0.98 37.11 -39.82
C PHE D 316 -0.38 36.80 -41.18
N ILE D 317 -0.43 37.71 -42.14
CA ILE D 317 0.23 37.49 -43.42
C ILE D 317 1.13 38.65 -43.82
N ASP D 318 0.90 39.87 -43.34
CA ASP D 318 1.64 41.02 -43.84
C ASP D 318 2.72 41.53 -42.90
N THR D 319 2.60 41.30 -41.59
CA THR D 319 3.53 41.91 -40.66
C THR D 319 4.27 40.92 -39.78
N ILE D 320 3.62 39.87 -39.31
CA ILE D 320 4.26 38.94 -38.37
C ILE D 320 5.24 38.00 -39.09
N PRO D 321 4.91 37.43 -40.25
CA PRO D 321 5.91 36.58 -40.92
C PRO D 321 7.21 37.28 -41.25
N ASN D 322 7.19 38.60 -41.45
CA ASN D 322 8.43 39.33 -41.66
C ASN D 322 9.24 39.46 -40.38
N VAL D 323 8.61 39.35 -39.21
CA VAL D 323 9.33 39.50 -37.95
C VAL D 323 10.25 38.31 -37.68
N MET D 324 9.82 37.10 -37.99
CA MET D 324 10.56 35.89 -37.63
C MET D 324 11.69 35.68 -38.64
N PHE D 325 12.90 36.08 -38.26
CA PHE D 325 14.05 35.86 -39.14
C PHE D 325 14.54 34.42 -39.11
N PHE D 326 14.42 33.75 -37.97
CA PHE D 326 14.95 32.40 -37.80
C PHE D 326 14.06 31.34 -38.43
N SER D 327 12.88 31.69 -38.90
CA SER D 327 11.96 30.73 -39.49
C SER D 327 12.17 30.66 -40.99
N THR D 328 11.82 29.51 -41.57
CA THR D 328 11.95 29.26 -43.00
C THR D 328 10.62 29.40 -43.73
N MET D 329 9.72 30.26 -43.25
CA MET D 329 8.45 30.48 -43.92
C MET D 329 8.67 31.11 -45.29
N LYS D 330 7.60 31.16 -46.07
CA LYS D 330 7.58 31.86 -47.34
C LYS D 330 6.82 33.16 -47.14
N ARG D 331 7.50 34.28 -47.34
CA ARG D 331 6.92 35.58 -47.07
C ARG D 331 6.93 36.47 -48.31
N PRO D 370 -25.26 19.93 -83.21
CA PRO D 370 -25.27 18.50 -82.90
C PRO D 370 -24.75 18.20 -81.50
N ASP D 371 -24.08 17.06 -81.35
CA ASP D 371 -23.51 16.68 -80.07
C ASP D 371 -22.11 17.22 -79.84
N VAL D 372 -21.50 17.85 -80.84
CA VAL D 372 -20.22 18.52 -80.64
C VAL D 372 -20.37 19.66 -79.65
N LYS D 373 -21.50 20.36 -79.71
CA LYS D 373 -21.77 21.43 -78.76
C LYS D 373 -21.67 20.92 -77.33
N SER D 374 -22.38 19.82 -77.04
CA SER D 374 -22.38 19.27 -75.67
C SER D 374 -20.95 19.01 -75.18
N ALA D 375 -20.08 18.53 -76.06
CA ALA D 375 -18.68 18.36 -75.68
C ALA D 375 -18.03 19.71 -75.39
N ILE D 376 -18.37 20.73 -76.19
CA ILE D 376 -17.80 22.06 -75.96
C ILE D 376 -18.19 22.59 -74.58
N GLU D 377 -19.48 22.52 -74.24
CA GLU D 377 -19.88 22.93 -72.89
C GLU D 377 -19.37 21.99 -71.82
N GLY D 378 -19.06 20.74 -72.14
CA GLY D 378 -18.42 19.88 -71.16
C GLY D 378 -17.03 20.37 -70.80
N VAL D 379 -16.25 20.76 -71.81
CA VAL D 379 -14.93 21.32 -71.55
C VAL D 379 -15.07 22.66 -70.82
N LYS D 380 -16.06 23.46 -71.21
CA LYS D 380 -16.40 24.68 -70.47
C LYS D 380 -16.59 24.39 -68.99
N TYR D 381 -17.43 23.40 -68.68
CA TYR D 381 -17.77 23.08 -67.30
C TYR D 381 -16.55 22.60 -66.53
N ILE D 382 -15.72 21.76 -67.16
CA ILE D 382 -14.53 21.27 -66.49
C ILE D 382 -13.61 22.43 -66.14
N ALA D 383 -13.38 23.34 -67.09
CA ALA D 383 -12.50 24.46 -66.81
C ALA D 383 -13.06 25.36 -65.71
N GLU D 384 -14.38 25.63 -65.74
CA GLU D 384 -14.98 26.49 -64.73
C GLU D 384 -14.90 25.86 -63.35
N HIS D 385 -15.16 24.55 -63.26
CA HIS D 385 -15.07 23.88 -61.97
C HIS D 385 -13.64 23.88 -61.46
N MET D 386 -12.66 23.73 -62.35
CA MET D 386 -11.27 23.80 -61.90
C MET D 386 -10.92 25.20 -61.40
N LYS D 387 -11.45 26.24 -62.05
CA LYS D 387 -11.20 27.60 -61.55
C LYS D 387 -11.80 27.79 -60.16
N SER D 388 -13.04 27.35 -59.97
CA SER D 388 -13.66 27.48 -58.65
C SER D 388 -12.90 26.69 -57.60
N ASP D 389 -12.45 25.49 -57.96
CA ASP D 389 -11.65 24.68 -57.05
C ASP D 389 -10.35 25.38 -56.68
N GLU D 390 -9.71 26.01 -57.66
CA GLU D 390 -8.48 26.74 -57.39
C GLU D 390 -8.71 27.89 -56.42
N GLU D 391 -9.79 28.64 -56.63
CA GLU D 391 -10.08 29.76 -55.73
C GLU D 391 -10.32 29.27 -54.30
N SER D 392 -11.14 28.21 -54.17
CA SER D 392 -11.42 27.68 -52.84
C SER D 392 -10.16 27.13 -52.19
N SER D 393 -9.31 26.46 -52.95
CA SER D 393 -8.07 25.94 -52.39
C SER D 393 -7.13 27.06 -51.97
N ASN D 394 -7.10 28.17 -52.72
CA ASN D 394 -6.28 29.30 -52.32
C ASN D 394 -6.76 29.88 -51.00
N ALA D 395 -8.07 30.02 -50.83
CA ALA D 395 -8.58 30.54 -49.55
C ALA D 395 -8.29 29.58 -48.41
N ALA D 396 -8.47 28.28 -48.64
CA ALA D 396 -8.15 27.30 -47.60
C ALA D 396 -6.66 27.34 -47.24
N GLU D 397 -5.80 27.53 -48.24
CA GLU D 397 -4.38 27.62 -47.98
C GLU D 397 -4.05 28.87 -47.18
N GLU D 398 -4.77 29.97 -47.42
CA GLU D 398 -4.60 31.15 -46.59
C GLU D 398 -4.95 30.86 -45.14
N TRP D 399 -6.05 30.13 -44.91
CA TRP D 399 -6.40 29.78 -43.53
C TRP D 399 -5.32 28.91 -42.90
N LYS D 400 -4.79 27.95 -43.66
CA LYS D 400 -3.74 27.08 -43.13
C LYS D 400 -2.48 27.87 -42.81
N TYR D 401 -2.15 28.86 -43.64
CA TYR D 401 -1.01 29.72 -43.37
C TYR D 401 -1.21 30.49 -42.07
N VAL D 402 -2.41 31.01 -41.85
CA VAL D 402 -2.69 31.72 -40.61
C VAL D 402 -2.50 30.80 -39.41
N ALA D 403 -3.00 29.57 -39.51
CA ALA D 403 -2.82 28.61 -38.42
C ALA D 403 -1.35 28.32 -38.17
N MET D 404 -0.56 28.19 -39.25
CA MET D 404 0.87 27.94 -39.09
C MET D 404 1.56 29.10 -38.38
N VAL D 405 1.20 30.33 -38.75
CA VAL D 405 1.80 31.50 -38.09
C VAL D 405 1.45 31.52 -36.61
N ILE D 406 0.20 31.19 -36.28
CA ILE D 406 -0.21 31.13 -34.88
C ILE D 406 0.63 30.10 -34.14
N ASP D 407 0.83 28.93 -34.75
CA ASP D 407 1.65 27.90 -34.11
C ASP D 407 3.07 28.38 -33.86
N HIS D 408 3.66 29.08 -34.83
CA HIS D 408 5.03 29.57 -34.62
C HIS D 408 5.10 30.57 -33.49
N ILE D 409 4.14 31.50 -33.43
CA ILE D 409 4.12 32.48 -32.34
C ILE D 409 4.02 31.75 -31.00
N LEU D 410 3.10 30.79 -30.92
CA LEU D 410 2.91 30.05 -29.68
C LEU D 410 4.13 29.24 -29.30
N LEU D 411 4.80 28.66 -30.29
CA LEU D 411 6.00 27.87 -30.01
C LEU D 411 7.08 28.74 -29.40
N CYS D 412 7.33 29.91 -30.00
CA CYS D 412 8.34 30.81 -29.44
C CYS D 412 7.97 31.24 -28.03
N VAL D 413 6.72 31.66 -27.84
CA VAL D 413 6.28 32.13 -26.53
C VAL D 413 6.39 31.02 -25.49
N PHE D 414 5.98 29.81 -25.84
CA PHE D 414 5.92 28.72 -24.88
C PHE D 414 7.31 28.21 -24.53
N MET D 415 8.22 28.17 -25.51
CA MET D 415 9.61 27.83 -25.17
C MET D 415 10.21 28.87 -24.23
N LEU D 416 9.99 30.15 -24.52
CA LEU D 416 10.53 31.19 -23.64
C LEU D 416 9.95 31.07 -22.23
N ILE D 417 8.63 30.86 -22.13
CA ILE D 417 8.00 30.74 -20.82
C ILE D 417 8.53 29.53 -20.08
N CYS D 418 8.67 28.39 -20.77
CA CYS D 418 9.13 27.19 -20.10
C CYS D 418 10.55 27.34 -19.59
N ILE D 419 11.44 27.94 -20.39
CA ILE D 419 12.82 28.08 -19.93
C ILE D 419 12.91 29.06 -18.77
N ILE D 420 12.18 30.19 -18.85
CA ILE D 420 12.19 31.14 -17.74
C ILE D 420 11.62 30.51 -16.47
N GLY D 421 10.54 29.75 -16.62
CA GLY D 421 9.97 29.10 -15.45
C GLY D 421 10.89 28.09 -14.83
N THR D 422 11.49 27.22 -15.65
CA THR D 422 12.38 26.19 -15.10
C THR D 422 13.64 26.80 -14.50
N VAL D 423 14.06 27.98 -14.96
CA VAL D 423 15.16 28.67 -14.29
C VAL D 423 14.69 29.22 -12.94
N SER D 424 13.53 29.77 -12.89
CA SER D 424 13.04 30.43 -11.68
C SER D 424 12.02 29.55 -10.95
N VAL D 425 12.55 28.53 -10.28
CA VAL D 425 11.80 27.72 -9.33
C VAL D 425 12.66 27.51 -8.09
N PHE D 426 12.01 27.56 -6.93
CA PHE D 426 12.66 27.37 -5.63
C PHE D 426 13.83 28.35 -5.48
N ALA D 427 13.61 29.58 -5.96
CA ALA D 427 14.64 30.61 -6.02
C ALA D 427 15.87 30.14 -6.80
N GLY D 428 15.66 29.31 -7.82
CA GLY D 428 16.74 28.82 -8.65
C GLY D 428 17.52 27.66 -8.08
N ARG D 429 17.17 27.16 -6.90
CA ARG D 429 17.94 26.09 -6.28
C ARG D 429 17.88 24.81 -7.10
N LEU D 430 16.82 24.63 -7.90
CA LEU D 430 16.74 23.45 -8.75
C LEU D 430 17.82 23.47 -9.82
N ILE D 431 17.94 24.59 -10.55
CA ILE D 431 18.96 24.68 -11.59
C ILE D 431 20.36 24.74 -10.97
N GLU D 432 20.46 25.30 -9.75
CA GLU D 432 21.74 25.31 -9.07
C GLU D 432 22.20 23.90 -8.71
N LEU D 433 21.25 22.99 -8.50
CA LEU D 433 21.59 21.61 -8.17
C LEU D 433 22.03 20.83 -9.42
N GLU E 1 17.56 15.45 57.75
CA GLU E 1 16.81 14.25 57.42
C GLU E 1 15.48 14.62 56.76
N ASN E 2 15.17 13.94 55.65
CA ASN E 2 13.92 14.18 54.95
C ASN E 2 12.74 13.66 55.77
N GLU E 3 11.95 14.57 56.31
CA GLU E 3 10.77 14.17 57.07
C GLU E 3 9.70 13.55 56.18
N GLU E 4 9.75 13.80 54.87
CA GLU E 4 8.83 13.15 53.96
C GLU E 4 8.95 11.64 54.04
N GLY E 5 10.15 11.13 54.34
CA GLY E 5 10.31 9.70 54.44
C GLY E 5 9.45 9.09 55.53
N ARG E 6 9.55 9.62 56.75
CA ARG E 6 8.76 9.08 57.84
C ARG E 6 7.29 9.43 57.68
N LEU E 7 6.97 10.58 57.09
CA LEU E 7 5.57 10.91 56.86
C LEU E 7 4.92 9.93 55.90
N ILE E 8 5.61 9.59 54.81
CA ILE E 8 5.06 8.66 53.84
C ILE E 8 5.02 7.25 54.40
N GLU E 9 6.03 6.88 55.19
CA GLU E 9 6.00 5.57 55.85
C GLU E 9 4.83 5.47 56.82
N LYS E 10 4.46 6.58 57.46
CA LYS E 10 3.28 6.59 58.32
C LYS E 10 2.00 6.53 57.50
N LEU E 11 1.91 7.30 56.44
CA LEU E 11 0.67 7.37 55.66
C LEU E 11 0.37 6.04 54.99
N LEU E 12 1.34 5.47 54.30
CA LEU E 12 1.11 4.23 53.57
C LEU E 12 1.15 3.00 54.45
N GLY E 13 1.63 3.12 55.68
CA GLY E 13 1.52 2.01 56.62
C GLY E 13 0.06 1.80 56.99
N ASP E 14 -0.39 0.55 56.88
CA ASP E 14 -1.79 0.19 57.13
C ASP E 14 -2.72 0.98 56.21
N TYR E 15 -2.47 0.84 54.91
CA TYR E 15 -3.25 1.51 53.88
C TYR E 15 -3.52 0.51 52.78
N ASP E 16 -4.79 0.22 52.52
CA ASP E 16 -5.20 -0.71 51.48
C ASP E 16 -5.64 0.07 50.25
N LYS E 17 -4.90 -0.07 49.16
CA LYS E 17 -5.20 0.65 47.93
C LYS E 17 -6.40 0.07 47.19
N ARG E 18 -6.95 -1.04 47.63
CA ARG E 18 -8.12 -1.63 47.00
C ARG E 18 -9.42 -1.11 47.58
N ILE E 19 -9.36 -0.29 48.62
CA ILE E 19 -10.55 0.17 49.33
C ILE E 19 -10.85 1.60 48.90
N ILE E 20 -12.07 1.82 48.44
CA ILE E 20 -12.50 3.18 48.10
C ILE E 20 -12.58 4.00 49.40
N PRO E 21 -11.96 5.17 49.47
CA PRO E 21 -11.85 5.90 50.74
C PRO E 21 -13.15 6.60 51.16
N ALA E 22 -14.21 5.81 51.29
CA ALA E 22 -15.50 6.32 51.76
C ALA E 22 -15.51 6.30 53.28
N LYS E 23 -15.73 7.47 53.90
CA LYS E 23 -15.69 7.55 55.35
C LYS E 23 -16.81 6.73 55.98
N THR E 24 -18.02 6.81 55.44
CA THR E 24 -19.13 6.04 55.96
C THR E 24 -19.79 5.22 54.85
N LEU E 25 -20.89 4.55 55.18
CA LEU E 25 -21.53 3.66 54.21
C LEU E 25 -22.20 4.45 53.08
N ASP E 26 -22.68 5.66 53.39
CA ASP E 26 -23.39 6.49 52.41
C ASP E 26 -22.50 7.53 51.74
N HIS E 27 -21.21 7.54 52.05
CA HIS E 27 -20.33 8.57 51.52
C HIS E 27 -20.03 8.30 50.05
N ILE E 28 -20.14 9.35 49.23
CA ILE E 28 -19.90 9.26 47.80
C ILE E 28 -18.68 10.12 47.47
N ILE E 29 -17.68 9.51 46.86
CA ILE E 29 -16.48 10.24 46.49
C ILE E 29 -16.76 11.13 45.29
N ASP E 30 -16.47 12.42 45.43
CA ASP E 30 -16.59 13.37 44.33
C ASP E 30 -15.29 13.39 43.55
N VAL E 31 -15.35 12.98 42.29
CA VAL E 31 -14.18 12.91 41.42
C VAL E 31 -14.31 14.00 40.37
N THR E 32 -13.29 14.84 40.27
CA THR E 32 -13.30 16.02 39.40
C THR E 32 -12.37 15.80 38.22
N LEU E 33 -12.89 16.05 37.02
CA LEU E 33 -12.14 15.88 35.79
C LEU E 33 -11.92 17.23 35.10
N LYS E 34 -10.74 17.38 34.51
CA LYS E 34 -10.41 18.54 33.69
C LYS E 34 -9.47 18.07 32.60
N LEU E 35 -9.77 18.43 31.35
CA LEU E 35 -9.00 17.99 30.21
C LEU E 35 -8.23 19.16 29.63
N THR E 36 -6.95 18.94 29.37
CA THR E 36 -6.08 19.95 28.79
C THR E 36 -5.52 19.38 27.48
N LEU E 37 -5.95 19.95 26.36
CA LEU E 37 -5.44 19.53 25.07
C LEU E 37 -4.14 20.24 24.77
N THR E 38 -3.09 19.46 24.50
CA THR E 38 -1.81 20.04 24.13
C THR E 38 -1.53 19.95 22.63
N ASN E 39 -2.08 18.95 21.95
CA ASN E 39 -1.81 18.78 20.53
C ASN E 39 -2.86 17.84 19.95
N LEU E 40 -3.56 18.29 18.92
CA LEU E 40 -4.47 17.44 18.16
C LEU E 40 -3.64 16.76 17.09
N ILE E 41 -3.19 15.53 17.39
CA ILE E 41 -2.19 14.88 16.56
C ILE E 41 -2.73 14.61 15.16
N SER E 42 -3.90 13.98 15.07
CA SER E 42 -4.43 13.62 13.76
C SER E 42 -5.88 13.17 13.90
N LEU E 43 -6.59 13.24 12.78
CA LEU E 43 -7.92 12.65 12.62
C LEU E 43 -7.82 11.68 11.45
N ASN E 44 -7.57 10.42 11.74
CA ASN E 44 -7.46 9.39 10.72
C ASN E 44 -8.84 9.14 10.13
N GLU E 45 -9.03 9.52 8.87
CA GLU E 45 -10.34 9.36 8.25
C GLU E 45 -10.63 7.90 7.93
N LYS E 46 -9.63 7.14 7.48
CA LYS E 46 -9.87 5.77 7.07
C LYS E 46 -10.36 4.91 8.23
N GLU E 47 -9.74 5.06 9.40
CA GLU E 47 -10.11 4.27 10.56
C GLU E 47 -11.01 5.01 11.53
N GLU E 48 -11.35 6.27 11.23
CA GLU E 48 -12.29 7.06 12.03
C GLU E 48 -11.87 7.13 13.49
N ALA E 49 -10.64 7.61 13.70
CA ALA E 49 -10.05 7.71 15.02
C ALA E 49 -9.39 9.06 15.20
N LEU E 50 -9.65 9.71 16.32
CA LEU E 50 -9.03 10.98 16.66
C LEU E 50 -7.91 10.72 17.66
N THR E 51 -6.69 11.13 17.31
CA THR E 51 -5.54 10.99 18.18
C THR E 51 -5.22 12.34 18.80
N THR E 52 -5.20 12.40 20.13
CA THR E 52 -4.96 13.63 20.84
C THR E 52 -3.89 13.40 21.91
N ASN E 53 -3.09 14.44 22.15
CA ASN E 53 -2.14 14.47 23.26
C ASN E 53 -2.74 15.37 24.34
N VAL E 54 -3.18 14.76 25.44
CA VAL E 54 -3.90 15.48 26.47
C VAL E 54 -3.28 15.20 27.83
N TRP E 55 -3.51 16.13 28.76
CA TRP E 55 -3.29 15.92 30.18
C TRP E 55 -4.66 15.93 30.85
N ILE E 56 -5.01 14.84 31.52
CA ILE E 56 -6.27 14.77 32.25
C ILE E 56 -6.00 15.04 33.71
N GLU E 57 -6.72 16.00 34.27
CA GLU E 57 -6.57 16.39 35.67
C GLU E 57 -7.68 15.76 36.48
N ILE E 58 -7.32 14.90 37.42
CA ILE E 58 -8.27 14.17 38.24
C ILE E 58 -8.03 14.55 39.69
N GLN E 59 -9.09 14.96 40.38
CA GLN E 59 -9.01 15.39 41.77
C GLN E 59 -10.06 14.65 42.59
N TRP E 60 -9.68 14.25 43.80
CA TRP E 60 -10.61 13.66 44.74
C TRP E 60 -10.03 13.83 46.14
N ASN E 61 -10.70 13.29 47.15
CA ASN E 61 -10.28 13.43 48.53
C ASN E 61 -10.16 12.04 49.14
N ASP E 62 -9.00 11.74 49.72
CA ASP E 62 -8.73 10.48 50.38
C ASP E 62 -8.45 10.80 51.84
N TYR E 63 -9.43 10.60 52.71
CA TYR E 63 -9.31 11.01 54.10
C TYR E 63 -8.23 10.24 54.83
N ARG E 64 -7.79 9.09 54.30
CA ARG E 64 -6.74 8.32 54.95
C ARG E 64 -5.39 9.04 54.86
N LEU E 65 -5.15 9.75 53.78
CA LEU E 65 -3.87 10.43 53.57
C LEU E 65 -3.96 11.90 53.97
N SER E 66 -4.22 12.12 55.26
CA SER E 66 -4.26 13.45 55.84
C SER E 66 -3.41 13.45 57.09
N TRP E 67 -2.65 14.53 57.29
CA TRP E 67 -1.74 14.60 58.42
C TRP E 67 -1.74 16.02 58.99
N ASN E 68 -1.06 16.16 60.12
CA ASN E 68 -0.90 17.43 60.81
C ASN E 68 0.46 18.00 60.44
N THR E 69 0.46 19.17 59.79
CA THR E 69 1.71 19.72 59.28
C THR E 69 2.66 20.09 60.42
N SER E 70 2.12 20.49 61.56
CA SER E 70 2.96 20.85 62.70
C SER E 70 3.79 19.68 63.21
N GLU E 71 3.35 18.45 62.96
CA GLU E 71 4.08 17.27 63.40
C GLU E 71 5.16 16.84 62.42
N TYR E 72 5.26 17.48 61.26
CA TYR E 72 6.20 17.06 60.23
C TYR E 72 6.93 18.26 59.65
N GLU E 73 7.26 19.23 60.51
CA GLU E 73 8.04 20.41 60.12
C GLU E 73 7.42 21.17 58.96
N GLY E 74 6.09 21.28 58.97
CA GLY E 74 5.42 22.12 58.01
C GLY E 74 5.25 21.53 56.63
N ILE E 75 5.48 20.23 56.44
CA ILE E 75 5.24 19.61 55.15
C ILE E 75 3.74 19.52 54.93
N ASP E 76 3.25 20.14 53.86
CA ASP E 76 1.83 20.11 53.54
C ASP E 76 1.53 19.49 52.19
N LEU E 77 2.54 18.97 51.50
CA LEU E 77 2.33 18.38 50.18
C LEU E 77 3.47 17.41 49.89
N VAL E 78 3.12 16.19 49.49
CA VAL E 78 4.09 15.18 49.09
C VAL E 78 3.64 14.58 47.77
N ARG E 79 4.57 13.92 47.11
CA ARG E 79 4.30 13.20 45.87
C ARG E 79 4.40 11.71 46.14
N ILE E 80 3.33 10.99 45.82
CA ILE E 80 3.30 9.53 46.00
C ILE E 80 3.01 8.91 44.64
N PRO E 81 3.76 7.89 44.22
CA PRO E 81 3.45 7.25 42.93
C PRO E 81 2.04 6.68 42.92
N SER E 82 1.39 6.82 41.77
CA SER E 82 -0.02 6.46 41.65
C SER E 82 -0.26 4.97 41.82
N GLU E 83 0.75 4.13 41.65
CA GLU E 83 0.57 2.70 41.81
C GLU E 83 0.29 2.30 43.25
N LEU E 84 0.67 3.14 44.21
CA LEU E 84 0.57 2.81 45.62
C LEU E 84 -0.75 3.26 46.25
N LEU E 85 -1.58 3.98 45.52
CA LEU E 85 -2.76 4.62 46.08
C LEU E 85 -4.02 4.08 45.41
N TRP E 86 -5.16 4.37 46.04
CA TRP E 86 -6.44 4.13 45.40
C TRP E 86 -6.70 5.20 44.36
N LEU E 87 -7.16 4.78 43.18
CA LEU E 87 -7.52 5.71 42.14
C LEU E 87 -8.94 5.44 41.67
N PRO E 88 -9.67 6.46 41.24
CA PRO E 88 -10.92 6.21 40.52
C PRO E 88 -10.61 5.75 39.11
N ASP E 89 -11.15 4.59 38.73
CA ASP E 89 -10.78 4.02 37.44
C ASP E 89 -11.41 4.78 36.29
N VAL E 90 -11.00 6.04 36.11
CA VAL E 90 -11.51 6.87 35.03
C VAL E 90 -10.82 6.46 33.73
N VAL E 91 -11.60 6.02 32.75
CA VAL E 91 -11.06 5.53 31.49
C VAL E 91 -11.78 6.22 30.35
N LEU E 92 -11.12 6.24 29.19
CA LEU E 92 -11.76 6.74 27.98
C LEU E 92 -12.51 5.57 27.35
N GLU E 93 -13.83 5.70 27.26
CA GLU E 93 -14.64 4.55 26.84
C GLU E 93 -14.71 4.37 25.34
N ASN E 94 -14.73 5.46 24.57
CA ASN E 94 -14.84 5.35 23.12
C ASN E 94 -13.49 5.29 22.45
N ASN E 95 -12.62 4.39 22.89
CA ASN E 95 -11.31 4.20 22.29
C ASN E 95 -11.40 3.21 21.14
N VAL E 96 -10.66 3.48 20.06
CA VAL E 96 -10.64 2.56 18.93
C VAL E 96 -9.86 1.29 19.29
N ASP E 97 -8.74 1.45 19.99
CA ASP E 97 -7.95 0.33 20.45
C ASP E 97 -8.42 -0.06 21.86
N GLY E 98 -7.66 -0.92 22.52
CA GLY E 98 -7.98 -1.30 23.87
C GLY E 98 -7.38 -0.42 24.94
N GLN E 99 -6.88 0.76 24.59
CA GLN E 99 -6.20 1.62 25.55
C GLN E 99 -7.23 2.43 26.32
N PHE E 100 -7.63 1.92 27.49
CA PHE E 100 -8.56 2.63 28.35
C PHE E 100 -7.85 3.62 29.26
N GLU E 101 -6.72 3.23 29.82
CA GLU E 101 -6.06 3.97 30.89
C GLU E 101 -5.01 4.93 30.32
N VAL E 102 -4.39 5.70 31.21
CA VAL E 102 -3.46 6.74 30.81
C VAL E 102 -2.15 6.14 30.34
N ALA E 103 -1.40 6.92 29.57
CA ALA E 103 -0.14 6.44 29.01
C ALA E 103 0.94 6.33 30.08
N TYR E 104 1.07 7.34 30.91
CA TYR E 104 2.12 7.43 31.91
C TYR E 104 1.49 7.62 33.28
N TYR E 105 1.85 6.75 34.23
CA TYR E 105 1.27 6.79 35.57
C TYR E 105 2.13 7.70 36.43
N ALA E 106 1.81 8.99 36.40
CA ALA E 106 2.61 9.98 37.11
C ALA E 106 2.33 9.91 38.61
N ASN E 107 3.14 10.63 39.39
CA ASN E 107 2.92 10.71 40.81
C ASN E 107 1.64 11.50 41.11
N VAL E 108 1.07 11.24 42.27
CA VAL E 108 -0.12 11.94 42.74
C VAL E 108 0.31 12.94 43.79
N LEU E 109 -0.14 14.19 43.66
CA LEU E 109 0.11 15.20 44.67
C LEU E 109 -0.90 15.05 45.79
N VAL E 110 -0.41 14.89 47.02
CA VAL E 110 -1.24 14.66 48.19
C VAL E 110 -1.03 15.82 49.15
N TYR E 111 -2.10 16.53 49.47
CA TYR E 111 -2.08 17.58 50.47
C TYR E 111 -2.50 17.07 51.83
N ASN E 112 -2.16 17.85 52.86
CA ASN E 112 -2.31 17.41 54.23
C ASN E 112 -3.76 17.27 54.65
N ASP E 113 -4.71 17.77 53.87
CA ASP E 113 -6.12 17.59 54.17
C ASP E 113 -6.73 16.40 53.44
N GLY E 114 -5.91 15.62 52.73
CA GLY E 114 -6.40 14.49 51.98
C GLY E 114 -6.69 14.76 50.52
N SER E 115 -6.57 16.01 50.07
CA SER E 115 -6.82 16.32 48.67
C SER E 115 -5.79 15.63 47.79
N MET E 116 -6.25 14.95 46.75
CA MET E 116 -5.40 14.26 45.81
C MET E 116 -5.50 14.93 44.45
N TYR E 117 -4.36 15.15 43.81
CA TYR E 117 -4.30 15.84 42.54
C TYR E 117 -3.45 15.02 41.59
N TRP E 118 -4.09 14.39 40.61
CA TRP E 118 -3.42 13.51 39.67
C TRP E 118 -3.53 14.13 38.28
N LEU E 119 -2.40 14.32 37.61
CA LEU E 119 -2.35 14.94 36.29
C LEU E 119 -1.47 14.10 35.38
N PRO E 120 -1.94 12.92 34.97
CA PRO E 120 -1.15 12.09 34.07
C PRO E 120 -1.35 12.48 32.62
N PRO E 121 -0.31 12.40 31.80
CA PRO E 121 -0.49 12.60 30.37
C PRO E 121 -0.98 11.33 29.68
N ALA E 122 -1.61 11.51 28.53
CA ALA E 122 -2.17 10.37 27.80
C ALA E 122 -2.21 10.69 26.32
N ILE E 123 -2.00 9.66 25.51
CA ILE E 123 -2.26 9.72 24.06
C ILE E 123 -3.53 8.91 23.84
N TYR E 124 -4.62 9.60 23.55
CA TYR E 124 -5.93 8.98 23.43
C TYR E 124 -6.32 8.86 21.97
N ARG E 125 -6.77 7.67 21.57
CA ARG E 125 -7.28 7.42 20.24
C ARG E 125 -8.75 7.05 20.36
N SER E 126 -9.62 8.03 20.10
CA SER E 126 -11.05 7.86 20.32
C SER E 126 -11.78 7.73 18.99
N THR E 127 -12.92 7.04 19.04
CA THR E 127 -13.76 6.89 17.86
C THR E 127 -14.42 8.21 17.52
N CYS E 128 -14.32 8.61 16.25
CA CYS E 128 -15.03 9.78 15.75
C CYS E 128 -15.73 9.40 14.45
N PRO E 129 -17.02 9.10 14.49
CA PRO E 129 -17.76 8.85 13.25
C PRO E 129 -17.76 10.09 12.37
N ILE E 130 -17.32 9.91 11.14
CA ILE E 130 -17.01 11.03 10.25
C ILE E 130 -18.16 11.25 9.29
N ALA E 131 -18.60 12.50 9.17
CA ALA E 131 -19.61 12.90 8.19
C ALA E 131 -18.89 13.35 6.93
N VAL E 132 -19.15 12.65 5.82
CA VAL E 132 -18.40 12.86 4.59
C VAL E 132 -19.17 13.70 3.58
N THR E 133 -20.35 14.19 3.96
CA THR E 133 -21.24 14.81 2.97
C THR E 133 -20.59 16.01 2.30
N TYR E 134 -19.87 16.84 3.06
CA TYR E 134 -19.32 18.07 2.53
C TYR E 134 -17.79 18.02 2.42
N PHE E 135 -17.23 16.84 2.23
CA PHE E 135 -15.80 16.72 1.99
C PHE E 135 -15.44 17.50 0.73
N PRO E 136 -14.34 18.29 0.75
CA PRO E 136 -13.41 18.55 1.84
C PRO E 136 -13.70 19.83 2.61
N PHE E 137 -14.90 20.39 2.45
CA PHE E 137 -15.32 21.57 3.17
C PHE E 137 -16.05 21.23 4.46
N ASP E 138 -15.73 20.08 5.05
CA ASP E 138 -16.49 19.55 6.16
C ASP E 138 -15.91 19.99 7.50
N TRP E 139 -16.74 19.90 8.53
CA TRP E 139 -16.32 20.02 9.91
C TRP E 139 -16.78 18.77 10.64
N GLN E 140 -16.01 18.36 11.63
CA GLN E 140 -16.32 17.15 12.38
C GLN E 140 -16.62 17.50 13.83
N ASN E 141 -17.38 16.62 14.46
CA ASN E 141 -17.83 16.78 15.85
C ASN E 141 -17.36 15.55 16.61
N CYS E 142 -16.11 15.59 17.06
CA CYS E 142 -15.51 14.47 17.75
C CYS E 142 -15.71 14.59 19.25
N SER E 143 -15.67 13.45 19.93
CA SER E 143 -16.03 13.38 21.33
C SER E 143 -15.04 12.50 22.08
N LEU E 144 -14.81 12.84 23.34
CA LEU E 144 -14.03 12.02 24.26
C LEU E 144 -14.88 11.74 25.48
N VAL E 145 -15.26 10.49 25.67
CA VAL E 145 -16.18 10.08 26.73
C VAL E 145 -15.38 9.46 27.86
N PHE E 146 -15.41 10.09 29.03
CA PHE E 146 -14.73 9.60 30.21
C PHE E 146 -15.74 9.13 31.22
N ARG E 147 -15.49 7.97 31.82
CA ARG E 147 -16.32 7.48 32.90
C ARG E 147 -15.52 6.49 33.72
N SER E 148 -16.01 6.21 34.93
CA SER E 148 -15.33 5.27 35.80
C SER E 148 -15.58 3.84 35.33
N GLN E 149 -14.50 3.07 35.22
CA GLN E 149 -14.63 1.70 34.76
C GLN E 149 -15.15 0.76 35.83
N THR E 150 -15.05 1.15 37.10
CA THR E 150 -15.38 0.27 38.22
C THR E 150 -16.60 0.72 39.01
N TYR E 151 -16.66 2.00 39.38
CA TYR E 151 -17.61 2.46 40.37
C TYR E 151 -18.82 3.12 39.71
N ASN E 152 -19.99 2.88 40.29
CA ASN E 152 -21.22 3.42 39.78
C ASN E 152 -21.53 4.74 40.48
N ALA E 153 -22.73 5.28 40.22
CA ALA E 153 -23.10 6.59 40.75
C ALA E 153 -23.35 6.57 42.25
N HIS E 154 -23.42 5.41 42.87
CA HIS E 154 -23.60 5.31 44.31
C HIS E 154 -22.28 5.35 45.07
N GLU E 155 -21.16 5.26 44.38
CA GLU E 155 -19.84 5.25 44.98
C GLU E 155 -18.98 6.43 44.57
N VAL E 156 -19.09 6.87 43.32
CA VAL E 156 -18.28 7.94 42.77
C VAL E 156 -19.20 8.91 42.05
N ASN E 157 -19.01 10.20 42.27
CA ASN E 157 -19.79 11.25 41.64
C ASN E 157 -18.88 12.06 40.73
N LEU E 158 -18.86 11.72 39.45
CA LEU E 158 -18.05 12.46 38.48
C LEU E 158 -18.61 13.86 38.27
N GLN E 159 -17.72 14.84 38.23
CA GLN E 159 -18.11 16.23 38.01
C GLN E 159 -17.04 16.91 37.19
N LEU E 160 -17.40 18.04 36.60
CA LEU E 160 -16.44 18.87 35.92
C LEU E 160 -15.71 19.74 36.93
N SER E 161 -14.52 20.20 36.54
CA SER E 161 -13.70 20.99 37.44
C SER E 161 -14.26 22.37 37.63
N ALA E 162 -14.06 22.93 38.82
CA ALA E 162 -14.50 24.28 39.14
C ALA E 162 -13.35 25.04 39.77
N GLU E 163 -13.01 26.18 39.20
CA GLU E 163 -12.12 27.15 39.82
C GLU E 163 -12.86 28.48 39.96
N GLU E 164 -12.71 29.10 41.13
CA GLU E 164 -13.42 30.32 41.49
C GLU E 164 -14.94 30.11 41.42
N GLY E 165 -15.38 28.92 41.82
CA GLY E 165 -16.81 28.64 41.89
C GLY E 165 -17.46 28.31 40.57
N GLU E 166 -16.88 28.82 39.48
CA GLU E 166 -17.44 28.61 38.15
C GLU E 166 -16.85 27.34 37.55
N ALA E 167 -17.73 26.41 37.16
CA ALA E 167 -17.27 25.16 36.59
C ALA E 167 -16.62 25.39 35.23
N VAL E 168 -15.57 24.63 34.96
CA VAL E 168 -14.89 24.67 33.68
C VAL E 168 -15.61 23.69 32.75
N GLU E 169 -16.46 24.23 31.89
CA GLU E 169 -17.28 23.44 30.98
C GLU E 169 -16.70 23.39 29.58
N TRP E 170 -15.38 23.37 29.47
CA TRP E 170 -14.72 23.35 28.18
C TRP E 170 -13.40 22.60 28.30
N ILE E 171 -12.86 22.22 27.15
CA ILE E 171 -11.51 21.66 27.10
C ILE E 171 -10.53 22.80 27.30
N HIS E 172 -9.66 22.67 28.29
CA HIS E 172 -8.68 23.72 28.55
C HIS E 172 -7.56 23.66 27.53
N ILE E 173 -7.21 24.81 26.97
CA ILE E 173 -6.09 24.93 26.05
C ILE E 173 -5.11 25.92 26.63
N ASP E 174 -3.93 25.43 27.02
CA ASP E 174 -2.91 26.28 27.61
C ASP E 174 -2.06 26.88 26.51
N PRO E 175 -1.94 28.20 26.42
CA PRO E 175 -1.05 28.80 25.42
C PRO E 175 0.40 28.40 25.59
N GLU E 176 0.84 28.13 26.82
CA GLU E 176 2.23 27.75 27.06
C GLU E 176 2.59 26.43 26.40
N ASP E 177 1.61 25.57 26.11
CA ASP E 177 1.89 24.28 25.49
C ASP E 177 0.70 23.92 24.61
N PHE E 178 0.75 24.32 23.34
CA PHE E 178 -0.27 23.99 22.36
C PHE E 178 0.24 24.36 20.98
N THR E 179 0.01 23.47 20.01
CA THR E 179 0.40 23.69 18.63
C THR E 179 -0.80 23.46 17.74
N GLU E 180 -1.05 24.41 16.84
CA GLU E 180 -2.15 24.26 15.89
C GLU E 180 -1.88 23.12 14.92
N ASN E 181 -2.94 22.41 14.54
CA ASN E 181 -2.77 21.25 13.68
C ASN E 181 -2.29 21.65 12.29
N GLY E 182 -2.79 22.76 11.76
CA GLY E 182 -2.50 23.16 10.41
C GLY E 182 -3.44 22.62 9.38
N GLU E 183 -4.21 21.60 9.72
CA GLU E 183 -5.30 21.11 8.90
C GLU E 183 -6.67 21.30 9.54
N TRP E 184 -6.77 21.15 10.86
CA TRP E 184 -8.03 21.30 11.57
C TRP E 184 -7.97 22.51 12.49
N THR E 185 -9.04 23.29 12.48
CA THR E 185 -9.19 24.43 13.37
C THR E 185 -10.28 24.12 14.39
N ILE E 186 -9.96 24.29 15.66
CA ILE E 186 -10.91 24.00 16.74
C ILE E 186 -11.85 25.19 16.86
N ARG E 187 -13.13 24.97 16.58
CA ARG E 187 -14.13 26.03 16.68
C ARG E 187 -14.80 26.04 18.05
N HIS E 188 -15.24 24.89 18.52
CA HIS E 188 -15.86 24.76 19.83
C HIS E 188 -15.20 23.60 20.57
N ARG E 189 -15.20 23.69 21.90
CA ARG E 189 -14.61 22.66 22.75
C ARG E 189 -15.38 22.56 24.07
N PRO E 190 -16.68 22.31 24.02
CA PRO E 190 -17.46 22.28 25.24
C PRO E 190 -17.27 20.97 26.00
N ALA E 191 -17.62 21.02 27.28
CA ALA E 191 -17.61 19.82 28.12
C ALA E 191 -18.89 19.79 28.92
N LYS E 192 -19.42 18.59 29.12
CA LYS E 192 -20.67 18.44 29.86
C LYS E 192 -20.69 17.07 30.51
N LYS E 193 -21.52 16.94 31.55
CA LYS E 193 -21.79 15.66 32.17
C LYS E 193 -23.07 15.09 31.59
N ASN E 194 -23.00 13.84 31.16
CA ASN E 194 -24.11 13.18 30.50
C ASN E 194 -24.60 12.01 31.33
N TYR E 195 -25.87 11.68 31.19
CA TYR E 195 -26.47 10.55 31.87
C TYR E 195 -27.09 9.60 30.86
N ASN E 196 -26.98 8.30 31.13
CA ASN E 196 -27.68 7.28 30.34
C ASN E 196 -28.93 6.92 31.12
N TRP E 197 -30.06 7.51 30.72
CA TRP E 197 -31.29 7.36 31.49
C TRP E 197 -31.92 5.98 31.33
N GLN E 198 -31.47 5.19 30.36
CA GLN E 198 -31.94 3.81 30.25
C GLN E 198 -31.38 2.93 31.36
N LEU E 199 -30.31 3.37 32.01
CA LEU E 199 -29.72 2.66 33.14
C LEU E 199 -30.07 3.37 34.43
N THR E 200 -29.78 2.72 35.56
CA THR E 200 -30.04 3.26 36.87
C THR E 200 -28.73 3.76 37.47
N LYS E 201 -28.77 4.22 38.72
CA LYS E 201 -27.56 4.74 39.36
C LYS E 201 -26.53 3.66 39.61
N ASP E 202 -26.84 2.41 39.35
CA ASP E 202 -25.87 1.34 39.29
C ASP E 202 -25.37 1.22 37.85
N ASP E 203 -24.74 0.11 37.51
CA ASP E 203 -24.36 -0.30 36.16
C ASP E 203 -23.10 0.41 35.66
N THR E 204 -22.56 1.39 36.38
CA THR E 204 -21.22 1.92 36.15
C THR E 204 -21.18 2.76 34.87
N ASP E 205 -22.24 2.72 34.08
CA ASP E 205 -22.33 3.48 32.84
C ASP E 205 -23.39 4.57 32.91
N PHE E 206 -23.94 4.80 34.11
CA PHE E 206 -24.99 5.81 34.26
C PHE E 206 -24.47 7.21 33.95
N GLN E 207 -23.30 7.55 34.47
CA GLN E 207 -22.78 8.91 34.38
C GLN E 207 -21.49 8.91 33.58
N GLU E 208 -21.20 10.06 32.97
CA GLU E 208 -19.98 10.23 32.21
C GLU E 208 -19.70 11.72 32.03
N ILE E 209 -18.46 12.02 31.68
CA ILE E 209 -18.02 13.37 31.33
C ILE E 209 -17.57 13.32 29.88
N ILE E 210 -18.15 14.17 29.05
CA ILE E 210 -17.88 14.18 27.62
C ILE E 210 -17.22 15.49 27.24
N PHE E 211 -16.09 15.40 26.55
CA PHE E 211 -15.40 16.56 26.02
C PHE E 211 -15.55 16.54 24.51
N PHE E 212 -16.06 17.62 23.95
CA PHE E 212 -16.35 17.70 22.53
C PHE E 212 -15.29 18.52 21.81
N LEU E 213 -15.00 18.14 20.58
CA LEU E 213 -14.05 18.86 19.74
C LEU E 213 -14.71 19.05 18.38
N ILE E 214 -15.35 20.20 18.19
CA ILE E 214 -15.88 20.58 16.89
C ILE E 214 -14.78 21.25 16.10
N ILE E 215 -14.26 20.55 15.09
CA ILE E 215 -13.07 20.95 14.37
C ILE E 215 -13.42 21.14 12.90
N GLN E 216 -13.01 22.27 12.33
CA GLN E 216 -13.25 22.59 10.94
C GLN E 216 -11.99 22.36 10.14
N ARG E 217 -12.12 21.66 9.01
CA ARG E 217 -10.98 21.43 8.13
C ARG E 217 -10.62 22.68 7.34
N LYS E 218 -9.31 22.88 7.16
CA LYS E 218 -8.82 23.90 6.25
C LYS E 218 -8.73 23.28 4.86
N PRO E 219 -9.51 23.75 3.88
CA PRO E 219 -9.57 23.07 2.58
C PRO E 219 -8.64 23.62 1.50
N LEU E 220 -7.78 24.59 1.82
CA LEU E 220 -6.95 25.21 0.79
C LEU E 220 -6.06 24.19 0.10
N PHE E 221 -5.42 23.32 0.88
CA PHE E 221 -4.61 22.26 0.30
C PHE E 221 -5.44 21.39 -0.63
N TYR E 222 -6.60 20.93 -0.15
CA TYR E 222 -7.45 20.07 -0.96
C TYR E 222 -7.93 20.79 -2.19
N ILE E 223 -8.34 22.05 -2.05
CA ILE E 223 -8.76 22.84 -3.21
C ILE E 223 -7.67 22.82 -4.27
N ILE E 224 -6.49 23.36 -3.93
CA ILE E 224 -5.43 23.56 -4.91
C ILE E 224 -4.99 22.23 -5.51
N ASN E 225 -4.83 21.20 -4.68
CA ASN E 225 -4.18 19.99 -5.15
C ASN E 225 -5.13 18.94 -5.72
N ILE E 226 -6.45 19.10 -5.55
CA ILE E 226 -7.36 18.11 -6.11
C ILE E 226 -8.46 18.79 -6.92
N ILE E 227 -9.15 19.76 -6.33
CA ILE E 227 -10.37 20.27 -6.94
C ILE E 227 -10.05 21.09 -8.18
N ALA E 228 -9.05 21.96 -8.09
CA ALA E 228 -8.67 22.77 -9.25
C ALA E 228 -8.19 21.91 -10.41
N PRO E 229 -7.28 20.94 -10.24
CA PRO E 229 -6.94 20.07 -11.38
C PRO E 229 -8.12 19.29 -11.92
N CYS E 230 -9.01 18.84 -11.04
CA CYS E 230 -10.18 18.08 -11.49
C CYS E 230 -11.10 18.94 -12.33
N VAL E 231 -11.38 20.16 -11.88
CA VAL E 231 -12.22 21.06 -12.66
C VAL E 231 -11.55 21.42 -13.98
N LEU E 232 -10.24 21.69 -13.94
CA LEU E 232 -9.53 22.08 -15.15
C LEU E 232 -9.56 20.97 -16.19
N ILE E 233 -9.34 19.73 -15.76
CA ILE E 233 -9.36 18.61 -16.70
C ILE E 233 -10.78 18.35 -17.18
N SER E 234 -11.77 18.45 -16.29
CA SER E 234 -13.15 18.19 -16.67
C SER E 234 -13.69 19.23 -17.64
N SER E 235 -13.16 20.45 -17.58
CA SER E 235 -13.64 21.48 -18.49
C SER E 235 -13.20 21.25 -19.93
N LEU E 236 -12.28 20.31 -20.18
CA LEU E 236 -11.77 20.06 -21.51
C LEU E 236 -12.76 19.33 -22.42
N VAL E 237 -13.86 18.81 -21.87
CA VAL E 237 -14.80 18.07 -22.69
C VAL E 237 -15.46 18.98 -23.72
N VAL E 238 -15.71 20.23 -23.37
CA VAL E 238 -16.42 21.13 -24.26
C VAL E 238 -15.59 21.53 -25.47
N LEU E 239 -14.30 21.23 -25.48
CA LEU E 239 -13.46 21.56 -26.63
C LEU E 239 -13.67 20.61 -27.80
N VAL E 240 -14.27 19.44 -27.58
CA VAL E 240 -14.52 18.51 -28.67
C VAL E 240 -15.50 19.07 -29.69
N TYR E 241 -16.22 20.12 -29.35
CA TYR E 241 -17.20 20.70 -30.25
C TYR E 241 -16.59 21.65 -31.27
N PHE E 242 -15.30 21.91 -31.20
CA PHE E 242 -14.62 22.75 -32.17
C PHE E 242 -13.63 21.99 -33.03
N LEU E 243 -13.42 20.71 -32.77
CA LEU E 243 -12.59 19.88 -33.60
C LEU E 243 -13.36 19.44 -34.84
N PRO E 244 -12.66 19.24 -35.97
CA PRO E 244 -13.36 18.79 -37.18
C PRO E 244 -13.92 17.38 -37.00
N ALA E 245 -15.06 17.14 -37.64
CA ALA E 245 -15.75 15.87 -37.53
C ALA E 245 -15.36 14.98 -38.70
N GLN E 246 -14.12 14.49 -38.64
CA GLN E 246 -13.56 13.66 -39.71
C GLN E 246 -12.37 12.90 -39.14
N ALA E 247 -11.73 12.12 -40.00
CA ALA E 247 -10.53 11.39 -39.58
C ALA E 247 -9.39 12.37 -39.34
N GLY E 248 -8.74 12.23 -38.20
CA GLY E 248 -7.71 13.17 -37.80
C GLY E 248 -8.20 14.32 -36.96
N GLY E 249 -9.52 14.46 -36.78
CA GLY E 249 -10.04 15.49 -35.90
C GLY E 249 -9.87 15.16 -34.43
N GLN E 250 -9.97 13.88 -34.08
CA GLN E 250 -9.71 13.40 -32.72
C GLN E 250 -10.71 13.95 -31.71
N LYS E 251 -11.99 13.78 -32.00
CA LYS E 251 -13.02 14.09 -31.02
C LYS E 251 -13.07 13.02 -29.93
N CYS E 252 -13.19 11.75 -30.36
CA CYS E 252 -13.33 10.67 -29.39
C CYS E 252 -12.07 10.50 -28.56
N THR E 253 -10.89 10.74 -29.15
CA THR E 253 -9.66 10.69 -28.38
C THR E 253 -9.72 11.63 -27.19
N LEU E 254 -10.04 12.90 -27.44
CA LEU E 254 -10.10 13.89 -26.38
C LEU E 254 -11.16 13.54 -25.35
N SER E 255 -12.35 13.14 -25.82
CA SER E 255 -13.45 12.85 -24.90
C SER E 255 -13.11 11.68 -23.99
N ILE E 256 -12.69 10.56 -24.57
CA ILE E 256 -12.39 9.36 -23.78
C ILE E 256 -11.23 9.62 -22.84
N SER E 257 -10.24 10.40 -23.29
CA SER E 257 -9.10 10.67 -22.44
C SER E 257 -9.49 11.52 -21.23
N VAL E 258 -10.36 12.50 -21.42
CA VAL E 258 -10.85 13.26 -20.27
C VAL E 258 -11.62 12.34 -19.32
N LEU E 259 -12.41 11.42 -19.88
CA LEU E 259 -13.11 10.45 -19.02
C LEU E 259 -12.12 9.63 -18.20
N LEU E 260 -11.04 9.18 -18.82
CA LEU E 260 -10.03 8.40 -18.11
C LEU E 260 -9.37 9.22 -17.00
N ALA E 261 -9.07 10.48 -17.28
CA ALA E 261 -8.49 11.33 -16.25
C ALA E 261 -9.45 11.51 -15.07
N GLN E 262 -10.74 11.65 -15.36
CA GLN E 262 -11.72 11.74 -14.27
C GLN E 262 -11.76 10.45 -13.46
N THR E 263 -11.63 9.30 -14.14
CA THR E 263 -11.55 8.04 -13.41
C THR E 263 -10.35 8.00 -12.48
N ILE E 264 -9.20 8.48 -12.96
CA ILE E 264 -8.01 8.55 -12.11
C ILE E 264 -8.26 9.42 -10.90
N PHE E 265 -8.95 10.55 -11.10
CA PHE E 265 -9.25 11.43 -9.97
C PHE E 265 -10.21 10.79 -8.99
N LEU E 266 -11.17 9.99 -9.47
CA LEU E 266 -12.02 9.25 -8.57
C LEU E 266 -11.22 8.27 -7.72
N PHE E 267 -10.25 7.59 -8.34
CA PHE E 267 -9.38 6.71 -7.57
C PHE E 267 -8.59 7.51 -6.53
N LEU E 268 -8.12 8.69 -6.90
CA LEU E 268 -7.40 9.54 -5.94
C LEU E 268 -8.29 9.91 -4.76
N ILE E 269 -9.54 10.28 -5.02
CA ILE E 269 -10.45 10.63 -3.93
C ILE E 269 -10.72 9.43 -3.03
N ALA E 270 -10.78 8.23 -3.63
CA ALA E 270 -11.03 7.04 -2.83
C ALA E 270 -9.96 6.82 -1.76
N GLN E 271 -8.77 7.37 -1.94
CA GLN E 271 -7.68 7.23 -0.97
C GLN E 271 -7.75 8.25 0.16
N LYS E 272 -8.61 9.26 0.06
CA LYS E 272 -8.63 10.36 1.01
C LYS E 272 -9.86 10.40 1.90
N VAL E 273 -10.87 9.58 1.63
CA VAL E 273 -12.12 9.63 2.38
C VAL E 273 -12.36 8.26 3.00
N PRO E 274 -13.11 8.18 4.11
CA PRO E 274 -13.40 6.88 4.70
C PRO E 274 -14.33 6.06 3.82
N GLU E 275 -14.34 4.75 4.08
CA GLU E 275 -15.09 3.79 3.29
C GLU E 275 -16.47 3.52 3.86
N THR E 276 -17.06 4.46 4.57
CA THR E 276 -18.41 4.31 5.06
C THR E 276 -19.41 4.55 3.93
N SER E 277 -20.63 4.07 4.14
CA SER E 277 -21.66 4.09 3.12
C SER E 277 -22.93 4.80 3.58
N LEU E 278 -22.78 5.85 4.38
CA LEU E 278 -23.93 6.62 4.82
C LEU E 278 -24.21 7.80 3.90
N ASN E 279 -23.17 8.41 3.34
CA ASN E 279 -23.30 9.53 2.42
C ASN E 279 -22.18 9.46 1.40
N VAL E 280 -22.38 10.13 0.28
CA VAL E 280 -21.37 10.26 -0.77
C VAL E 280 -20.66 11.59 -0.54
N PRO E 281 -19.33 11.61 -0.57
CA PRO E 281 -18.61 12.88 -0.40
C PRO E 281 -18.94 13.86 -1.53
N LEU E 282 -18.87 15.14 -1.21
CA LEU E 282 -19.24 16.17 -2.18
C LEU E 282 -18.35 16.11 -3.42
N ILE E 283 -17.05 15.93 -3.22
CA ILE E 283 -16.14 15.79 -4.36
C ILE E 283 -16.46 14.52 -5.15
N GLY E 284 -16.88 13.46 -4.47
CA GLY E 284 -17.31 12.26 -5.17
C GLY E 284 -18.56 12.50 -6.00
N LYS E 285 -19.49 13.29 -5.48
CA LYS E 285 -20.67 13.65 -6.26
C LYS E 285 -20.28 14.46 -7.48
N TYR E 286 -19.35 15.40 -7.33
CA TYR E 286 -18.90 16.18 -8.48
C TYR E 286 -18.23 15.28 -9.51
N LEU E 287 -17.41 14.33 -9.06
CA LEU E 287 -16.74 13.44 -10.00
C LEU E 287 -17.73 12.56 -10.74
N ILE E 288 -18.73 12.03 -10.03
CA ILE E 288 -19.76 11.24 -10.71
C ILE E 288 -20.48 12.09 -11.75
N PHE E 289 -20.82 13.33 -11.38
CA PHE E 289 -21.51 14.20 -12.31
C PHE E 289 -20.68 14.47 -13.56
N VAL E 290 -19.40 14.79 -13.39
CA VAL E 290 -18.59 15.14 -14.55
C VAL E 290 -18.28 13.92 -15.39
N MET E 291 -18.13 12.74 -14.78
CA MET E 291 -17.97 11.53 -15.58
C MET E 291 -19.21 11.23 -16.39
N PHE E 292 -20.40 11.43 -15.80
CA PHE E 292 -21.63 11.26 -16.57
C PHE E 292 -21.71 12.26 -17.72
N VAL E 293 -21.32 13.51 -17.47
CA VAL E 293 -21.33 14.53 -18.52
C VAL E 293 -20.38 14.17 -19.65
N SER E 294 -19.18 13.70 -19.30
CA SER E 294 -18.22 13.34 -20.33
C SER E 294 -18.68 12.10 -21.11
N MET E 295 -19.38 11.18 -20.45
CA MET E 295 -19.99 10.08 -21.19
C MET E 295 -21.03 10.57 -22.19
N LEU E 296 -21.86 11.52 -21.75
CA LEU E 296 -22.86 12.09 -22.65
C LEU E 296 -22.19 12.78 -23.83
N ILE E 297 -21.06 13.46 -23.58
CA ILE E 297 -20.34 14.14 -24.65
C ILE E 297 -19.67 13.14 -25.58
N VAL E 298 -19.22 11.99 -25.07
CA VAL E 298 -18.73 10.94 -25.96
C VAL E 298 -19.83 10.47 -26.88
N MET E 299 -21.04 10.26 -26.32
CA MET E 299 -22.18 9.88 -27.14
C MET E 299 -22.46 10.94 -28.20
N ASN E 300 -22.43 12.21 -27.82
CA ASN E 300 -22.70 13.28 -28.77
C ASN E 300 -21.64 13.36 -29.86
N CYS E 301 -20.37 13.12 -29.50
CA CYS E 301 -19.32 13.08 -30.51
C CYS E 301 -19.54 11.94 -31.49
N VAL E 302 -19.94 10.78 -30.99
CA VAL E 302 -20.22 9.65 -31.88
C VAL E 302 -21.36 9.99 -32.82
N ILE E 303 -22.42 10.61 -32.30
CA ILE E 303 -23.56 10.95 -33.15
C ILE E 303 -23.17 11.99 -34.20
N VAL E 304 -22.40 13.00 -33.80
CA VAL E 304 -21.99 14.05 -34.74
C VAL E 304 -21.07 13.48 -35.81
N LEU E 305 -20.16 12.59 -35.43
CA LEU E 305 -19.30 11.95 -36.42
C LEU E 305 -20.11 11.10 -37.37
N ASN E 306 -21.12 10.39 -36.87
CA ASN E 306 -21.97 9.60 -37.75
C ASN E 306 -22.74 10.48 -38.72
N VAL E 307 -23.24 11.62 -38.24
CA VAL E 307 -24.01 12.52 -39.09
C VAL E 307 -23.13 13.17 -40.14
N SER E 308 -21.93 13.62 -39.75
CA SER E 308 -21.09 14.39 -40.65
C SER E 308 -20.48 13.53 -41.75
N LEU E 309 -20.26 12.25 -41.48
CA LEU E 309 -19.61 11.35 -42.42
C LEU E 309 -20.61 10.51 -43.21
N ARG E 310 -21.83 10.99 -43.37
CA ARG E 310 -22.82 10.29 -44.17
C ARG E 310 -22.65 10.60 -45.64
N THR E 311 -23.03 9.65 -46.48
CA THR E 311 -22.86 9.72 -47.92
C THR E 311 -24.17 9.37 -48.60
N PRO E 312 -24.38 9.82 -49.84
CA PRO E 312 -25.57 9.40 -50.58
C PRO E 312 -25.64 7.91 -50.81
N ASN E 313 -24.50 7.21 -50.82
CA ASN E 313 -24.51 5.77 -50.97
C ASN E 313 -25.27 5.09 -49.83
N THR E 314 -25.03 5.52 -48.60
CA THR E 314 -25.62 4.88 -47.43
C THR E 314 -26.91 5.55 -46.98
N HIS E 315 -26.95 6.88 -46.95
CA HIS E 315 -28.08 7.60 -46.37
C HIS E 315 -28.58 8.66 -47.34
N SER E 316 -29.87 8.93 -47.26
CA SER E 316 -30.53 9.92 -48.10
C SER E 316 -30.83 11.15 -47.27
N LEU E 317 -30.48 12.32 -47.80
CA LEU E 317 -30.67 13.58 -47.07
C LEU E 317 -32.10 14.04 -47.31
N SER E 318 -32.96 13.80 -46.32
CA SER E 318 -34.36 14.19 -46.43
C SER E 318 -34.49 15.71 -46.48
N GLU E 319 -35.50 16.17 -47.24
CA GLU E 319 -35.73 17.60 -47.36
C GLU E 319 -36.12 18.22 -46.03
N LYS E 320 -36.94 17.50 -45.24
CA LYS E 320 -37.35 18.01 -43.94
C LYS E 320 -36.15 18.19 -43.01
N ILE E 321 -35.25 17.21 -43.00
CA ILE E 321 -34.07 17.31 -42.13
C ILE E 321 -33.20 18.49 -42.55
N LYS E 322 -32.99 18.66 -43.86
CA LYS E 322 -32.20 19.78 -44.35
C LYS E 322 -32.83 21.11 -43.97
N HIS E 323 -34.15 21.23 -44.14
CA HIS E 323 -34.83 22.47 -43.78
C HIS E 323 -34.72 22.74 -42.29
N LEU E 324 -34.92 21.71 -41.46
CA LEU E 324 -34.86 21.88 -40.02
C LEU E 324 -33.47 22.32 -39.57
N PHE E 325 -32.42 21.72 -40.12
CA PHE E 325 -31.07 21.95 -39.63
C PHE E 325 -30.32 23.03 -40.39
N LEU E 326 -30.90 23.61 -41.44
CA LEU E 326 -30.26 24.69 -42.16
C LEU E 326 -31.18 25.88 -42.39
N GLY E 327 -32.36 25.91 -41.76
CA GLY E 327 -33.23 27.06 -41.88
C GLY E 327 -33.63 27.66 -40.56
N PHE E 328 -33.58 26.87 -39.48
CA PHE E 328 -34.03 27.31 -38.16
C PHE E 328 -32.90 27.39 -37.15
N LEU E 329 -32.19 26.28 -36.92
CA LEU E 329 -31.12 26.27 -35.93
C LEU E 329 -29.98 27.22 -36.27
N PRO E 330 -29.44 27.23 -37.50
CA PRO E 330 -28.37 28.21 -37.74
C PRO E 330 -28.90 29.60 -38.07
N PRO E 411 -16.51 9.08 -88.11
CA PRO E 411 -15.73 7.92 -87.67
C PRO E 411 -15.04 8.17 -86.33
N GLU E 412 -13.84 8.75 -86.39
CA GLU E 412 -13.13 9.10 -85.15
C GLU E 412 -13.81 10.24 -84.42
N ILE E 413 -14.42 11.16 -85.15
CA ILE E 413 -15.05 12.33 -84.54
C ILE E 413 -16.16 11.91 -83.59
N LYS E 414 -16.96 10.93 -84.00
CA LYS E 414 -18.04 10.45 -83.13
C LYS E 414 -17.49 9.88 -81.84
N SER E 415 -16.44 9.06 -81.93
CA SER E 415 -15.85 8.48 -80.72
C SER E 415 -15.29 9.56 -79.81
N CYS E 416 -14.61 10.55 -80.38
CA CYS E 416 -14.05 11.63 -79.56
C CYS E 416 -15.16 12.43 -78.87
N VAL E 417 -16.24 12.72 -79.59
CA VAL E 417 -17.35 13.46 -79.00
C VAL E 417 -17.99 12.66 -77.87
N GLU E 418 -18.18 11.36 -78.09
CA GLU E 418 -18.76 10.51 -77.05
C GLU E 418 -17.86 10.45 -75.82
N ALA E 419 -16.55 10.35 -76.03
CA ALA E 419 -15.62 10.33 -74.91
C ALA E 419 -15.67 11.64 -74.12
N CYS E 420 -15.68 12.78 -74.82
CA CYS E 420 -15.76 14.07 -74.12
C CYS E 420 -17.06 14.19 -73.34
N ASN E 421 -18.17 13.77 -73.95
CA ASN E 421 -19.47 13.84 -73.27
C ASN E 421 -19.46 13.00 -72.01
N PHE E 422 -18.93 11.77 -72.09
CA PHE E 422 -18.88 10.93 -70.90
C PHE E 422 -17.98 11.55 -69.83
N ILE E 423 -16.85 12.13 -70.24
CA ILE E 423 -15.95 12.74 -69.25
C ILE E 423 -16.66 13.84 -68.50
N ALA E 424 -17.37 14.71 -69.24
CA ALA E 424 -18.09 15.81 -68.60
C ALA E 424 -19.16 15.29 -67.66
N LYS E 425 -19.92 14.28 -68.11
CA LYS E 425 -20.98 13.73 -67.27
C LYS E 425 -20.42 13.15 -65.98
N SER E 426 -19.33 12.38 -66.08
CA SER E 426 -18.75 11.77 -64.89
C SER E 426 -18.25 12.83 -63.91
N THR E 427 -17.59 13.87 -64.43
CA THR E 427 -17.12 14.93 -63.55
C THR E 427 -18.29 15.60 -62.83
N LYS E 428 -19.39 15.85 -63.56
CA LYS E 428 -20.54 16.49 -62.94
C LYS E 428 -21.13 15.64 -61.83
N GLU E 429 -21.25 14.33 -62.06
CA GLU E 429 -21.79 13.46 -61.01
C GLU E 429 -20.89 13.44 -59.77
N GLN E 430 -19.58 13.38 -59.98
CA GLN E 430 -18.67 13.39 -58.84
C GLN E 430 -18.79 14.69 -58.05
N ASN E 431 -18.90 15.82 -58.76
CA ASN E 431 -19.05 17.11 -58.07
C ASN E 431 -20.33 17.15 -57.26
N ASP E 432 -21.44 16.64 -57.82
CA ASP E 432 -22.69 16.64 -57.08
C ASP E 432 -22.62 15.78 -55.82
N SER E 433 -21.96 14.63 -55.92
CA SER E 433 -21.77 13.80 -54.73
C SER E 433 -20.99 14.55 -53.65
N GLY E 434 -19.92 15.24 -54.07
CA GLY E 434 -19.16 16.04 -53.12
C GLY E 434 -20.01 17.10 -52.46
N SER E 435 -20.88 17.75 -53.23
CA SER E 435 -21.75 18.78 -52.66
C SER E 435 -22.69 18.20 -51.61
N GLU E 436 -23.24 17.02 -51.88
CA GLU E 436 -24.11 16.39 -50.88
C GLU E 436 -23.35 16.08 -49.59
N ASN E 437 -22.12 15.58 -49.72
CA ASN E 437 -21.30 15.36 -48.52
C ASN E 437 -21.07 16.66 -47.77
N GLU E 438 -20.85 17.76 -48.49
CA GLU E 438 -20.65 19.05 -47.84
C GLU E 438 -21.88 19.48 -47.06
N ASN E 439 -23.07 19.24 -47.62
CA ASN E 439 -24.30 19.57 -46.88
C ASN E 439 -24.38 18.76 -45.59
N TRP E 440 -24.04 17.47 -45.65
CA TRP E 440 -24.04 16.68 -44.43
C TRP E 440 -23.07 17.25 -43.39
N VAL E 441 -21.90 17.68 -43.85
CA VAL E 441 -20.91 18.27 -42.94
C VAL E 441 -21.47 19.52 -42.27
N LEU E 442 -22.15 20.36 -43.04
CA LEU E 442 -22.71 21.59 -42.46
C LEU E 442 -23.77 21.27 -41.41
N ILE E 443 -24.62 20.28 -41.68
CA ILE E 443 -25.61 19.88 -40.68
C ILE E 443 -24.92 19.40 -39.41
N GLY E 444 -23.86 18.61 -39.56
CA GLY E 444 -23.10 18.18 -38.41
C GLY E 444 -22.55 19.35 -37.61
N LYS E 445 -22.04 20.36 -38.29
CA LYS E 445 -21.50 21.53 -37.60
C LYS E 445 -22.58 22.27 -36.81
N VAL E 446 -23.78 22.40 -37.40
CA VAL E 446 -24.87 23.07 -36.69
C VAL E 446 -25.22 22.32 -35.41
N ILE E 447 -25.40 21.00 -35.52
CA ILE E 447 -25.69 20.19 -34.33
C ILE E 447 -24.57 20.34 -33.32
N ASP E 448 -23.33 20.40 -33.81
CA ASP E 448 -22.16 20.47 -32.95
C ASP E 448 -22.17 21.75 -32.11
N LYS E 449 -22.47 22.89 -32.76
CA LYS E 449 -22.53 24.15 -32.03
C LYS E 449 -23.66 24.17 -31.00
N ALA E 450 -24.84 23.68 -31.39
CA ALA E 450 -25.95 23.69 -30.43
C ALA E 450 -25.62 22.84 -29.21
N CYS E 451 -25.06 21.65 -29.43
CA CYS E 451 -24.72 20.79 -28.31
C CYS E 451 -23.60 21.39 -27.47
N PHE E 452 -22.67 22.13 -28.08
CA PHE E 452 -21.65 22.82 -27.30
C PHE E 452 -22.29 23.80 -26.34
N TRP E 453 -23.25 24.58 -26.84
CA TRP E 453 -23.86 25.59 -25.98
C TRP E 453 -24.66 24.93 -24.86
N ILE E 454 -25.23 23.76 -25.11
CA ILE E 454 -25.88 23.03 -24.02
C ILE E 454 -24.86 22.55 -23.00
N ALA E 455 -23.76 21.95 -23.48
CA ALA E 455 -22.82 21.27 -22.58
C ALA E 455 -22.04 22.25 -21.72
N LEU E 456 -21.65 23.39 -22.27
CA LEU E 456 -20.93 24.38 -21.48
C LEU E 456 -21.78 24.85 -20.31
N LEU E 457 -23.05 25.15 -20.57
CA LEU E 457 -23.97 25.56 -19.52
C LEU E 457 -24.13 24.46 -18.48
N LEU E 458 -24.30 23.22 -18.93
CA LEU E 458 -24.48 22.12 -17.99
C LEU E 458 -23.29 21.98 -17.07
N PHE E 459 -22.09 21.93 -17.65
CA PHE E 459 -20.88 21.76 -16.85
C PHE E 459 -20.66 22.92 -15.88
N SER E 460 -20.84 24.16 -16.37
CA SER E 460 -20.62 25.31 -15.51
C SER E 460 -21.61 25.34 -14.36
N ILE E 461 -22.89 25.06 -14.63
CA ILE E 461 -23.89 25.08 -13.57
C ILE E 461 -23.61 23.99 -12.55
N GLY E 462 -23.24 22.79 -13.01
CA GLY E 462 -22.93 21.73 -12.06
C GLY E 462 -21.76 22.07 -11.17
N THR E 463 -20.67 22.57 -11.76
CA THR E 463 -19.51 22.94 -10.97
C THR E 463 -19.85 24.02 -9.96
N LEU E 464 -20.53 25.08 -10.43
CA LEU E 464 -20.86 26.19 -9.55
C LEU E 464 -21.75 25.73 -8.41
N ALA E 465 -22.79 24.96 -8.71
CA ALA E 465 -23.71 24.53 -7.66
C ALA E 465 -23.01 23.66 -6.62
N ILE E 466 -22.24 22.68 -7.07
CA ILE E 466 -21.64 21.74 -6.13
C ILE E 466 -20.62 22.45 -5.25
N PHE E 467 -19.74 23.25 -5.83
CA PHE E 467 -18.75 23.89 -4.98
C PHE E 467 -19.30 25.10 -4.24
N LEU E 468 -20.45 25.62 -4.65
CA LEU E 468 -21.12 26.66 -3.88
C LEU E 468 -21.76 26.09 -2.63
N THR E 469 -22.42 24.94 -2.74
CA THR E 469 -22.93 24.29 -1.54
C THR E 469 -21.80 23.76 -0.68
N GLY E 470 -20.64 23.47 -1.27
CA GLY E 470 -19.47 23.19 -0.46
C GLY E 470 -19.00 24.40 0.32
N HIS E 471 -18.96 25.58 -0.33
CA HIS E 471 -18.48 26.78 0.33
C HIS E 471 -19.44 27.29 1.40
N PHE E 472 -20.71 26.91 1.34
CA PHE E 472 -21.72 27.43 2.27
C PHE E 472 -21.98 26.50 3.43
N ASN E 473 -20.99 25.70 3.82
CA ASN E 473 -21.13 24.75 4.92
C ASN E 473 -20.42 25.36 6.13
N GLN E 474 -21.19 26.12 6.93
CA GLN E 474 -20.64 26.79 8.09
C GLN E 474 -20.74 25.92 9.34
N VAL E 475 -19.75 26.05 10.20
CA VAL E 475 -19.81 25.44 11.53
C VAL E 475 -20.91 26.13 12.34
N PRO E 476 -21.73 25.39 13.08
CA PRO E 476 -22.80 26.05 13.85
C PRO E 476 -22.24 27.06 14.84
N GLU E 477 -23.01 28.12 15.04
CA GLU E 477 -22.56 29.21 15.92
C GLU E 477 -22.44 28.76 17.37
N PHE E 478 -23.34 27.90 17.83
CA PHE E 478 -23.32 27.46 19.21
C PHE E 478 -22.87 26.01 19.31
N PRO E 479 -22.13 25.65 20.35
CA PRO E 479 -21.69 24.24 20.48
C PRO E 479 -22.84 23.26 20.54
N PHE E 480 -23.93 23.62 21.22
CA PHE E 480 -25.15 22.84 21.21
C PHE E 480 -26.28 23.72 20.71
N PRO E 481 -26.95 23.36 19.60
CA PRO E 481 -27.92 24.30 18.99
C PRO E 481 -29.03 24.73 19.91
N GLY E 482 -29.53 23.84 20.76
CA GLY E 482 -30.57 24.24 21.70
C GLY E 482 -30.08 25.25 22.73
N ASP E 483 -28.85 25.05 23.20
CA ASP E 483 -28.31 25.90 24.26
C ASP E 483 -28.00 27.29 23.72
N PRO E 484 -28.15 28.33 24.54
CA PRO E 484 -27.68 29.68 24.18
C PRO E 484 -26.30 30.04 24.72
N ARG E 485 -25.64 29.13 25.44
CA ARG E 485 -24.34 29.42 26.04
C ARG E 485 -23.22 29.10 25.06
N LYS E 486 -22.07 29.74 25.29
CA LYS E 486 -20.96 29.65 24.36
C LYS E 486 -19.88 28.67 24.78
N TYR E 487 -19.80 28.34 26.07
CA TYR E 487 -18.87 27.33 26.59
C TYR E 487 -17.43 27.71 26.30
N VAL E 488 -17.08 28.95 26.57
CA VAL E 488 -15.71 29.43 26.39
C VAL E 488 -15.27 30.16 27.65
N PRO E 489 -13.98 30.14 28.01
CA PRO E 489 -13.50 30.79 29.22
C PRO E 489 -13.46 32.31 29.10
C1 NAG F . -25.04 -18.36 11.15
C2 NAG F . -26.33 -19.15 10.95
C3 NAG F . -26.72 -19.84 12.25
C4 NAG F . -25.55 -20.66 12.79
C5 NAG F . -24.28 -19.82 12.84
C6 NAG F . -23.05 -20.64 13.20
C7 NAG F . -27.60 -17.99 9.20
C8 NAG F . -28.76 -17.09 8.90
N2 NAG F . -27.41 -18.29 10.49
O3 NAG F . -27.84 -20.67 11.99
O4 NAG F . -25.82 -21.05 14.13
O5 NAG F . -24.01 -19.23 11.56
O6 NAG F . -22.58 -21.39 12.08
O7 NAG F . -26.86 -18.41 8.32
C1 NAG F . -26.58 -22.26 14.24
C2 NAG F . -26.13 -22.98 15.51
C3 NAG F . -27.00 -24.22 15.75
C4 NAG F . -28.47 -23.84 15.75
C5 NAG F . -28.81 -23.10 14.46
C6 NAG F . -30.24 -22.59 14.44
C7 NAG F . -23.75 -22.69 16.04
C8 NAG F . -22.37 -23.22 15.84
N2 NAG F . -24.73 -23.36 15.41
O3 NAG F . -26.64 -24.79 17.00
O4 NAG F . -29.27 -25.02 15.83
O5 NAG F . -27.97 -21.95 14.33
O6 NAG F . -30.36 -21.46 13.59
O7 NAG F . -23.99 -21.71 16.75
C1 BMA F . -29.88 -25.10 17.13
C2 BMA F . -31.15 -25.96 17.00
C3 BMA F . -31.74 -26.22 18.37
C4 BMA F . -30.68 -26.77 19.32
C5 BMA F . -29.51 -25.80 19.39
C6 BMA F . -28.39 -26.28 20.30
O2 BMA F . -30.84 -27.22 16.46
O3 BMA F . -32.84 -27.13 18.29
O4 BMA F . -31.23 -26.94 20.61
O5 BMA F . -28.97 -25.67 18.06
O6 BMA F . -27.91 -27.50 19.79
C1 MAN F . -27.07 -28.14 20.77
C2 MAN F . -26.27 -29.25 20.04
C3 MAN F . -27.21 -30.37 19.63
C4 MAN F . -28.04 -30.86 20.82
C5 MAN F . -28.79 -29.67 21.43
C6 MAN F . -29.59 -30.04 22.67
O2 MAN F . -25.31 -29.84 20.91
O3 MAN F . -26.51 -31.47 19.05
O4 MAN F . -28.98 -31.82 20.39
O5 MAN F . -27.84 -28.67 21.82
O6 MAN F . -28.72 -30.64 23.61
C1 MAN F . -29.43 -31.70 24.26
C2 MAN F . -29.74 -31.26 25.72
C3 MAN F . -28.50 -31.35 26.61
C4 MAN F . -27.79 -32.68 26.44
C5 MAN F . -27.44 -32.88 24.97
C6 MAN F . -26.72 -34.19 24.69
O2 MAN F . -30.72 -32.11 26.33
O3 MAN F . -28.83 -31.15 27.99
O4 MAN F . -26.60 -32.70 27.20
O5 MAN F . -28.67 -32.90 24.22
O6 MAN F . -26.22 -34.15 23.36
C1 NAG G . 8.80 -31.07 2.70
C2 NAG G . 9.20 -32.22 1.78
C3 NAG G . 10.04 -33.24 2.54
C4 NAG G . 11.22 -32.57 3.23
C5 NAG G . 10.72 -31.43 4.11
C6 NAG G . 11.83 -30.64 4.75
C7 NAG G . 7.70 -32.73 -0.09
C8 NAG G . 6.47 -33.45 -0.53
N2 NAG G . 8.03 -32.85 1.20
O3 NAG G . 10.52 -34.23 1.63
O4 NAG G . 11.91 -33.53 4.02
O5 NAG G . 9.96 -30.51 3.31
O6 NAG G . 11.32 -29.48 5.38
O7 NAG G . 8.38 -32.07 -0.87
C1 NAG G . 13.27 -33.67 3.55
C2 NAG G . 13.95 -34.69 4.45
C3 NAG G . 15.38 -34.96 3.97
C4 NAG G . 15.37 -35.33 2.49
C5 NAG G . 14.64 -34.28 1.69
C6 NAG G . 14.51 -34.62 0.22
C7 NAG G . 13.24 -34.80 6.80
C8 NAG G . 13.37 -34.20 8.16
N2 NAG G . 13.96 -34.24 5.83
O3 NAG G . 15.93 -36.02 4.74
O4 NAG G . 16.71 -35.44 2.02
O5 NAG G . 13.30 -34.13 2.20
O6 NAG G . 14.08 -35.97 0.04
O7 NAG G . 12.51 -35.77 6.59
C1 NAG H . 32.01 -3.56 6.34
C2 NAG H . 33.36 -3.48 5.67
C3 NAG H . 34.47 -3.40 6.71
C4 NAG H . 34.21 -2.28 7.70
C5 NAG H . 32.80 -2.41 8.27
C6 NAG H . 32.42 -1.25 9.15
C7 NAG H . 33.80 -4.48 3.47
C8 NAG H . 34.00 -5.74 2.70
N2 NAG H . 33.57 -4.61 4.78
O3 NAG H . 35.71 -3.17 6.04
O4 NAG H . 35.13 -2.35 8.77
O5 NAG H . 31.84 -2.46 7.22
O6 NAG H . 31.05 -0.91 8.99
O7 NAG H . 33.84 -3.38 2.92
C1 NAG H . 36.19 -1.40 8.63
C2 NAG H . 36.77 -1.13 10.01
C3 NAG H . 37.97 -0.19 9.91
C4 NAG H . 38.98 -0.70 8.91
C5 NAG H . 38.30 -0.99 7.57
C6 NAG H . 39.21 -1.64 6.56
C7 NAG H . 35.10 -1.33 11.79
C8 NAG H . 34.08 -0.61 12.63
N2 NAG H . 35.75 -0.59 10.90
O3 NAG H . 38.56 -0.06 11.20
O4 NAG H . 40.02 0.26 8.72
O5 NAG H . 37.20 -1.90 7.77
O6 NAG H . 39.82 -2.81 7.09
O7 NAG H . 35.32 -2.53 11.93
C1 BMA H . 41.31 -0.31 9.00
C2 BMA H . 42.28 0.85 9.36
C3 BMA H . 43.62 0.29 9.82
C4 BMA H . 43.46 -0.83 10.86
C5 BMA H . 42.50 -1.89 10.33
C6 BMA H . 42.27 -3.03 11.31
O2 BMA H . 41.76 1.62 10.44
O3 BMA H . 44.46 1.31 10.33
O4 BMA H . 44.71 -1.42 11.15
O5 BMA H . 41.24 -1.27 10.06
O6 BMA H . 42.70 -2.61 12.60
C1 NAG I . 14.23 26.34 16.17
C2 NAG I . 14.79 27.75 16.21
C3 NAG I . 15.28 28.07 17.62
C4 NAG I . 14.19 27.79 18.66
C5 NAG I . 13.61 26.39 18.44
C6 NAG I . 12.42 26.11 19.33
C7 NAG I . 15.65 28.17 13.95
C8 NAG I . 16.88 28.33 13.11
N2 NAG I . 15.87 27.93 15.25
O3 NAG I . 15.68 29.43 17.68
O4 NAG I . 14.75 27.81 19.97
O5 NAG I . 13.17 26.22 17.10
O6 NAG I . 11.20 26.29 18.63
O7 NAG I . 14.53 28.24 13.49
C1 NAG I . 14.76 29.11 20.58
C2 NAG I . 14.48 28.93 22.06
C3 NAG I . 14.62 30.26 22.80
C4 NAG I . 15.98 30.90 22.50
C5 NAG I . 16.15 31.01 20.99
C6 NAG I . 17.52 31.53 20.60
C7 NAG I . 12.94 27.11 22.65
C8 NAG I . 11.51 26.72 22.84
N2 NAG I . 13.15 28.38 22.28
O3 NAG I . 14.51 30.04 24.20
O4 NAG I . 16.02 32.20 23.07
O5 NAG I . 16.03 29.71 20.40
O6 NAG I . 17.78 31.32 19.23
O7 NAG I . 13.86 26.33 22.85
C1 BMA I . 16.96 32.20 24.16
C2 BMA I . 17.46 33.65 24.30
C3 BMA I . 18.31 33.80 25.55
C4 BMA I . 17.59 33.23 26.77
C5 BMA I . 17.21 31.77 26.49
C6 BMA I . 16.47 31.14 27.65
O2 BMA I . 16.37 34.52 24.46
O3 BMA I . 18.68 35.14 25.77
O4 BMA I . 18.44 33.28 27.89
O5 BMA I . 16.35 31.76 25.35
O6 BMA I . 15.25 31.82 27.82
C1 MAN I . 14.67 31.45 29.10
C2 MAN I . 13.20 31.93 29.09
C3 MAN I . 13.13 33.45 29.22
C4 MAN I . 13.97 33.92 30.41
C5 MAN I . 15.40 33.47 30.18
C6 MAN I . 16.36 33.90 31.27
O2 MAN I . 12.49 31.42 30.21
O3 MAN I . 11.78 33.91 29.36
O4 MAN I . 13.94 35.33 30.48
O5 MAN I . 15.41 32.03 30.15
O6 MAN I . 15.92 33.37 32.51
C1 MAN I . 16.39 34.25 33.56
C2 MAN I . 17.15 33.38 34.62
C3 MAN I . 16.19 32.64 35.55
C4 MAN I . 15.07 33.56 36.04
C5 MAN I . 14.35 34.15 34.84
C6 MAN I . 13.21 35.04 35.22
O2 MAN I . 17.97 34.18 35.46
O3 MAN I . 16.88 32.11 36.68
O4 MAN I . 14.15 32.82 36.82
O5 MAN I . 15.29 34.94 34.12
O6 MAN I . 13.71 36.36 35.37
C1 NAG J . -21.92 17.38 18.56
C2 NAG J . -23.06 18.39 18.49
C3 NAG J . -23.78 18.45 19.84
C4 NAG J . -24.19 17.06 20.30
C5 NAG J . -23.02 16.09 20.23
C6 NAG J . -23.41 14.66 20.48
C7 NAG J . -22.90 20.28 16.95
C8 NAG J . -22.32 21.64 16.72
N2 NAG J . -22.58 19.70 18.12
O3 NAG J . -24.92 19.28 19.71
O4 NAG J . -24.60 17.12 21.66
O5 NAG J . -22.43 16.12 18.92
O6 NAG J . -22.37 13.76 20.12
O7 NAG J . -23.60 19.72 16.11
C1 NAG J . -26.03 17.07 21.77
C2 NAG J . -26.36 16.45 23.12
C3 NAG J . -27.87 16.45 23.34
C4 NAG J . -28.42 17.86 23.17
C5 NAG J . -28.01 18.43 21.83
C6 NAG J . -28.42 19.87 21.64
C7 NAG J . -24.93 14.75 24.16
C8 NAG J . -24.49 13.31 24.12
N2 NAG J . -25.83 15.11 23.23
O3 NAG J . -28.14 15.96 24.65
O4 NAG J . -29.85 17.84 23.26
O5 NAG J . -26.58 18.38 21.69
O6 NAG J . -29.60 19.97 20.88
O7 NAG J . -24.50 15.54 24.98
C1 BMA J . -30.24 18.32 24.56
C2 BMA J . -31.63 18.97 24.44
C3 BMA J . -32.09 19.40 25.83
C4 BMA J . -32.02 18.23 26.82
C5 BMA J . -30.60 17.63 26.82
C6 BMA J . -30.51 16.39 27.66
O2 BMA J . -32.59 18.02 23.99
O3 BMA J . -33.41 19.93 25.82
O4 BMA J . -32.33 18.70 28.12
O5 BMA J . -30.27 17.25 25.48
O6 BMA J . -31.23 15.37 26.99
C1 MAN J . -31.20 14.17 27.78
C2 MAN J . -31.70 12.99 26.88
C3 MAN J . -33.22 13.02 26.71
C4 MAN J . -33.91 13.18 28.06
C5 MAN J . -33.41 14.46 28.73
C6 MAN J . -34.05 14.74 30.05
O2 MAN J . -31.39 11.73 27.46
O3 MAN J . -33.68 11.85 26.07
O4 MAN J . -35.31 13.28 27.87
O5 MAN J . -32.00 14.32 28.95
O6 MAN J . -34.20 13.51 30.76
C1 MAN J . -35.50 13.50 31.38
C2 MAN J . -35.29 13.77 32.91
C3 MAN J . -34.82 12.52 33.63
C4 MAN J . -35.65 11.30 33.24
C5 MAN J . -35.58 11.12 31.72
C6 MAN J . -36.35 9.92 31.23
O2 MAN J . -36.53 14.13 33.53
O3 MAN J . -34.85 12.68 35.04
O4 MAN J . -35.15 10.14 33.87
O5 MAN J . -36.16 12.27 31.11
O6 MAN J . -36.30 9.90 29.81
N1 CCE K . -10.62 -28.41 24.38
C2 CCE K . -9.50 -27.79 25.08
C3 CCE K . -8.76 -28.80 25.95
O4 CCE K . -8.12 -28.09 27.02
C5 CCE K . -7.71 -28.97 27.97
O7 CCE K . -6.57 -29.00 28.40
C8 CCE K . -11.48 -29.14 25.33
C9 CCE K . -10.11 -29.35 23.39
C10 CCE K . -11.40 -27.39 23.70
N6 CCE K . -8.70 -29.79 28.33
C1 CLR L . -16.94 -13.50 -44.01
C2 CLR L . -16.04 -13.39 -45.25
C3 CLR L . -16.68 -12.47 -46.30
C4 CLR L . -16.94 -11.07 -45.70
C5 CLR L . -17.76 -11.16 -44.42
C6 CLR L . -18.88 -10.42 -44.31
C7 CLR L . -19.77 -10.45 -43.07
C8 CLR L . -19.03 -11.04 -41.84
C9 CLR L . -18.30 -12.35 -42.24
C10 CLR L . -17.23 -12.13 -43.35
C11 CLR L . -17.76 -13.13 -41.03
C12 CLR L . -18.78 -13.31 -39.89
C13 CLR L . -19.42 -11.96 -39.44
C14 CLR L . -20.03 -11.34 -40.74
C15 CLR L . -20.93 -10.18 -40.18
C16 CLR L . -21.42 -10.71 -38.81
C17 CLR L . -20.69 -12.04 -38.55
C18 CLR L . -18.37 -11.04 -38.80
C19 CLR L . -15.90 -11.57 -42.74
C20 CLR L . -20.56 -12.31 -37.05
C21 CLR L . -20.41 -13.81 -36.71
C22 CLR L . -21.78 -11.70 -36.26
C23 CLR L . -21.83 -12.12 -34.79
C24 CLR L . -22.97 -11.37 -33.98
C25 CLR L . -22.86 -11.74 -32.48
C26 CLR L . -23.22 -13.24 -32.36
C27 CLR L . -23.65 -10.80 -31.54
O1 CLR L . -15.96 -12.41 -47.54
N POV M . -35.15 14.86 -36.43
P POV M . -32.54 11.04 -38.44
C1 POV M . -30.97 10.47 -36.42
C2 POV M . -29.79 11.25 -35.86
C3 POV M . -29.01 10.37 -34.90
C210 POV M . -26.22 14.82 -25.91
C11 POV M . -34.02 12.91 -37.37
O11 POV M . -31.06 10.69 -37.80
C211 POV M . -27.04 16.03 -25.43
C12 POV M . -34.41 14.38 -37.58
O12 POV M . -32.88 12.61 -38.12
C212 POV M . -26.11 17.21 -25.14
C13 POV M . -35.62 16.21 -36.70
O13 POV M . -33.58 10.15 -37.80
C213 POV M . -24.71 16.73 -24.80
C14 POV M . -36.30 14.01 -36.17
O14 POV M . -32.52 10.81 -39.93
C214 POV M . -24.47 16.79 -23.30
C15 POV M . -34.30 14.89 -35.26
C215 POV M . -24.80 18.19 -22.80
C21 POV M . -30.01 13.60 -35.76
O21 POV M . -30.27 12.43 -35.16
C22 POV M . -29.92 14.79 -34.82
O22 POV M . -29.86 13.69 -36.94
C23 POV M . -29.14 14.38 -33.58
C24 POV M . -29.20 15.50 -32.53
C25 POV M . -27.99 15.39 -31.61
C26 POV M . -28.46 15.27 -30.16
C27 POV M . -27.36 14.62 -29.33
C28 POV M . -27.73 14.65 -27.86
C29 POV M . -26.54 14.20 -27.02
C31 POV M . -29.77 9.00 -33.18
O31 POV M . -29.84 9.26 -34.48
C32 POV M . -30.25 10.14 -32.29
O32 POV M . -29.39 7.97 -32.74
C33 POV M . -31.48 9.69 -31.50
C34 POV M . -31.42 10.25 -30.08
C35 POV M . -30.68 9.24 -29.19
C36 POV M . -30.23 9.94 -27.91
C37 POV M . -29.32 11.11 -28.25
C1 NAG N . 30.28 -33.22 24.53
C2 NAG N . 31.09 -33.01 25.80
C3 NAG N . 32.52 -33.50 25.59
C4 NAG N . 32.51 -34.93 25.08
C5 NAG N . 31.58 -35.10 23.88
C6 NAG N . 31.40 -36.54 23.45
C7 NAG N . 30.14 -31.09 27.01
C8 NAG N . 30.28 -29.64 27.32
N2 NAG N . 31.07 -31.61 26.19
O3 NAG N . 33.22 -33.41 26.81
O4 NAG N . 33.83 -35.31 24.70
O5 NAG N . 30.27 -34.59 24.20
O6 NAG N . 30.96 -37.34 24.53
O7 NAG N . 29.25 -31.78 27.48
N POV O . 13.76 -23.21 -13.25
P POV O . 14.08 -19.21 -15.62
C1 POV O . 13.27 -18.43 -17.98
C2 POV O . 12.91 -17.12 -18.69
C3 POV O . 13.16 -15.96 -17.73
C310 POV O . 13.51 -9.78 -24.42
C11 POV O . 13.68 -20.79 -13.58
O11 POV O . 13.18 -18.24 -16.60
C311 POV O . 14.31 -8.72 -25.17
C12 POV O . 12.94 -22.11 -13.75
O12 POV O . 13.12 -19.85 -14.45
C13 POV O . 15.03 -23.24 -13.96
O13 POV O . 15.18 -18.40 -14.98
C14 POV O . 14.01 -23.03 -11.83
O14 POV O . 14.70 -20.32 -16.43
C15 POV O . 13.05 -24.45 -13.46
C21 POV O . 11.26 -17.61 -20.30
O21 POV O . 11.51 -17.12 -19.07
C22 POV O . 10.35 -16.74 -21.17
O22 POV O . 11.72 -18.64 -20.69
C23 POV O . 10.57 -17.12 -22.63
C24 POV O . 10.26 -15.92 -23.52
C25 POV O . 10.19 -16.39 -24.97
C26 POV O . 10.09 -15.20 -25.92
C27 POV O . 9.69 -15.69 -27.30
C28 POV O . 9.84 -14.56 -28.31
C31 POV O . 15.23 -14.81 -17.59
O31 POV O . 14.56 -15.94 -17.34
C32 POV O . 14.63 -13.89 -18.66
O32 POV O . 16.23 -14.54 -17.02
C33 POV O . 15.35 -14.11 -19.99
C34 POV O . 14.68 -13.26 -21.06
C35 POV O . 13.69 -14.09 -21.86
C36 POV O . 12.45 -13.27 -22.17
C37 POV O . 12.87 -11.98 -22.89
C38 POV O . 12.87 -12.21 -24.39
C39 POV O . 13.72 -11.14 -25.08
C1 DD9 P . -8.29 16.40 -63.38
C2 DD9 P . -8.42 15.56 -64.65
C3 DD9 P . -9.24 16.35 -65.68
C4 DD9 P . -9.23 15.60 -67.01
C5 DD9 P . -9.89 16.47 -68.07
C6 DD9 P . -9.74 15.78 -69.43
C7 DD9 P . -10.26 16.71 -70.52
C8 DD9 P . -10.02 16.06 -71.88
C9 DD9 P . -10.41 17.04 -72.98
N POV Q . 19.41 -6.38 -50.11
P POV Q . 18.03 -1.75 -48.88
C1 POV Q . 15.85 -0.45 -48.27
C2 POV Q . 14.61 -0.92 -47.51
C3 POV Q . 14.44 -0.07 -46.25
C310 POV Q . 13.34 -2.45 -36.07
C11 POV Q . 18.69 -4.29 -49.08
O11 POV Q . 16.97 -1.12 -47.79
C311 POV Q . 13.59 -1.02 -35.62
C12 POV Q . 18.58 -5.21 -50.30
O12 POV Q . 17.66 -3.34 -49.13
C13 POV Q . 19.40 -7.17 -51.32
O13 POV Q . 17.93 -0.99 -50.18
C14 POV Q . 18.88 -7.18 -49.02
O14 POV Q . 19.44 -1.65 -48.34
C15 POV Q . 20.77 -5.99 -49.81
C21 POV Q . 14.19 -3.21 -47.91
O21 POV Q . 14.79 -2.31 -47.11
C22 POV Q . 13.82 -4.51 -47.20
O22 POV Q . 13.98 -3.01 -49.05
C23 POV Q . 13.56 -4.19 -45.73
C24 POV Q . 13.46 -5.49 -44.93
C25 POV Q . 12.95 -5.17 -43.52
C26 POV Q . 14.04 -5.50 -42.50
C31 POV Q . 15.69 -1.04 -44.54
O31 POV Q . 15.66 -0.09 -45.48
C32 POV Q . 17.07 -1.33 -43.95
O32 POV Q . 14.72 -1.61 -44.19
C33 POV Q . 17.18 -0.63 -42.60
C34 POV Q . 17.44 -1.67 -41.51
C35 POV Q . 16.17 -2.45 -41.25
C36 POV Q . 15.16 -1.55 -40.52
C37 POV Q . 14.18 -2.40 -39.71
C38 POV Q . 13.97 -1.72 -38.36
C39 POV Q . 12.93 -2.48 -37.54
N POV R . 24.25 11.57 -10.38
P POV R . 20.60 10.91 -13.69
C1 POV R . 20.25 10.36 -16.24
C2 POV R . 20.87 9.50 -17.34
C3 POV R . 21.77 8.44 -16.69
C11 POV R . 22.83 11.27 -12.37
O11 POV R . 21.17 10.49 -15.19
C12 POV R . 22.88 11.56 -10.87
O12 POV R . 21.71 11.87 -12.93
C13 POV R . 24.25 11.36 -8.95
O13 POV R . 20.38 9.66 -12.87
C14 POV R . 25.04 10.52 -11.01
O14 POV R . 19.31 11.67 -13.83
C15 POV R . 24.85 12.86 -10.67
C21 POV R . 21.17 10.44 -19.45
O21 POV R . 21.68 10.32 -18.22
C22 POV R . 21.98 11.33 -20.40
O22 POV R . 20.17 9.90 -19.79
C23 POV R . 21.98 10.72 -21.80
C24 POV R . 20.82 11.27 -22.62
C25 POV R . 20.74 10.53 -23.96
C26 POV R . 20.52 11.53 -25.09
C31 POV R . 23.84 7.54 -17.25
O31 POV R . 23.13 8.66 -17.10
C32 POV R . 23.63 6.82 -18.57
O32 POV R . 24.58 7.13 -16.41
C33 POV R . 24.96 6.27 -19.09
C34 POV R . 25.53 7.23 -20.13
C35 POV R . 25.36 6.62 -21.52
C36 POV R . 25.52 7.74 -22.56
C37 POV R . 25.27 7.18 -23.95
C38 POV R . 26.56 6.65 -24.55
C1 CLR S . 15.40 23.42 -37.77
C2 CLR S . 14.47 24.35 -38.56
C3 CLR S . 14.64 24.11 -40.07
C4 CLR S . 14.29 22.64 -40.40
C5 CLR S . 15.12 21.67 -39.58
C6 CLR S . 15.78 20.67 -40.20
C7 CLR S . 16.66 19.65 -39.49
C8 CLR S . 16.44 19.67 -37.95
C9 CLR S . 16.35 21.14 -37.43
C10 CLR S . 15.16 21.92 -38.06
C11 CLR S . 16.37 21.24 -35.89
C12 CLR S . 17.47 20.39 -35.22
C13 CLR S . 17.45 18.91 -35.70
C14 CLR S . 17.58 18.97 -37.25
C15 CLR S . 17.92 17.49 -37.63
C16 CLR S . 18.78 16.98 -36.46
C17 CLR S . 18.71 18.05 -35.34
C18 CLR S . 16.16 18.21 -35.26
C19 CLR S . 13.81 21.49 -37.41
C20 CLR S . 18.83 17.44 -33.94
C21 CLR S . 19.42 18.41 -32.90
C22 CLR S . 19.68 16.12 -33.99
C23 CLR S . 20.09 15.61 -32.60
C24 CLR S . 20.38 14.06 -32.57
C25 CLR S . 21.38 13.71 -33.71
C26 CLR S . 22.72 13.32 -33.04
C27 CLR S . 20.84 12.69 -34.74
O1 CLR S . 13.94 25.02 -40.89
N1 TC9 T . 3.50 22.57 33.26
C2 TC9 T . 2.78 21.66 32.36
C3 TC9 T . 2.68 20.23 32.88
C4 TC9 T . 2.49 20.19 34.37
C5 TC9 T . 2.50 21.35 35.14
C6 TC9 T . 2.67 22.72 34.47
C7 TC9 T . 2.34 18.95 34.98
C8 TC9 T . 2.19 18.89 36.35
C9 TC9 T . 2.18 20.03 37.12
C10 TC9 T . 2.34 21.26 36.52
O11 TC9 T . 2.03 19.78 38.45
C12 TC9 T . 1.82 20.68 39.45
C13 TC9 T . 2.65 20.56 40.54
C14 TC9 T . 2.53 21.41 41.63
C15 TC9 T . 1.54 22.38 41.61
C16 TC9 T . 0.68 22.49 40.53
C17 TC9 T . 0.81 21.65 39.43
C18 TC9 T . -0.39 23.57 40.52
C19 TC9 T . -1.86 23.15 40.75
N20 TC9 T . -2.22 22.88 42.16
C21 TC9 T . -1.89 24.08 42.96
C22 TC9 T . -2.63 25.32 42.49
C23 TC9 T . -2.97 25.31 41.01
C24 TC9 T . -2.60 24.21 40.24
C25 TC9 T . -3.70 26.36 40.45
C26 TC9 T . -4.02 26.33 39.10
C27 TC9 T . -3.62 25.26 38.33
C28 TC9 T . -2.90 24.22 38.89
O29 TC9 T . -2.55 23.15 38.13
C30 TC9 T . -1.60 23.28 37.17
C31 TC9 T . -0.70 24.34 37.12
C32 TC9 T . 0.26 24.38 36.11
C33 TC9 T . 0.32 23.36 35.17
C34 TC9 T . -0.58 22.31 35.23
C35 TC9 T . -1.53 22.27 36.24
C36 TC9 T . 1.33 23.36 34.06
O37 TC9 T . 2.03 17.74 37.05
C38 TC9 T . 1.59 16.58 36.33
O39 TC9 T . 3.59 19.59 40.47
O40 TC9 T . -4.71 27.31 38.46
C41 TC9 T . -5.28 28.36 39.26
O42 TC9 T . -3.93 25.23 37.00
C43 TC9 T . 4.87 22.12 33.53
C44 TC9 T . -1.52 21.72 42.72
C45 TC9 T . -3.64 22.52 42.29
C1 CLR U . -11.15 34.56 -34.43
C2 CLR U . -12.21 34.49 -35.53
C3 CLR U . -11.60 34.93 -36.86
C4 CLR U . -10.44 33.99 -37.24
C5 CLR U . -9.38 33.91 -36.15
C6 CLR U . -8.08 33.97 -36.49
C7 CLR U . -6.92 33.89 -35.49
C8 CLR U . -7.37 33.68 -34.02
C9 CLR U . -8.77 34.31 -33.76
C10 CLR U . -9.85 33.75 -34.69
C11 CLR U . -9.17 34.28 -32.28
C12 CLR U . -8.08 34.81 -31.32
C13 CLR U . -6.69 34.14 -31.56
C14 CLR U . -6.38 34.34 -33.08
C15 CLR U . -4.87 33.95 -33.15
C16 CLR U . -4.28 34.53 -31.85
C17 CLR U . -5.46 34.87 -30.91
C18 CLR U . -6.72 32.67 -31.17
C19 CLR U . -10.11 32.23 -34.41
C20 CLR U . -5.11 34.59 -29.45
C21 CLR U . -6.03 35.32 -28.44
C22 CLR U . -3.61 35.00 -29.17
C23 CLR U . -2.89 34.02 -28.23
C24 CLR U . -1.32 34.04 -28.39
C25 CLR U . -0.65 34.43 -27.06
C26 CLR U . -1.01 35.91 -26.77
C27 CLR U . -0.94 33.45 -25.89
O1 CLR U . -12.56 35.08 -37.91
N POV V . -17.48 33.82 -36.59
P POV V . -16.70 29.33 -34.99
C1 POV V . -15.05 29.64 -33.00
C2 POV V . -13.53 29.62 -33.11
C3 POV V . -13.04 28.22 -32.75
C310 POV V . -14.93 27.02 -20.62
C11 POV V . -17.81 31.66 -35.50
O11 POV V . -15.62 28.73 -33.90
C311 POV V . -15.43 26.64 -19.24
C12 POV V . -16.95 32.48 -36.47
O12 POV V . -16.96 30.92 -34.67
C13 POV V . -18.87 33.79 -37.02
O13 POV V . -18.00 28.57 -34.88
C14 POV V . -16.69 34.54 -37.58
O14 POV V . -16.14 29.18 -36.39
C15 POV V . -17.37 34.51 -35.31
C21 POV V . -12.96 31.83 -32.50
O21 POV V . -12.97 30.55 -32.14
C22 POV V . -12.37 32.76 -31.45
O22 POV V . -13.38 32.23 -33.54
C23 POV V . -11.42 31.95 -30.57
C24 POV V . -11.25 32.66 -29.22
C25 POV V . -10.03 32.08 -28.50
C26 POV V . -10.44 31.59 -27.11
C31 POV V . -12.58 27.57 -30.57
O31 POV V . -13.53 27.91 -31.44
C32 POV V . -12.67 28.29 -29.23
O32 POV V . -11.74 26.77 -30.81
C33 POV V . -12.68 27.28 -28.09
C34 POV V . -12.81 28.04 -26.78
C35 POV V . -13.73 27.29 -25.83
C36 POV V . -13.51 27.79 -24.42
C37 POV V . -14.33 26.96 -23.44
C38 POV V . -13.37 26.28 -22.45
C39 POV V . -14.13 25.85 -21.20
C1 NAG W . -1.09 19.50 65.31
C2 NAG W . -2.25 19.38 66.30
C3 NAG W . -2.23 20.54 67.28
C4 NAG W . -0.87 20.66 67.95
C5 NAG W . 0.23 20.74 66.89
C6 NAG W . 1.62 20.72 67.49
C7 NAG W . -4.04 20.22 64.82
C8 NAG W . -5.38 19.92 64.24
N2 NAG W . -3.53 19.28 65.62
O3 NAG W . -3.24 20.35 68.27
O4 NAG W . -0.83 21.83 68.76
O5 NAG W . 0.15 19.61 66.02
O6 NAG W . 2.16 19.41 67.50
O7 NAG W . -3.45 21.28 64.58
#